data_2LAI
#
_entry.id   2LAI
#
_entity_poly.entity_id   1
_entity_poly.type   'polypeptide(L)'
_entity_poly.pdbx_seq_one_letter_code
;SFGLGKAQDPLDKFFSKIIFSGKPIETSYSAKGIHEKIIEAHDLHVSKSKNAPIQYASVMEYLKKTYPGPDIERIVSTLE
RHDEVGAKDLGAKLRDALDRQ
;
_entity_poly.pdbx_strand_id   A
#
# COMPACT_ATOMS: atom_id res chain seq x y z
N SER A 1 13.07 24.55 32.51
CA SER A 1 11.93 24.11 33.35
C SER A 1 11.16 22.98 32.66
N PHE A 2 10.63 22.07 33.48
CA PHE A 2 9.87 20.92 32.98
C PHE A 2 8.37 21.18 33.11
N GLY A 3 7.62 20.83 32.05
CA GLY A 3 6.18 21.01 32.05
C GLY A 3 5.46 19.92 31.30
N LEU A 4 4.22 19.64 31.71
CA LEU A 4 3.40 18.60 31.07
C LEU A 4 2.38 19.24 30.13
N GLY A 5 2.17 18.58 28.98
CA GLY A 5 1.22 19.07 27.99
C GLY A 5 1.90 19.83 26.85
N LYS A 6 3.14 19.45 26.54
CA LYS A 6 3.91 20.11 25.47
C LYS A 6 4.30 19.10 24.38
N ALA A 7 4.26 17.80 24.72
CA ALA A 7 4.61 16.74 23.78
C ALA A 7 3.38 16.23 23.02
N GLN A 8 3.62 15.73 21.80
CA GLN A 8 2.55 15.21 20.94
C GLN A 8 2.42 13.69 21.08
N ASP A 9 1.26 13.16 20.70
CA ASP A 9 0.98 11.72 20.77
C ASP A 9 1.46 10.99 19.49
N PRO A 10 1.69 9.64 19.54
CA PRO A 10 2.16 8.87 18.36
C PRO A 10 1.09 8.76 17.26
N LEU A 11 1.54 8.87 16.01
CA LEU A 11 0.64 8.78 14.85
C LEU A 11 0.69 7.40 14.22
N ASP A 12 -0.42 7.00 13.58
CA ASP A 12 -0.53 5.70 12.92
C ASP A 12 -0.20 5.79 11.42
N LYS A 13 0.38 6.95 11.01
CA LYS A 13 0.76 7.22 9.60
C LYS A 13 -0.45 7.26 8.67
N PHE A 14 -0.57 8.37 7.93
CA PHE A 14 -1.68 8.56 6.99
C PHE A 14 -1.23 8.39 5.53
N PHE A 15 0.08 8.17 5.33
CA PHE A 15 0.66 7.99 4.00
C PHE A 15 0.66 6.53 3.57
N SER A 16 0.29 6.28 2.31
CA SER A 16 0.22 4.94 1.75
C SER A 16 1.44 4.65 0.85
N LYS A 17 2.34 5.63 0.72
CA LYS A 17 3.54 5.50 -0.12
C LYS A 17 4.72 4.91 0.69
N ILE A 18 4.41 3.89 1.50
CA ILE A 18 5.41 3.22 2.34
C ILE A 18 5.99 1.99 1.63
N ILE A 19 5.24 1.47 0.64
CA ILE A 19 5.67 0.30 -0.17
C ILE A 19 6.95 0.60 -0.98
N PHE A 20 7.18 1.89 -1.26
CA PHE A 20 8.36 2.32 -2.03
C PHE A 20 9.35 3.06 -1.13
N SER A 21 9.36 2.70 0.17
CA SER A 21 10.25 3.32 1.16
C SER A 21 11.61 2.61 1.20
N GLY A 22 11.60 1.29 1.45
CA GLY A 22 12.83 0.52 1.50
C GLY A 22 12.98 -0.31 2.77
N LYS A 23 13.25 0.37 3.90
CA LYS A 23 13.44 -0.30 5.19
C LYS A 23 12.12 -0.61 5.92
N PRO A 24 11.14 0.36 6.05
CA PRO A 24 9.86 0.09 6.74
C PRO A 24 8.93 -0.81 5.92
N ILE A 25 8.70 -2.03 6.42
CA ILE A 25 7.83 -3.01 5.75
C ILE A 25 7.02 -3.85 6.77
N GLU A 26 7.13 -3.50 8.06
CA GLU A 26 6.42 -4.23 9.12
C GLU A 26 5.41 -3.32 9.83
N THR A 27 5.93 -2.30 10.53
CA THR A 27 5.14 -1.32 11.30
C THR A 27 3.88 -0.86 10.57
N SER A 28 4.11 -0.47 9.33
CA SER A 28 3.06 0.00 8.42
C SER A 28 2.05 -1.12 8.15
N TYR A 29 2.57 -2.30 7.80
CA TYR A 29 1.75 -3.49 7.53
C TYR A 29 1.45 -4.28 8.82
N SER A 30 1.66 -3.62 9.97
CA SER A 30 1.41 -4.23 11.29
C SER A 30 0.35 -3.44 12.05
N ALA A 31 0.10 -2.20 11.59
CA ALA A 31 -0.89 -1.31 12.20
C ALA A 31 -2.31 -1.64 11.72
N LYS A 32 -3.32 -1.10 12.45
CA LYS A 32 -4.73 -1.32 12.09
C LYS A 32 -5.19 -0.23 11.11
N GLY A 33 -5.59 -0.67 9.91
CA GLY A 33 -6.03 0.26 8.88
C GLY A 33 -4.88 0.72 7.99
N ILE A 34 -4.35 -0.20 7.20
CA ILE A 34 -3.24 0.08 6.29
C ILE A 34 -3.72 0.36 4.85
N HIS A 35 -4.86 -0.22 4.46
CA HIS A 35 -5.38 -0.03 3.10
C HIS A 35 -6.70 0.74 3.08
N GLU A 36 -7.51 0.59 4.12
CA GLU A 36 -8.81 1.28 4.19
C GLU A 36 -8.89 2.26 5.37
N LYS A 37 -7.84 3.07 5.56
CA LYS A 37 -7.81 4.08 6.63
C LYS A 37 -7.63 5.48 6.05
N ILE A 38 -7.13 5.56 4.80
CA ILE A 38 -6.88 6.83 4.11
C ILE A 38 -8.19 7.40 3.51
N ILE A 39 -9.28 6.62 3.59
CA ILE A 39 -10.58 7.04 3.05
C ILE A 39 -11.44 7.69 4.15
N GLU A 40 -11.14 7.37 5.42
CA GLU A 40 -11.87 7.92 6.57
C GLU A 40 -11.20 9.18 7.11
N ALA A 41 -9.86 9.20 7.03
CA ALA A 41 -9.05 10.33 7.50
C ALA A 41 -9.42 11.66 6.81
N HIS A 42 -9.90 11.54 5.56
CA HIS A 42 -10.32 12.72 4.79
C HIS A 42 -11.82 12.60 4.46
N ASP A 43 -12.19 11.48 3.80
CA ASP A 43 -13.58 11.17 3.38
C ASP A 43 -14.31 12.42 2.81
N LEU A 44 -14.22 12.57 1.48
CA LEU A 44 -14.86 13.68 0.77
C LEU A 44 -15.33 13.22 -0.61
N HIS A 45 -16.58 13.62 -0.98
CA HIS A 45 -17.20 13.28 -2.27
C HIS A 45 -17.44 11.76 -2.41
N VAL A 46 -18.38 11.40 -3.30
CA VAL A 46 -18.72 9.98 -3.56
C VAL A 46 -17.85 9.39 -4.67
N SER A 47 -17.13 8.30 -4.35
CA SER A 47 -16.23 7.59 -5.29
C SER A 47 -15.08 8.47 -5.77
N LYS A 48 -13.85 7.99 -5.57
CA LYS A 48 -12.65 8.72 -5.99
C LYS A 48 -12.05 8.16 -7.28
N SER A 49 -12.06 8.97 -8.33
CA SER A 49 -11.52 8.59 -9.65
C SER A 49 -10.65 9.70 -10.22
N LYS A 50 -9.44 9.33 -10.64
CA LYS A 50 -8.48 10.28 -11.21
C LYS A 50 -7.90 9.76 -12.53
N ASN A 51 -7.44 8.50 -12.53
CA ASN A 51 -6.85 7.88 -13.72
C ASN A 51 -7.50 6.52 -14.03
N ALA A 52 -8.31 6.01 -13.10
CA ALA A 52 -8.98 4.72 -13.26
C ALA A 52 -10.37 4.88 -13.92
N PRO A 53 -10.51 4.53 -15.23
CA PRO A 53 -11.80 4.65 -15.94
C PRO A 53 -12.73 3.45 -15.70
N ILE A 54 -14.02 3.65 -15.99
CA ILE A 54 -15.01 2.59 -15.82
C ILE A 54 -15.76 2.34 -17.15
N GLN A 55 -15.33 1.30 -17.86
CA GLN A 55 -15.94 0.94 -19.15
C GLN A 55 -16.15 -0.58 -19.24
N TYR A 56 -15.08 -1.35 -18.96
CA TYR A 56 -15.15 -2.82 -19.01
C TYR A 56 -14.37 -3.42 -17.83
N ALA A 57 -13.07 -3.14 -17.76
CA ALA A 57 -12.19 -3.65 -16.68
C ALA A 57 -11.08 -2.66 -16.37
N SER A 58 -10.75 -2.55 -15.08
CA SER A 58 -9.69 -1.66 -14.61
C SER A 58 -8.77 -2.37 -13.63
N VAL A 59 -7.50 -2.57 -14.05
CA VAL A 59 -6.50 -3.24 -13.22
C VAL A 59 -5.10 -2.63 -13.44
N MET A 60 -4.39 -2.39 -12.33
CA MET A 60 -3.05 -1.82 -12.38
C MET A 60 -2.11 -2.57 -11.43
N GLU A 61 -1.05 -3.15 -12.01
CA GLU A 61 -0.07 -3.92 -11.23
C GLU A 61 1.36 -3.52 -11.61
N TYR A 62 2.18 -3.25 -10.58
CA TYR A 62 3.58 -2.85 -10.77
C TYR A 62 4.50 -3.62 -9.82
N LEU A 63 3.91 -4.49 -8.99
CA LEU A 63 4.67 -5.30 -8.03
C LEU A 63 5.13 -6.64 -8.62
N LYS A 64 5.03 -6.77 -9.95
CA LYS A 64 5.42 -8.00 -10.66
C LYS A 64 6.34 -7.71 -11.85
N LYS A 65 6.53 -6.41 -12.17
CA LYS A 65 7.36 -6.01 -13.30
C LYS A 65 8.80 -5.67 -12.87
N THR A 66 8.92 -4.94 -11.75
CA THR A 66 10.24 -4.52 -11.23
C THR A 66 10.63 -5.32 -9.98
N TYR A 67 9.70 -6.14 -9.47
CA TYR A 67 9.95 -6.95 -8.27
C TYR A 67 10.40 -8.37 -8.65
N PRO A 68 11.40 -8.99 -7.93
CA PRO A 68 11.89 -10.34 -8.25
C PRO A 68 10.99 -11.47 -7.74
N GLY A 69 10.77 -11.51 -6.41
CA GLY A 69 9.93 -12.57 -5.82
C GLY A 69 9.80 -12.47 -4.30
N PRO A 70 10.93 -12.54 -3.51
CA PRO A 70 10.89 -12.47 -2.03
C PRO A 70 10.18 -11.22 -1.48
N ASP A 71 10.28 -10.11 -2.23
CA ASP A 71 9.65 -8.83 -1.84
C ASP A 71 8.12 -8.96 -1.82
N ILE A 72 7.56 -9.64 -2.83
CA ILE A 72 6.12 -9.87 -2.93
C ILE A 72 5.63 -10.87 -1.85
N GLU A 73 6.44 -11.91 -1.59
CA GLU A 73 6.13 -12.93 -0.56
C GLU A 73 6.15 -12.35 0.85
N ARG A 74 6.89 -11.24 1.01
CA ARG A 74 7.04 -10.56 2.30
C ARG A 74 5.80 -9.71 2.62
N ILE A 75 5.32 -8.95 1.62
CA ILE A 75 4.13 -8.09 1.78
C ILE A 75 2.87 -8.93 2.08
N VAL A 76 2.67 -10.00 1.30
CA VAL A 76 1.51 -10.91 1.47
C VAL A 76 1.48 -11.53 2.87
N SER A 77 2.61 -12.12 3.30
CA SER A 77 2.75 -12.74 4.63
C SER A 77 2.47 -11.76 5.78
N THR A 78 2.92 -10.50 5.64
CA THR A 78 2.73 -9.47 6.68
C THR A 78 1.26 -9.00 6.75
N LEU A 79 0.52 -9.12 5.63
CA LEU A 79 -0.90 -8.72 5.59
C LEU A 79 -1.82 -9.84 6.08
N GLU A 80 -1.48 -11.09 5.73
CA GLU A 80 -2.27 -12.26 6.12
C GLU A 80 -1.90 -12.74 7.54
N ARG A 81 -1.05 -11.96 8.22
CA ARG A 81 -0.61 -12.27 9.58
C ARG A 81 -1.58 -11.71 10.63
N HIS A 82 -2.05 -10.47 10.41
CA HIS A 82 -2.97 -9.80 11.33
C HIS A 82 -4.44 -10.06 10.96
N ASP A 83 -4.69 -10.34 9.66
CA ASP A 83 -6.04 -10.60 9.11
C ASP A 83 -6.87 -9.31 9.08
N GLU A 84 -6.56 -8.45 8.10
CA GLU A 84 -7.23 -7.17 7.91
C GLU A 84 -8.26 -7.26 6.80
N VAL A 85 -9.50 -6.80 7.08
CA VAL A 85 -10.60 -6.84 6.10
C VAL A 85 -10.51 -5.68 5.08
N GLY A 86 -9.68 -4.69 5.40
CA GLY A 86 -9.49 -3.54 4.51
C GLY A 86 -8.26 -3.69 3.63
N ALA A 87 -7.49 -4.74 3.92
CA ALA A 87 -6.25 -5.04 3.21
C ALA A 87 -6.21 -6.52 2.76
N LYS A 88 -7.30 -7.26 3.04
CA LYS A 88 -7.42 -8.69 2.67
C LYS A 88 -7.39 -8.87 1.14
N ASP A 89 -7.84 -7.83 0.41
CA ASP A 89 -7.87 -7.85 -1.05
C ASP A 89 -6.46 -7.65 -1.63
N LEU A 90 -5.71 -6.75 -0.99
CA LEU A 90 -4.33 -6.44 -1.39
C LEU A 90 -3.41 -7.68 -1.23
N GLY A 91 -3.32 -8.18 0.01
CA GLY A 91 -2.50 -9.35 0.32
C GLY A 91 -2.87 -10.61 -0.46
N ALA A 92 -4.15 -11.03 -0.36
CA ALA A 92 -4.63 -12.25 -1.05
C ALA A 92 -4.41 -12.23 -2.56
N LYS A 93 -4.66 -11.08 -3.21
CA LYS A 93 -4.47 -10.93 -4.66
C LYS A 93 -3.01 -11.06 -5.04
N LEU A 94 -2.12 -10.46 -4.22
CA LEU A 94 -0.68 -10.56 -4.45
C LEU A 94 -0.17 -11.98 -4.17
N ARG A 95 -0.87 -12.72 -3.27
CA ARG A 95 -0.51 -14.10 -2.97
C ARG A 95 -1.35 -15.09 -3.80
N ASP A 96 -2.16 -14.55 -4.75
CA ASP A 96 -3.02 -15.38 -5.60
C ASP A 96 -2.26 -15.90 -6.84
N ALA A 97 -1.00 -15.49 -6.98
CA ALA A 97 -0.17 -15.91 -8.12
C ALA A 97 0.63 -17.19 -7.78
N LEU A 98 0.57 -17.59 -6.51
CA LEU A 98 1.27 -18.79 -6.04
C LEU A 98 0.29 -19.95 -5.85
N ASP A 99 -0.92 -19.62 -5.36
CA ASP A 99 -1.96 -20.63 -5.11
C ASP A 99 -2.80 -20.87 -6.37
N ARG A 100 -3.17 -19.79 -7.07
CA ARG A 100 -3.96 -19.87 -8.30
C ARG A 100 -3.11 -19.60 -9.53
N GLN A 101 -3.21 -20.49 -10.52
CA GLN A 101 -2.45 -20.37 -11.76
C GLN A 101 -3.40 -20.36 -12.96
N SER A 1 -1.74 28.12 -22.13
CA SER A 1 -1.38 29.54 -22.46
C SER A 1 -2.31 30.52 -21.73
N PHE A 2 -3.61 30.20 -21.71
CA PHE A 2 -4.61 31.04 -21.05
C PHE A 2 -5.46 30.22 -20.08
N GLY A 3 -5.51 30.69 -18.83
CA GLY A 3 -6.28 30.01 -17.79
C GLY A 3 -5.41 29.09 -16.94
N LEU A 4 -4.78 28.09 -17.60
CA LEU A 4 -3.90 27.09 -16.94
C LEU A 4 -4.67 26.23 -15.93
N GLY A 5 -4.63 24.91 -16.14
CA GLY A 5 -5.32 23.97 -15.27
C GLY A 5 -4.76 22.57 -15.35
N LYS A 6 -3.56 22.37 -14.77
CA LYS A 6 -2.84 21.08 -14.75
C LYS A 6 -2.50 20.58 -16.16
N ALA A 7 -1.26 20.08 -16.30
CA ALA A 7 -0.76 19.57 -17.58
C ALA A 7 -0.94 18.04 -17.68
N GLN A 8 -1.26 17.40 -16.55
CA GLN A 8 -1.45 15.96 -16.49
C GLN A 8 -2.73 15.61 -15.75
N ASP A 9 -3.55 14.76 -16.39
CA ASP A 9 -4.83 14.34 -15.80
C ASP A 9 -4.88 12.82 -15.53
N PRO A 10 -4.42 11.92 -16.48
CA PRO A 10 -4.44 10.46 -16.25
C PRO A 10 -3.32 9.98 -15.32
N LEU A 11 -2.15 10.62 -15.42
CA LEU A 11 -1.00 10.26 -14.59
C LEU A 11 -0.86 11.21 -13.40
N ASP A 12 -0.67 10.62 -12.22
CA ASP A 12 -0.53 11.39 -10.97
C ASP A 12 0.76 11.00 -10.22
N LYS A 13 1.74 10.46 -10.98
CA LYS A 13 3.05 10.02 -10.44
C LYS A 13 2.90 8.87 -9.44
N PHE A 14 3.59 7.75 -9.74
CA PHE A 14 3.55 6.56 -8.89
C PHE A 14 4.95 6.22 -8.37
N PHE A 15 5.85 7.23 -8.35
CA PHE A 15 7.22 7.05 -7.88
C PHE A 15 7.33 7.15 -6.35
N SER A 16 6.48 7.97 -5.73
CA SER A 16 6.48 8.14 -4.28
C SER A 16 5.50 7.18 -3.61
N LYS A 17 6.07 6.14 -2.96
CA LYS A 17 5.27 5.12 -2.26
C LYS A 17 5.93 4.78 -0.92
N ILE A 18 5.25 3.93 -0.12
CA ILE A 18 5.76 3.52 1.20
C ILE A 18 6.78 2.37 1.07
N ILE A 19 6.59 1.53 0.05
CA ILE A 19 7.50 0.40 -0.21
C ILE A 19 8.90 0.91 -0.63
N PHE A 20 9.93 0.49 0.13
CA PHE A 20 11.34 0.91 -0.10
C PHE A 20 11.50 2.44 0.06
N SER A 21 10.67 3.01 0.96
CA SER A 21 10.67 4.45 1.24
C SER A 21 11.81 4.85 2.19
N GLY A 22 12.06 4.01 3.21
CA GLY A 22 13.11 4.28 4.18
C GLY A 22 12.90 3.51 5.46
N LYS A 23 11.63 3.36 5.87
CA LYS A 23 11.27 2.64 7.09
C LYS A 23 11.02 1.15 6.77
N PRO A 24 11.07 0.22 7.79
CA PRO A 24 10.85 -1.23 7.56
C PRO A 24 9.49 -1.54 6.92
N ILE A 25 9.46 -2.60 6.12
CA ILE A 25 8.24 -3.04 5.42
C ILE A 25 7.41 -4.02 6.31
N GLU A 26 7.55 -3.87 7.63
CA GLU A 26 6.87 -4.71 8.60
C GLU A 26 5.95 -3.88 9.50
N THR A 27 6.52 -2.84 10.14
CA THR A 27 5.78 -1.95 11.07
C THR A 27 4.56 -1.31 10.41
N SER A 28 4.79 -0.59 9.29
CA SER A 28 3.70 0.08 8.55
C SER A 28 2.65 -0.93 8.08
N TYR A 29 3.11 -1.94 7.32
CA TYR A 29 2.25 -3.02 6.81
C TYR A 29 1.57 -3.86 7.91
N SER A 30 2.00 -3.69 9.17
CA SER A 30 1.41 -4.43 10.30
C SER A 30 0.20 -3.68 10.89
N ALA A 31 0.32 -2.35 10.98
CA ALA A 31 -0.75 -1.49 11.52
C ALA A 31 -2.04 -1.56 10.70
N LYS A 32 -3.17 -1.31 11.37
CA LYS A 32 -4.50 -1.34 10.74
C LYS A 32 -4.79 -0.02 10.03
N GLY A 33 -5.24 -0.11 8.78
CA GLY A 33 -5.57 1.07 7.99
C GLY A 33 -4.51 1.37 6.93
N ILE A 34 -3.83 0.32 6.47
CA ILE A 34 -2.79 0.45 5.45
C ILE A 34 -3.37 0.27 4.02
N HIS A 35 -4.56 -0.36 3.94
CA HIS A 35 -5.26 -0.61 2.67
C HIS A 35 -5.50 0.68 1.85
N GLU A 36 -5.65 1.81 2.55
CA GLU A 36 -5.87 3.12 1.92
C GLU A 36 -4.55 3.87 1.71
N LYS A 37 -3.55 3.51 2.56
CA LYS A 37 -2.20 4.11 2.51
C LYS A 37 -1.47 3.85 1.18
N ILE A 38 -2.09 3.04 0.30
CA ILE A 38 -1.55 2.72 -1.02
C ILE A 38 -1.89 3.86 -2.01
N ILE A 39 -2.88 4.68 -1.64
CA ILE A 39 -3.33 5.82 -2.46
C ILE A 39 -2.52 7.08 -2.10
N GLU A 40 -1.59 6.95 -1.14
CA GLU A 40 -0.72 8.05 -0.69
C GLU A 40 0.25 8.50 -1.79
N ALA A 41 0.43 7.63 -2.78
CA ALA A 41 1.32 7.88 -3.93
C ALA A 41 0.80 9.01 -4.83
N HIS A 42 -0.51 9.31 -4.69
CA HIS A 42 -1.15 10.37 -5.48
C HIS A 42 -1.15 11.70 -4.70
N ASP A 43 -1.15 11.59 -3.37
CA ASP A 43 -1.15 12.76 -2.49
C ASP A 43 0.26 13.09 -2.03
N LEU A 44 0.65 14.38 -2.17
CA LEU A 44 1.99 14.89 -1.80
C LEU A 44 3.11 14.26 -2.64
N HIS A 45 4.17 15.04 -2.88
CA HIS A 45 5.31 14.58 -3.68
C HIS A 45 6.61 14.81 -2.92
N VAL A 46 7.25 13.71 -2.49
CA VAL A 46 8.52 13.77 -1.76
C VAL A 46 9.37 12.53 -2.08
N SER A 47 10.68 12.77 -2.36
CA SER A 47 11.66 11.71 -2.68
C SER A 47 11.31 10.95 -3.96
N LYS A 48 12.35 10.49 -4.67
CA LYS A 48 12.18 9.75 -5.92
C LYS A 48 12.53 8.27 -5.74
N SER A 49 11.59 7.39 -6.10
CA SER A 49 11.78 5.95 -5.99
C SER A 49 11.44 5.25 -7.30
N LYS A 50 11.99 4.03 -7.49
CA LYS A 50 11.76 3.24 -8.70
C LYS A 50 10.53 2.34 -8.55
N ASN A 51 9.59 2.47 -9.48
CA ASN A 51 8.36 1.68 -9.47
C ASN A 51 8.10 1.07 -10.85
N ALA A 52 7.19 0.08 -10.90
CA ALA A 52 6.83 -0.59 -12.15
C ALA A 52 5.73 0.15 -12.92
N PRO A 53 5.99 0.55 -14.21
CA PRO A 53 5.00 1.27 -15.03
C PRO A 53 3.91 0.35 -15.60
N ILE A 54 2.86 0.96 -16.17
CA ILE A 54 1.74 0.21 -16.75
C ILE A 54 1.98 -0.06 -18.25
N GLN A 55 1.72 -1.31 -18.66
CA GLN A 55 1.90 -1.74 -20.05
C GLN A 55 0.62 -2.38 -20.61
N TYR A 56 -0.09 -3.10 -19.75
CA TYR A 56 -1.33 -3.78 -20.12
C TYR A 56 -2.55 -2.85 -19.95
N ALA A 57 -3.69 -3.26 -20.52
CA ALA A 57 -4.94 -2.49 -20.44
C ALA A 57 -5.61 -2.62 -19.07
N SER A 58 -5.55 -3.83 -18.49
CA SER A 58 -6.14 -4.10 -17.18
C SER A 58 -5.09 -4.00 -16.08
N VAL A 59 -5.36 -3.13 -15.10
CA VAL A 59 -4.44 -2.92 -13.98
C VAL A 59 -4.92 -3.68 -12.72
N MET A 60 -4.11 -4.65 -12.29
CA MET A 60 -4.40 -5.46 -11.10
C MET A 60 -3.14 -5.74 -10.30
N GLU A 61 -2.07 -6.15 -11.00
CA GLU A 61 -0.78 -6.45 -10.38
C GLU A 61 0.34 -5.70 -11.08
N TYR A 62 1.24 -5.10 -10.28
CA TYR A 62 2.38 -4.34 -10.80
C TYR A 62 3.71 -4.79 -10.18
N LEU A 63 3.62 -5.71 -9.20
CA LEU A 63 4.81 -6.23 -8.50
C LEU A 63 5.40 -7.46 -9.20
N LYS A 64 4.86 -7.79 -10.39
CA LYS A 64 5.33 -8.94 -11.16
C LYS A 64 6.31 -8.51 -12.26
N LYS A 65 7.29 -9.39 -12.56
CA LYS A 65 8.33 -9.17 -13.59
C LYS A 65 9.35 -8.08 -13.20
N THR A 66 8.89 -7.05 -12.48
CA THR A 66 9.75 -5.94 -12.05
C THR A 66 10.43 -6.24 -10.71
N TYR A 67 9.75 -7.00 -9.84
CA TYR A 67 10.27 -7.36 -8.52
C TYR A 67 11.10 -8.66 -8.60
N PRO A 68 12.03 -8.92 -7.62
CA PRO A 68 12.87 -10.13 -7.62
C PRO A 68 12.16 -11.39 -7.14
N GLY A 69 11.40 -11.28 -6.03
CA GLY A 69 10.68 -12.42 -5.48
C GLY A 69 10.47 -12.35 -3.97
N PRO A 70 11.56 -12.27 -3.13
CA PRO A 70 11.44 -12.21 -1.65
C PRO A 70 10.64 -11.00 -1.15
N ASP A 71 10.47 -9.99 -2.01
CA ASP A 71 9.71 -8.78 -1.66
C ASP A 71 8.21 -9.01 -1.74
N ILE A 72 7.77 -9.77 -2.77
CA ILE A 72 6.36 -10.13 -2.97
C ILE A 72 5.87 -11.09 -1.86
N GLU A 73 6.79 -11.96 -1.39
CA GLU A 73 6.49 -12.93 -0.33
C GLU A 73 6.27 -12.22 1.01
N ARG A 74 7.23 -11.35 1.37
CA ARG A 74 7.17 -10.55 2.60
C ARG A 74 5.84 -9.78 2.74
N ILE A 75 5.38 -9.16 1.65
CA ILE A 75 4.11 -8.38 1.66
C ILE A 75 2.89 -9.29 1.95
N VAL A 76 2.70 -10.33 1.11
CA VAL A 76 1.56 -11.27 1.26
C VAL A 76 1.52 -11.90 2.66
N SER A 77 2.69 -12.35 3.16
CA SER A 77 2.81 -12.97 4.49
C SER A 77 2.48 -11.98 5.63
N THR A 78 2.74 -10.68 5.41
CA THR A 78 2.46 -9.65 6.43
C THR A 78 0.95 -9.38 6.57
N LEU A 79 0.22 -9.47 5.44
CA LEU A 79 -1.23 -9.27 5.44
C LEU A 79 -1.97 -10.48 6.04
N GLU A 80 -1.35 -11.66 5.89
CA GLU A 80 -1.90 -12.91 6.44
C GLU A 80 -1.38 -13.13 7.87
N ARG A 81 -0.89 -12.05 8.49
CA ARG A 81 -0.34 -12.08 9.84
C ARG A 81 -1.24 -11.34 10.83
N HIS A 82 -1.79 -10.20 10.41
CA HIS A 82 -2.66 -9.38 11.24
C HIS A 82 -4.13 -9.82 11.15
N ASP A 83 -4.59 -10.13 9.91
CA ASP A 83 -5.97 -10.58 9.63
C ASP A 83 -6.99 -9.46 9.78
N GLU A 84 -7.08 -8.64 8.74
CA GLU A 84 -8.04 -7.52 8.70
C GLU A 84 -8.87 -7.57 7.42
N VAL A 85 -10.18 -7.27 7.55
CA VAL A 85 -11.11 -7.28 6.41
C VAL A 85 -10.91 -6.06 5.48
N GLY A 86 -10.17 -5.06 5.97
CA GLY A 86 -9.90 -3.85 5.21
C GLY A 86 -8.81 -4.00 4.16
N ALA A 87 -7.86 -4.91 4.42
CA ALA A 87 -6.73 -5.15 3.52
C ALA A 87 -6.65 -6.62 3.08
N LYS A 88 -7.60 -7.45 3.54
CA LYS A 88 -7.66 -8.89 3.19
C LYS A 88 -7.76 -9.12 1.67
N ASP A 89 -8.30 -8.11 0.96
CA ASP A 89 -8.48 -8.18 -0.50
C ASP A 89 -7.17 -7.83 -1.22
N LEU A 90 -6.39 -6.93 -0.60
CA LEU A 90 -5.10 -6.49 -1.15
C LEU A 90 -4.08 -7.65 -1.09
N GLY A 91 -3.85 -8.18 0.12
CA GLY A 91 -2.92 -9.29 0.32
C GLY A 91 -3.29 -10.55 -0.43
N ALA A 92 -4.57 -10.98 -0.34
CA ALA A 92 -5.04 -12.20 -1.03
C ALA A 92 -4.84 -12.12 -2.55
N LYS A 93 -5.13 -10.96 -3.15
CA LYS A 93 -4.96 -10.76 -4.59
C LYS A 93 -3.49 -10.85 -5.01
N LEU A 94 -2.58 -10.38 -4.13
CA LEU A 94 -1.15 -10.43 -4.38
C LEU A 94 -0.60 -11.86 -4.25
N ARG A 95 -1.23 -12.67 -3.37
CA ARG A 95 -0.81 -14.06 -3.16
C ARG A 95 -1.52 -15.00 -4.15
N ASP A 96 -2.64 -14.53 -4.72
CA ASP A 96 -3.42 -15.31 -5.70
C ASP A 96 -2.93 -15.05 -7.14
N ALA A 97 -1.68 -14.58 -7.27
CA ALA A 97 -1.07 -14.29 -8.56
C ALA A 97 -0.54 -15.56 -9.25
N LEU A 98 -0.55 -16.67 -8.52
CA LEU A 98 -0.08 -17.96 -9.04
C LEU A 98 -1.27 -18.79 -9.53
N ASP A 99 -2.31 -18.91 -8.70
CA ASP A 99 -3.51 -19.67 -9.05
C ASP A 99 -4.74 -18.76 -9.03
N ARG A 100 -5.27 -18.47 -10.23
CA ARG A 100 -6.44 -17.61 -10.38
C ARG A 100 -7.40 -18.17 -11.43
N GLN A 101 -6.84 -18.61 -12.57
CA GLN A 101 -7.63 -19.17 -13.67
C GLN A 101 -7.58 -20.70 -13.63
N SER A 1 -1.85 1.94 41.79
CA SER A 1 -2.57 2.03 43.09
C SER A 1 -1.90 3.04 44.03
N PHE A 2 -0.56 3.02 44.07
CA PHE A 2 0.21 3.93 44.91
C PHE A 2 0.75 5.12 44.11
N GLY A 3 1.27 4.84 42.91
CA GLY A 3 1.81 5.88 42.05
C GLY A 3 2.08 5.40 40.64
N LEU A 4 2.95 6.13 39.92
CA LEU A 4 3.34 5.84 38.52
C LEU A 4 2.21 6.11 37.52
N GLY A 5 1.02 5.55 37.79
CA GLY A 5 -0.12 5.75 36.92
C GLY A 5 -0.43 4.53 36.08
N LYS A 6 -0.72 4.75 34.79
CA LYS A 6 -1.03 3.68 33.85
C LYS A 6 0.07 3.51 32.81
N ALA A 7 0.20 2.29 32.28
CA ALA A 7 1.22 1.98 31.28
C ALA A 7 0.65 2.08 29.85
N GLN A 8 -0.45 2.84 29.70
CA GLN A 8 -1.11 3.04 28.41
C GLN A 8 -0.52 4.24 27.66
N ASP A 9 -0.66 4.25 26.34
CA ASP A 9 -0.16 5.32 25.49
C ASP A 9 -1.22 6.43 25.30
N PRO A 10 -0.83 7.75 25.24
CA PRO A 10 -1.79 8.86 25.05
C PRO A 10 -2.41 8.90 23.65
N LEU A 11 -1.59 8.60 22.63
CA LEU A 11 -2.04 8.60 21.25
C LEU A 11 -1.64 7.31 20.54
N ASP A 12 -2.63 6.61 19.99
CA ASP A 12 -2.41 5.35 19.28
C ASP A 12 -3.26 5.28 18.00
N LYS A 13 -2.85 4.40 17.06
CA LYS A 13 -3.54 4.20 15.76
C LYS A 13 -3.47 5.45 14.87
N PHE A 14 -3.98 5.34 13.63
CA PHE A 14 -4.00 6.43 12.63
C PHE A 14 -2.59 6.78 12.14
N PHE A 15 -2.21 6.15 11.03
CA PHE A 15 -0.90 6.36 10.42
C PHE A 15 -1.05 6.81 8.96
N SER A 16 0.07 6.82 8.20
CA SER A 16 0.05 7.22 6.79
C SER A 16 0.21 6.00 5.88
N LYS A 17 -0.26 6.14 4.62
CA LYS A 17 -0.18 5.05 3.63
C LYS A 17 1.16 5.10 2.88
N ILE A 18 1.97 4.05 3.06
CA ILE A 18 3.28 3.96 2.41
C ILE A 18 3.65 2.48 2.13
N ILE A 19 4.61 2.27 1.25
CA ILE A 19 5.08 0.92 0.88
C ILE A 19 6.52 0.66 1.37
N PHE A 20 7.37 1.70 1.30
CA PHE A 20 8.77 1.57 1.70
C PHE A 20 8.99 1.92 3.18
N SER A 21 8.32 3.00 3.64
CA SER A 21 8.40 3.49 5.04
C SER A 21 9.88 3.76 5.47
N GLY A 22 10.72 4.06 4.49
CA GLY A 22 12.13 4.33 4.75
C GLY A 22 13.01 3.14 4.47
N LYS A 23 12.93 2.12 5.34
CA LYS A 23 13.72 0.90 5.20
C LYS A 23 12.91 -0.36 5.54
N PRO A 24 12.13 -0.40 6.68
CA PRO A 24 11.34 -1.59 7.07
C PRO A 24 10.08 -1.79 6.22
N ILE A 25 9.61 -3.05 6.18
CA ILE A 25 8.41 -3.44 5.43
C ILE A 25 7.38 -4.09 6.38
N GLU A 26 7.85 -4.53 7.55
CA GLU A 26 7.00 -5.18 8.56
C GLU A 26 6.10 -4.17 9.30
N THR A 27 6.73 -3.13 9.86
CA THR A 27 6.04 -2.07 10.64
C THR A 27 4.81 -1.50 9.91
N SER A 28 4.99 -1.15 8.63
CA SER A 28 3.92 -0.60 7.79
C SER A 28 2.67 -1.50 7.77
N TYR A 29 2.84 -2.75 7.33
CA TYR A 29 1.73 -3.73 7.29
C TYR A 29 1.38 -4.25 8.70
N SER A 30 2.17 -3.83 9.69
CA SER A 30 1.94 -4.22 11.10
C SER A 30 0.81 -3.40 11.72
N ALA A 31 0.74 -2.11 11.34
CA ALA A 31 -0.30 -1.20 11.83
C ALA A 31 -1.70 -1.64 11.39
N LYS A 32 -2.73 -1.10 12.08
CA LYS A 32 -4.12 -1.43 11.77
C LYS A 32 -4.73 -0.37 10.85
N GLY A 33 -4.76 -0.70 9.55
CA GLY A 33 -5.31 0.22 8.55
C GLY A 33 -4.34 0.53 7.43
N ILE A 34 -3.92 -0.51 6.71
CA ILE A 34 -3.01 -0.37 5.57
C ILE A 34 -3.78 -0.06 4.27
N HIS A 35 -5.00 -0.58 4.16
CA HIS A 35 -5.85 -0.37 2.98
C HIS A 35 -7.18 0.28 3.41
N GLU A 36 -7.69 -0.17 4.56
CA GLU A 36 -8.95 0.33 5.12
C GLU A 36 -8.71 1.58 5.99
N LYS A 37 -7.63 2.31 5.68
CA LYS A 37 -7.26 3.54 6.41
C LYS A 37 -8.15 4.72 6.02
N ILE A 38 -8.65 4.70 4.76
CA ILE A 38 -9.52 5.77 4.25
C ILE A 38 -10.99 5.61 4.76
N ILE A 39 -11.23 4.57 5.57
CA ILE A 39 -12.55 4.30 6.15
C ILE A 39 -12.45 4.01 7.66
N GLU A 40 -11.21 3.95 8.17
CA GLU A 40 -10.96 3.67 9.60
C GLU A 40 -10.94 4.94 10.45
N ALA A 41 -10.37 6.03 9.88
CA ALA A 41 -10.27 7.31 10.59
C ALA A 41 -11.60 8.10 10.56
N HIS A 42 -12.61 7.53 9.89
CA HIS A 42 -13.92 8.16 9.78
C HIS A 42 -15.02 7.29 10.40
N ASP A 43 -14.67 6.03 10.71
CA ASP A 43 -15.62 5.08 11.30
C ASP A 43 -15.52 5.06 12.83
N LEU A 44 -14.34 5.42 13.36
CA LEU A 44 -14.10 5.45 14.81
C LEU A 44 -14.44 6.81 15.41
N HIS A 45 -15.10 6.80 16.57
CA HIS A 45 -15.50 8.02 17.26
C HIS A 45 -14.67 8.22 18.54
N VAL A 46 -14.05 9.39 18.65
CA VAL A 46 -13.22 9.73 19.80
C VAL A 46 -13.47 11.20 20.24
N SER A 47 -13.22 11.47 21.53
CA SER A 47 -13.41 12.81 22.09
C SER A 47 -12.11 13.62 22.03
N LYS A 48 -12.25 14.93 21.78
CA LYS A 48 -11.11 15.87 21.68
C LYS A 48 -10.18 15.50 20.51
N SER A 49 -10.11 16.39 19.52
CA SER A 49 -9.28 16.18 18.33
C SER A 49 -8.43 17.41 18.03
N LYS A 50 -7.26 17.18 17.42
CA LYS A 50 -6.34 18.26 17.06
C LYS A 50 -6.16 18.34 15.55
N ASN A 51 -5.74 19.51 15.07
CA ASN A 51 -5.53 19.76 13.64
C ASN A 51 -4.12 19.35 13.18
N ALA A 52 -3.33 18.81 14.11
CA ALA A 52 -1.96 18.39 13.81
C ALA A 52 -1.89 16.91 13.37
N PRO A 53 -2.51 15.92 14.12
CA PRO A 53 -2.46 14.49 13.73
C PRO A 53 -3.18 14.20 12.39
N ILE A 54 -2.91 13.00 11.83
CA ILE A 54 -3.49 12.54 10.54
C ILE A 54 -3.00 13.41 9.38
N GLN A 55 -2.47 12.74 8.35
CA GLN A 55 -1.96 13.42 7.16
C GLN A 55 -2.54 12.80 5.89
N TYR A 56 -2.74 13.63 4.86
CA TYR A 56 -3.29 13.17 3.58
C TYR A 56 -2.16 12.99 2.55
N ALA A 57 -1.95 11.73 2.14
CA ALA A 57 -0.91 11.39 1.17
C ALA A 57 -1.42 10.32 0.20
N SER A 58 -1.24 10.58 -1.10
CA SER A 58 -1.66 9.65 -2.16
C SER A 58 -0.54 9.44 -3.18
N VAL A 59 -0.01 8.21 -3.20
CA VAL A 59 1.07 7.84 -4.13
C VAL A 59 0.73 6.53 -4.85
N MET A 60 1.22 6.40 -6.09
CA MET A 60 0.98 5.21 -6.91
C MET A 60 2.21 4.32 -6.88
N GLU A 61 1.99 3.01 -6.67
CA GLU A 61 3.08 2.04 -6.62
C GLU A 61 2.79 0.81 -7.50
N TYR A 62 3.87 0.21 -8.01
CA TYR A 62 3.78 -0.97 -8.86
C TYR A 62 4.71 -2.07 -8.34
N LEU A 63 4.13 -3.26 -8.11
CA LEU A 63 4.91 -4.40 -7.57
C LEU A 63 5.08 -5.50 -8.63
N LYS A 64 6.02 -5.27 -9.57
CA LYS A 64 6.31 -6.24 -10.64
C LYS A 64 7.71 -6.05 -11.23
N LYS A 65 8.05 -4.80 -11.58
CA LYS A 65 9.35 -4.47 -12.18
C LYS A 65 10.37 -4.03 -11.13
N THR A 66 9.95 -3.18 -10.19
CA THR A 66 10.84 -2.66 -9.14
C THR A 66 10.94 -3.64 -7.95
N TYR A 67 10.24 -4.78 -8.06
CA TYR A 67 10.24 -5.81 -7.02
C TYR A 67 10.58 -7.18 -7.60
N PRO A 68 11.65 -7.88 -7.09
CA PRO A 68 12.07 -9.21 -7.61
C PRO A 68 11.12 -10.35 -7.22
N GLY A 69 10.79 -10.45 -5.92
CA GLY A 69 9.91 -11.52 -5.45
C GLY A 69 9.78 -11.57 -3.93
N PRO A 70 10.90 -11.80 -3.15
CA PRO A 70 10.86 -11.88 -1.67
C PRO A 70 10.24 -10.65 -1.00
N ASP A 71 10.41 -9.48 -1.63
CA ASP A 71 9.87 -8.22 -1.11
C ASP A 71 8.33 -8.17 -1.23
N ILE A 72 7.78 -9.00 -2.11
CA ILE A 72 6.33 -9.10 -2.31
C ILE A 72 5.78 -10.25 -1.46
N GLU A 73 6.63 -11.26 -1.20
CA GLU A 73 6.27 -12.43 -0.39
C GLU A 73 5.98 -12.02 1.05
N ARG A 74 6.74 -11.04 1.54
CA ARG A 74 6.59 -10.49 2.89
C ARG A 74 5.39 -9.55 2.97
N ILE A 75 4.84 -9.19 1.78
CA ILE A 75 3.69 -8.28 1.69
C ILE A 75 2.39 -9.09 1.87
N VAL A 76 2.34 -10.28 1.24
CA VAL A 76 1.16 -11.16 1.32
C VAL A 76 1.04 -11.80 2.71
N SER A 77 2.20 -12.17 3.29
CA SER A 77 2.24 -12.79 4.61
C SER A 77 1.93 -11.76 5.71
N THR A 78 2.74 -10.70 5.82
CA THR A 78 2.54 -9.63 6.81
C THR A 78 1.15 -8.96 6.70
N LEU A 79 0.52 -8.99 5.51
CA LEU A 79 -0.81 -8.40 5.32
C LEU A 79 -1.91 -9.26 5.95
N GLU A 80 -1.87 -10.58 5.68
CA GLU A 80 -2.88 -11.50 6.23
C GLU A 80 -2.37 -12.19 7.50
N ARG A 81 -1.26 -11.66 8.06
CA ARG A 81 -0.68 -12.19 9.30
C ARG A 81 -1.53 -11.75 10.49
N HIS A 82 -1.94 -10.47 10.47
CA HIS A 82 -2.81 -9.94 11.52
C HIS A 82 -4.28 -10.18 11.11
N ASP A 83 -5.02 -9.10 10.81
CA ASP A 83 -6.41 -9.18 10.37
C ASP A 83 -6.56 -8.52 9.00
N GLU A 84 -6.85 -7.19 9.03
CA GLU A 84 -7.02 -6.34 7.82
C GLU A 84 -8.09 -6.92 6.88
N VAL A 85 -9.34 -6.49 7.10
CA VAL A 85 -10.49 -6.97 6.32
C VAL A 85 -10.66 -6.17 5.01
N GLY A 86 -10.02 -5.00 4.92
CA GLY A 86 -10.12 -4.18 3.72
C GLY A 86 -8.97 -4.48 2.78
N ALA A 87 -7.81 -4.84 3.38
CA ALA A 87 -6.60 -5.20 2.64
C ALA A 87 -6.58 -6.70 2.32
N LYS A 88 -7.40 -7.49 3.04
CA LYS A 88 -7.50 -8.94 2.86
C LYS A 88 -7.72 -9.36 1.39
N ASP A 89 -8.37 -8.48 0.61
CA ASP A 89 -8.65 -8.76 -0.80
C ASP A 89 -7.41 -8.52 -1.66
N LEU A 90 -6.71 -7.41 -1.38
CA LEU A 90 -5.48 -7.04 -2.09
C LEU A 90 -4.40 -8.13 -1.88
N GLY A 91 -3.95 -8.27 -0.62
CA GLY A 91 -2.97 -9.28 -0.25
C GLY A 91 -3.31 -10.69 -0.72
N ALA A 92 -4.61 -11.04 -0.76
CA ALA A 92 -5.04 -12.36 -1.23
C ALA A 92 -4.80 -12.56 -2.72
N LYS A 93 -4.93 -11.48 -3.51
CA LYS A 93 -4.68 -11.54 -4.95
C LYS A 93 -3.20 -11.80 -5.24
N LEU A 94 -2.32 -11.00 -4.61
CA LEU A 94 -0.86 -11.18 -4.74
C LEU A 94 -0.41 -12.55 -4.22
N ARG A 95 -1.16 -13.10 -3.25
CA ARG A 95 -0.85 -14.41 -2.68
C ARG A 95 -1.39 -15.54 -3.59
N ASP A 96 -2.57 -15.31 -4.18
CA ASP A 96 -3.21 -16.28 -5.09
C ASP A 96 -2.59 -16.24 -6.50
N ALA A 97 -1.59 -15.37 -6.70
CA ALA A 97 -0.91 -15.23 -8.00
C ALA A 97 0.19 -16.29 -8.19
N LEU A 98 0.46 -17.06 -7.14
CA LEU A 98 1.48 -18.11 -7.17
C LEU A 98 0.82 -19.49 -7.31
N ASP A 99 -0.24 -19.71 -6.53
CA ASP A 99 -0.99 -20.98 -6.56
C ASP A 99 -2.22 -20.86 -7.44
N ARG A 100 -2.58 -21.97 -8.10
CA ARG A 100 -3.74 -22.02 -8.99
C ARG A 100 -4.77 -23.04 -8.49
N GLN A 101 -4.30 -24.22 -8.06
CA GLN A 101 -5.17 -25.28 -7.57
C GLN A 101 -5.20 -25.29 -6.04
N SER A 1 -0.17 31.33 2.94
CA SER A 1 0.58 31.30 4.23
C SER A 1 0.30 32.56 5.04
N PHE A 2 -0.02 32.36 6.33
CA PHE A 2 -0.33 33.46 7.24
C PHE A 2 0.52 33.36 8.50
N GLY A 3 1.30 34.42 8.78
CA GLY A 3 2.15 34.46 9.95
C GLY A 3 3.56 33.98 9.67
N LEU A 4 3.91 32.82 10.21
CA LEU A 4 5.24 32.22 10.02
C LEU A 4 5.14 30.85 9.34
N GLY A 5 4.14 30.06 9.75
CA GLY A 5 3.94 28.74 9.18
C GLY A 5 3.25 27.79 10.15
N LYS A 6 3.26 26.48 9.81
CA LYS A 6 2.64 25.41 10.63
C LYS A 6 1.15 25.67 10.94
N ALA A 7 0.48 26.39 10.03
CA ALA A 7 -0.94 26.72 10.18
C ALA A 7 -1.84 25.68 9.52
N GLN A 8 -1.23 24.79 8.73
CA GLN A 8 -1.95 23.74 8.03
C GLN A 8 -1.82 22.40 8.78
N ASP A 9 -2.48 21.34 8.24
CA ASP A 9 -2.45 20.00 8.86
C ASP A 9 -1.05 19.37 8.76
N PRO A 10 -0.71 18.36 9.63
CA PRO A 10 0.62 17.70 9.60
C PRO A 10 0.87 16.90 8.33
N LEU A 11 1.78 17.42 7.48
CA LEU A 11 2.15 16.78 6.21
C LEU A 11 3.63 17.02 5.92
N ASP A 12 4.35 15.94 5.65
CA ASP A 12 5.79 16.01 5.35
C ASP A 12 6.13 15.27 4.05
N LYS A 13 5.55 14.08 3.88
CA LYS A 13 5.79 13.26 2.70
C LYS A 13 4.52 13.13 1.86
N PHE A 14 4.69 13.22 0.54
CA PHE A 14 3.56 13.12 -0.41
C PHE A 14 3.50 11.73 -1.04
N PHE A 15 4.58 10.94 -0.87
CA PHE A 15 4.64 9.58 -1.42
C PHE A 15 4.33 8.55 -0.35
N SER A 16 3.42 7.62 -0.67
CA SER A 16 3.02 6.56 0.26
C SER A 16 3.81 5.26 -0.02
N LYS A 17 5.05 5.41 -0.49
CA LYS A 17 5.92 4.26 -0.80
C LYS A 17 6.64 3.78 0.47
N ILE A 18 6.52 2.49 0.76
CA ILE A 18 7.13 1.90 1.97
C ILE A 18 8.30 0.99 1.61
N ILE A 19 8.21 0.27 0.48
CA ILE A 19 9.28 -0.64 0.03
C ILE A 19 10.57 0.15 -0.30
N PHE A 20 10.40 1.41 -0.73
CA PHE A 20 11.52 2.29 -1.06
C PHE A 20 11.95 3.13 0.15
N SER A 21 11.39 2.81 1.33
CA SER A 21 11.70 3.51 2.58
C SER A 21 12.93 2.91 3.26
N GLY A 22 13.42 3.57 4.32
CA GLY A 22 14.59 3.09 5.06
C GLY A 22 14.25 2.01 6.08
N LYS A 23 13.04 1.46 6.00
CA LYS A 23 12.58 0.40 6.91
C LYS A 23 11.82 -0.69 6.14
N PRO A 24 11.71 -1.96 6.69
CA PRO A 24 10.98 -3.06 6.01
C PRO A 24 9.46 -2.89 6.07
N ILE A 25 8.74 -3.65 5.24
CA ILE A 25 7.27 -3.61 5.18
C ILE A 25 6.65 -4.57 6.20
N GLU A 26 6.91 -4.30 7.48
CA GLU A 26 6.40 -5.12 8.58
C GLU A 26 5.53 -4.30 9.53
N THR A 27 6.09 -3.20 10.06
CA THR A 27 5.42 -2.32 11.02
C THR A 27 4.18 -1.62 10.44
N SER A 28 4.38 -0.83 9.35
CA SER A 28 3.29 -0.09 8.70
C SER A 28 2.10 -1.00 8.33
N TYR A 29 2.36 -1.99 7.45
CA TYR A 29 1.35 -2.96 7.02
C TYR A 29 0.63 -3.63 8.20
N SER A 30 1.34 -3.85 9.32
CA SER A 30 0.74 -4.46 10.51
C SER A 30 -0.32 -3.57 11.15
N ALA A 31 -0.10 -2.24 11.05
CA ALA A 31 -1.02 -1.22 11.59
C ALA A 31 -2.45 -1.36 11.03
N LYS A 32 -3.37 -0.55 11.56
CA LYS A 32 -4.78 -0.58 11.13
C LYS A 32 -5.07 0.52 10.10
N GLY A 33 -5.48 0.11 8.91
CA GLY A 33 -5.80 1.05 7.84
C GLY A 33 -4.66 1.25 6.86
N ILE A 34 -4.11 0.13 6.35
CA ILE A 34 -3.00 0.17 5.39
C ILE A 34 -3.53 0.33 3.94
N HIS A 35 -4.61 -0.39 3.60
CA HIS A 35 -5.22 -0.34 2.27
C HIS A 35 -6.15 0.90 2.11
N GLU A 36 -5.69 2.05 2.59
CA GLU A 36 -6.45 3.30 2.49
C GLU A 36 -5.49 4.48 2.21
N LYS A 37 -4.74 4.90 3.23
CA LYS A 37 -3.76 6.00 3.13
C LYS A 37 -2.58 5.66 2.17
N ILE A 38 -2.63 4.48 1.55
CA ILE A 38 -1.58 4.04 0.61
C ILE A 38 -1.86 4.55 -0.82
N ILE A 39 -3.14 4.55 -1.23
CA ILE A 39 -3.54 5.00 -2.57
C ILE A 39 -4.20 6.39 -2.54
N GLU A 40 -4.04 7.10 -1.41
CA GLU A 40 -4.62 8.44 -1.23
C GLU A 40 -3.63 9.53 -1.62
N ALA A 41 -2.33 9.28 -1.36
CA ALA A 41 -1.27 10.25 -1.68
C ALA A 41 -0.81 10.16 -3.14
N HIS A 42 -0.93 8.95 -3.73
CA HIS A 42 -0.55 8.71 -5.13
C HIS A 42 -1.69 9.05 -6.09
N ASP A 43 -2.87 9.36 -5.53
CA ASP A 43 -4.06 9.70 -6.32
C ASP A 43 -4.08 11.20 -6.73
N LEU A 44 -2.99 11.92 -6.43
CA LEU A 44 -2.89 13.34 -6.75
C LEU A 44 -2.11 13.56 -8.05
N HIS A 45 -0.85 13.06 -8.08
CA HIS A 45 0.06 13.17 -9.24
C HIS A 45 0.27 14.64 -9.66
N VAL A 46 1.49 15.15 -9.44
CA VAL A 46 1.84 16.53 -9.79
C VAL A 46 3.27 16.63 -10.35
N SER A 47 4.21 15.94 -9.70
CA SER A 47 5.61 15.95 -10.12
C SER A 47 5.91 14.80 -11.08
N LYS A 48 6.88 15.02 -11.99
CA LYS A 48 7.28 14.01 -12.98
C LYS A 48 8.46 13.16 -12.49
N SER A 49 9.13 13.61 -11.42
CA SER A 49 10.28 12.89 -10.86
C SER A 49 9.83 11.94 -9.74
N LYS A 50 9.88 10.64 -10.05
CA LYS A 50 9.48 9.59 -9.10
C LYS A 50 10.43 8.40 -9.16
N ASN A 51 10.46 7.59 -8.07
CA ASN A 51 11.32 6.38 -7.96
C ASN A 51 12.82 6.74 -7.96
N ALA A 52 13.66 5.79 -7.53
CA ALA A 52 15.11 5.97 -7.48
C ALA A 52 15.77 5.68 -8.83
N PRO A 53 16.91 6.36 -9.17
CA PRO A 53 17.61 6.15 -10.46
C PRO A 53 18.12 4.71 -10.65
N ILE A 54 17.88 4.19 -11.85
CA ILE A 54 18.29 2.81 -12.21
C ILE A 54 18.80 2.75 -13.65
N GLN A 55 19.60 1.71 -13.94
CA GLN A 55 20.17 1.50 -15.28
C GLN A 55 19.26 0.62 -16.16
N TYR A 56 18.16 0.14 -15.57
CA TYR A 56 17.20 -0.72 -16.29
C TYR A 56 16.07 0.11 -16.89
N ALA A 57 15.49 -0.41 -17.99
CA ALA A 57 14.40 0.27 -18.69
C ALA A 57 13.04 -0.23 -18.19
N SER A 58 12.14 0.73 -17.96
CA SER A 58 10.78 0.42 -17.47
C SER A 58 9.73 1.14 -18.30
N VAL A 59 8.56 0.51 -18.43
CA VAL A 59 7.44 1.06 -19.20
C VAL A 59 6.22 1.29 -18.29
N MET A 60 5.94 0.33 -17.41
CA MET A 60 4.82 0.41 -16.48
C MET A 60 5.30 0.25 -15.04
N GLU A 61 4.45 0.60 -14.07
CA GLU A 61 4.79 0.51 -12.64
C GLU A 61 4.68 -0.95 -12.14
N TYR A 62 3.52 -1.31 -11.53
CA TYR A 62 3.26 -2.68 -10.99
C TYR A 62 4.35 -3.15 -10.01
N LEU A 63 4.11 -4.31 -9.38
CA LEU A 63 5.06 -4.89 -8.41
C LEU A 63 6.00 -5.90 -9.09
N LYS A 64 6.34 -5.62 -10.37
CA LYS A 64 7.22 -6.51 -11.15
C LYS A 64 8.32 -5.71 -11.89
N LYS A 65 8.37 -4.39 -11.68
CA LYS A 65 9.36 -3.52 -12.33
C LYS A 65 10.74 -3.60 -11.66
N THR A 66 10.76 -3.48 -10.33
CA THR A 66 12.00 -3.53 -9.56
C THR A 66 11.90 -4.55 -8.42
N TYR A 67 10.83 -5.36 -8.44
CA TYR A 67 10.58 -6.38 -7.42
C TYR A 67 11.07 -7.76 -7.91
N PRO A 68 12.23 -8.28 -7.38
CA PRO A 68 12.77 -9.60 -7.78
C PRO A 68 11.92 -10.78 -7.29
N GLY A 69 11.33 -10.64 -6.09
CA GLY A 69 10.51 -11.71 -5.54
C GLY A 69 10.39 -11.63 -4.01
N PRO A 70 11.52 -11.64 -3.22
CA PRO A 70 11.48 -11.55 -1.75
C PRO A 70 10.73 -10.33 -1.20
N ASP A 71 10.62 -9.28 -2.03
CA ASP A 71 9.93 -8.04 -1.65
C ASP A 71 8.41 -8.24 -1.68
N ILE A 72 7.92 -8.98 -2.68
CA ILE A 72 6.48 -9.28 -2.82
C ILE A 72 6.06 -10.39 -1.83
N GLU A 73 7.01 -11.30 -1.53
CA GLU A 73 6.76 -12.42 -0.60
C GLU A 73 6.45 -11.88 0.80
N ARG A 74 7.33 -11.02 1.31
CA ARG A 74 7.14 -10.37 2.62
C ARG A 74 5.80 -9.62 2.72
N ILE A 75 5.27 -9.15 1.57
CA ILE A 75 4.01 -8.40 1.54
C ILE A 75 2.81 -9.32 1.83
N VAL A 76 2.74 -10.45 1.11
CA VAL A 76 1.63 -11.41 1.30
C VAL A 76 1.58 -11.97 2.74
N SER A 77 2.77 -12.25 3.31
CA SER A 77 2.88 -12.78 4.68
C SER A 77 2.71 -11.69 5.76
N THR A 78 2.87 -10.42 5.38
CA THR A 78 2.73 -9.30 6.33
C THR A 78 1.26 -8.86 6.45
N LEU A 79 0.47 -9.03 5.37
CA LEU A 79 -0.95 -8.68 5.37
C LEU A 79 -1.79 -9.78 6.05
N GLU A 80 -1.51 -11.04 5.69
CA GLU A 80 -2.19 -12.21 6.28
C GLU A 80 -1.58 -12.56 7.65
N ARG A 81 -0.76 -11.64 8.18
CA ARG A 81 -0.08 -11.80 9.47
C ARG A 81 -1.01 -11.50 10.66
N HIS A 82 -1.77 -10.40 10.59
CA HIS A 82 -2.66 -10.02 11.69
C HIS A 82 -4.14 -10.17 11.29
N ASP A 83 -4.41 -10.36 9.98
CA ASP A 83 -5.76 -10.56 9.42
C ASP A 83 -6.59 -9.26 9.48
N GLU A 84 -6.32 -8.37 8.52
CA GLU A 84 -7.03 -7.10 8.41
C GLU A 84 -8.11 -7.17 7.34
N VAL A 85 -9.33 -6.73 7.70
CA VAL A 85 -10.49 -6.74 6.81
C VAL A 85 -10.48 -5.57 5.81
N GLY A 86 -9.52 -4.66 5.99
CA GLY A 86 -9.41 -3.50 5.10
C GLY A 86 -8.44 -3.74 3.96
N ALA A 87 -7.53 -4.71 4.15
CA ALA A 87 -6.53 -5.06 3.15
C ALA A 87 -6.53 -6.55 2.83
N LYS A 88 -7.49 -7.30 3.40
CA LYS A 88 -7.63 -8.76 3.17
C LYS A 88 -7.71 -9.10 1.66
N ASP A 89 -8.34 -8.19 0.89
CA ASP A 89 -8.48 -8.37 -0.57
C ASP A 89 -7.16 -8.11 -1.30
N LEU A 90 -6.38 -7.15 -0.79
CA LEU A 90 -5.08 -6.79 -1.37
C LEU A 90 -4.06 -7.93 -1.18
N GLY A 91 -3.80 -8.27 0.09
CA GLY A 91 -2.87 -9.35 0.44
C GLY A 91 -3.20 -10.68 -0.21
N ALA A 92 -4.43 -11.18 0.02
CA ALA A 92 -4.89 -12.47 -0.54
C ALA A 92 -4.77 -12.54 -2.06
N LYS A 93 -5.14 -11.46 -2.77
CA LYS A 93 -5.03 -11.43 -4.23
C LYS A 93 -3.57 -11.55 -4.68
N LEU A 94 -2.66 -10.86 -3.97
CA LEU A 94 -1.23 -10.94 -4.26
C LEU A 94 -0.69 -12.37 -4.14
N ARG A 95 -1.25 -13.16 -3.21
CA ARG A 95 -0.84 -14.56 -3.03
C ARG A 95 -1.76 -15.51 -3.83
N ASP A 96 -2.66 -14.93 -4.65
CA ASP A 96 -3.60 -15.70 -5.46
C ASP A 96 -3.23 -15.66 -6.94
N ALA A 97 -1.97 -15.27 -7.23
CA ALA A 97 -1.47 -15.18 -8.61
C ALA A 97 -1.00 -16.54 -9.14
N LEU A 98 -1.00 -17.55 -8.26
CA LEU A 98 -0.58 -18.90 -8.63
C LEU A 98 -1.81 -19.79 -8.92
N ASP A 99 -2.81 -19.72 -8.03
CA ASP A 99 -4.04 -20.50 -8.17
C ASP A 99 -5.11 -19.73 -8.95
N ARG A 100 -5.77 -20.42 -9.89
CA ARG A 100 -6.81 -19.81 -10.72
C ARG A 100 -8.18 -20.41 -10.39
N GLN A 101 -9.25 -19.60 -10.59
CA GLN A 101 -10.65 -20.00 -10.33
C GLN A 101 -10.90 -20.31 -8.84
N SER A 1 14.39 29.62 17.83
CA SER A 1 13.35 28.94 17.01
C SER A 1 11.96 29.15 17.62
N PHE A 2 11.02 29.55 16.77
CA PHE A 2 9.64 29.81 17.19
C PHE A 2 8.66 28.84 16.51
N GLY A 3 8.87 28.61 15.21
CA GLY A 3 8.01 27.72 14.44
C GLY A 3 7.59 28.31 13.11
N LEU A 4 8.17 27.78 12.03
CA LEU A 4 7.86 28.25 10.67
C LEU A 4 6.89 27.30 9.98
N GLY A 5 5.72 27.83 9.60
CA GLY A 5 4.70 27.03 8.94
C GLY A 5 3.68 26.47 9.91
N LYS A 6 3.97 25.28 10.44
CA LYS A 6 3.08 24.61 11.39
C LYS A 6 3.79 24.38 12.73
N ALA A 7 3.13 24.76 13.82
CA ALA A 7 3.68 24.61 15.17
C ALA A 7 3.18 23.34 15.85
N GLN A 8 2.15 22.72 15.26
CA GLN A 8 1.56 21.49 15.80
C GLN A 8 1.39 20.45 14.68
N ASP A 9 1.99 19.27 14.89
CA ASP A 9 1.92 18.19 13.91
C ASP A 9 1.56 16.86 14.60
N PRO A 10 0.31 16.33 14.45
CA PRO A 10 -0.12 15.06 15.06
C PRO A 10 0.59 13.84 14.47
N LEU A 11 0.90 13.89 13.17
CA LEU A 11 1.58 12.80 12.48
C LEU A 11 3.07 13.11 12.32
N ASP A 12 3.91 12.14 12.70
CA ASP A 12 5.36 12.29 12.61
C ASP A 12 5.96 11.21 11.68
N LYS A 13 5.17 10.17 11.39
CA LYS A 13 5.60 9.08 10.52
C LYS A 13 4.74 9.01 9.26
N PHE A 14 5.21 8.24 8.25
CA PHE A 14 4.52 8.04 6.96
C PHE A 14 4.47 9.33 6.14
N PHE A 15 5.47 9.50 5.27
CA PHE A 15 5.57 10.66 4.40
C PHE A 15 5.84 10.24 2.95
N SER A 16 6.71 9.24 2.78
CA SER A 16 7.07 8.71 1.45
C SER A 16 6.56 7.27 1.29
N LYS A 17 6.81 6.69 0.10
CA LYS A 17 6.39 5.32 -0.20
C LYS A 17 7.23 4.29 0.56
N ILE A 18 6.66 3.09 0.75
CA ILE A 18 7.35 2.00 1.48
C ILE A 18 8.28 1.22 0.53
N ILE A 19 8.84 0.08 1.03
CA ILE A 19 9.78 -0.78 0.26
C ILE A 19 11.17 -0.13 0.18
N PHE A 20 11.21 1.14 -0.19
CA PHE A 20 12.48 1.89 -0.33
C PHE A 20 12.55 3.01 0.73
N SER A 21 11.90 2.79 1.88
CA SER A 21 11.88 3.76 2.98
C SER A 21 13.08 3.56 3.92
N GLY A 22 13.42 2.29 4.19
CA GLY A 22 14.52 1.96 5.07
C GLY A 22 14.46 0.52 5.56
N LYS A 23 14.02 -0.38 4.66
CA LYS A 23 13.87 -1.83 4.93
C LYS A 23 13.02 -2.12 6.20
N PRO A 24 11.82 -1.47 6.36
CA PRO A 24 10.95 -1.70 7.53
C PRO A 24 9.98 -2.88 7.32
N ILE A 25 9.09 -2.75 6.30
CA ILE A 25 8.09 -3.75 5.92
C ILE A 25 7.29 -4.34 7.11
N GLU A 26 7.29 -3.65 8.25
CA GLU A 26 6.59 -4.11 9.45
C GLU A 26 5.50 -3.11 9.91
N THR A 27 5.93 -2.02 10.58
CA THR A 27 5.04 -0.98 11.13
C THR A 27 3.89 -0.61 10.19
N SER A 28 4.25 -0.38 8.92
CA SER A 28 3.27 -0.03 7.88
C SER A 28 2.25 -1.16 7.69
N TYR A 29 2.76 -2.39 7.48
CA TYR A 29 1.91 -3.58 7.32
C TYR A 29 1.57 -4.23 8.68
N SER A 30 1.75 -3.45 9.76
CA SER A 30 1.47 -3.92 11.12
C SER A 30 0.39 -3.05 11.78
N ALA A 31 0.14 -1.87 11.20
CA ALA A 31 -0.86 -0.93 11.71
C ALA A 31 -2.19 -1.09 10.97
N LYS A 32 -3.29 -0.71 11.64
CA LYS A 32 -4.64 -0.81 11.06
C LYS A 32 -4.91 0.35 10.09
N GLY A 33 -5.46 0.01 8.91
CA GLY A 33 -5.76 1.00 7.89
C GLY A 33 -4.66 1.15 6.86
N ILE A 34 -3.98 0.03 6.57
CA ILE A 34 -2.88 0.00 5.60
C ILE A 34 -3.36 -0.28 4.16
N HIS A 35 -4.54 -0.92 4.02
CA HIS A 35 -5.12 -1.27 2.71
C HIS A 35 -5.13 -0.09 1.70
N GLU A 36 -5.37 1.12 2.20
CA GLU A 36 -5.41 2.33 1.37
C GLU A 36 -4.18 3.21 1.61
N LYS A 37 -3.66 3.17 2.85
CA LYS A 37 -2.49 3.96 3.28
C LYS A 37 -1.24 3.76 2.38
N ILE A 38 -1.28 2.77 1.49
CA ILE A 38 -0.17 2.49 0.55
C ILE A 38 -0.25 3.40 -0.68
N ILE A 39 -1.50 3.67 -1.13
CA ILE A 39 -1.74 4.52 -2.30
C ILE A 39 -1.94 6.00 -1.90
N GLU A 40 -2.57 6.23 -0.74
CA GLU A 40 -2.84 7.57 -0.24
C GLU A 40 -1.71 8.03 0.69
N ALA A 41 -1.75 7.58 1.97
CA ALA A 41 -0.75 7.90 3.01
C ALA A 41 -0.72 9.38 3.41
N HIS A 42 -0.96 10.28 2.45
CA HIS A 42 -0.96 11.72 2.70
C HIS A 42 -2.17 12.42 2.09
N ASP A 43 -2.51 12.02 0.86
CA ASP A 43 -3.64 12.59 0.10
C ASP A 43 -4.98 12.42 0.85
N LEU A 44 -5.94 13.30 0.53
CA LEU A 44 -7.26 13.27 1.15
C LEU A 44 -8.25 12.44 0.33
N HIS A 45 -9.36 12.03 0.96
CA HIS A 45 -10.39 11.23 0.30
C HIS A 45 -11.41 12.13 -0.42
N VAL A 46 -11.44 12.01 -1.75
CA VAL A 46 -12.37 12.79 -2.58
C VAL A 46 -12.97 11.94 -3.70
N SER A 47 -12.14 11.06 -4.28
CA SER A 47 -12.57 10.17 -5.37
C SER A 47 -12.57 8.71 -4.91
N LYS A 48 -13.77 8.13 -4.81
CA LYS A 48 -13.95 6.73 -4.38
C LYS A 48 -15.01 6.03 -5.22
N SER A 49 -14.86 4.72 -5.37
CA SER A 49 -15.81 3.91 -6.15
C SER A 49 -16.41 2.81 -5.29
N LYS A 50 -17.75 2.80 -5.22
CA LYS A 50 -18.49 1.80 -4.43
C LYS A 50 -19.06 0.71 -5.33
N ASN A 51 -19.62 1.13 -6.48
CA ASN A 51 -20.21 0.20 -7.45
C ASN A 51 -19.39 0.16 -8.74
N ALA A 52 -19.06 -1.05 -9.20
CA ALA A 52 -18.28 -1.24 -10.41
C ALA A 52 -19.18 -1.47 -11.64
N PRO A 53 -19.19 -0.51 -12.61
CA PRO A 53 -20.04 -0.63 -13.82
C PRO A 53 -19.42 -1.54 -14.90
N ILE A 54 -18.09 -1.44 -15.09
CA ILE A 54 -17.37 -2.23 -16.10
C ILE A 54 -15.99 -2.69 -15.59
N GLN A 55 -15.57 -2.18 -14.44
CA GLN A 55 -14.27 -2.53 -13.85
C GLN A 55 -14.39 -3.73 -12.90
N TYR A 56 -13.78 -4.85 -13.31
CA TYR A 56 -13.79 -6.08 -12.52
C TYR A 56 -12.42 -6.73 -12.54
N ALA A 57 -11.81 -6.89 -11.33
CA ALA A 57 -10.47 -7.50 -11.16
C ALA A 57 -9.38 -6.74 -11.93
N SER A 58 -8.44 -6.16 -11.18
CA SER A 58 -7.33 -5.40 -11.77
C SER A 58 -6.00 -5.86 -11.21
N VAL A 59 -4.96 -5.83 -12.05
CA VAL A 59 -3.62 -6.24 -11.65
C VAL A 59 -2.70 -5.01 -11.52
N MET A 60 -1.72 -5.09 -10.61
CA MET A 60 -0.78 -4.00 -10.37
C MET A 60 0.53 -4.22 -11.14
N GLU A 61 0.93 -3.19 -11.92
CA GLU A 61 2.15 -3.25 -12.72
C GLU A 61 3.31 -2.54 -12.00
N TYR A 62 3.20 -2.42 -10.67
CA TYR A 62 4.23 -1.77 -9.85
C TYR A 62 4.91 -2.78 -8.93
N LEU A 63 4.11 -3.65 -8.29
CA LEU A 63 4.64 -4.66 -7.37
C LEU A 63 4.69 -6.04 -8.02
N LYS A 64 3.63 -6.38 -8.77
CA LYS A 64 3.56 -7.68 -9.44
C LYS A 64 4.12 -7.60 -10.85
N LYS A 65 4.83 -8.67 -11.27
CA LYS A 65 5.47 -8.79 -12.61
C LYS A 65 6.67 -7.85 -12.79
N THR A 66 6.60 -6.65 -12.20
CA THR A 66 7.67 -5.66 -12.32
C THR A 66 8.60 -5.71 -11.10
N TYR A 67 8.13 -6.33 -10.01
CA TYR A 67 8.91 -6.47 -8.77
C TYR A 67 8.84 -7.91 -8.21
N PRO A 68 9.11 -8.97 -9.04
CA PRO A 68 9.06 -10.37 -8.57
C PRO A 68 10.28 -10.75 -7.72
N GLY A 69 10.04 -10.96 -6.43
CA GLY A 69 11.12 -11.33 -5.52
C GLY A 69 10.65 -11.69 -4.12
N PRO A 70 11.57 -11.65 -3.10
CA PRO A 70 11.24 -12.00 -1.70
C PRO A 70 10.35 -10.94 -1.03
N ASP A 71 10.56 -9.67 -1.40
CA ASP A 71 9.77 -8.54 -0.85
C ASP A 71 8.27 -8.73 -1.07
N ILE A 72 7.92 -9.42 -2.17
CA ILE A 72 6.53 -9.74 -2.50
C ILE A 72 5.96 -10.73 -1.47
N GLU A 73 6.76 -11.76 -1.14
CA GLU A 73 6.38 -12.79 -0.15
C GLU A 73 6.34 -12.20 1.27
N ARG A 74 7.00 -11.04 1.42
CA ARG A 74 7.08 -10.34 2.72
C ARG A 74 5.79 -9.56 2.97
N ILE A 75 5.33 -8.80 1.96
CA ILE A 75 4.09 -8.00 2.05
C ILE A 75 2.87 -8.91 2.33
N VAL A 76 2.73 -9.97 1.53
CA VAL A 76 1.62 -10.94 1.66
C VAL A 76 1.60 -11.58 3.07
N SER A 77 2.75 -12.12 3.49
CA SER A 77 2.91 -12.76 4.81
C SER A 77 2.60 -11.82 5.99
N THR A 78 3.03 -10.54 5.86
CA THR A 78 2.79 -9.54 6.92
C THR A 78 1.31 -9.11 6.99
N LEU A 79 0.57 -9.26 5.88
CA LEU A 79 -0.85 -8.90 5.83
C LEU A 79 -1.73 -10.06 6.32
N GLU A 80 -1.26 -11.31 6.10
CA GLU A 80 -1.98 -12.51 6.53
C GLU A 80 -1.66 -12.86 7.99
N ARG A 81 -0.89 -11.98 8.64
CA ARG A 81 -0.49 -12.13 10.03
C ARG A 81 -1.40 -11.32 10.96
N HIS A 82 -1.81 -10.15 10.47
CA HIS A 82 -2.68 -9.23 11.21
C HIS A 82 -4.16 -9.59 11.01
N ASP A 83 -4.50 -10.11 9.80
CA ASP A 83 -5.88 -10.51 9.43
C ASP A 83 -6.81 -9.29 9.33
N GLU A 84 -6.57 -8.48 8.30
CA GLU A 84 -7.36 -7.26 8.04
C GLU A 84 -8.46 -7.55 7.02
N VAL A 85 -9.67 -7.04 7.29
CA VAL A 85 -10.82 -7.25 6.41
C VAL A 85 -10.77 -6.40 5.13
N GLY A 86 -10.50 -5.10 5.29
CA GLY A 86 -10.41 -4.20 4.13
C GLY A 86 -9.11 -4.34 3.35
N ALA A 87 -8.23 -5.20 3.86
CA ALA A 87 -6.94 -5.46 3.24
C ALA A 87 -6.77 -6.95 2.90
N LYS A 88 -7.76 -7.78 3.31
CA LYS A 88 -7.74 -9.23 3.04
C LYS A 88 -7.76 -9.51 1.52
N ASP A 89 -8.51 -8.68 0.77
CA ASP A 89 -8.64 -8.81 -0.69
C ASP A 89 -7.36 -8.34 -1.39
N LEU A 90 -6.75 -7.26 -0.86
CA LEU A 90 -5.52 -6.69 -1.43
C LEU A 90 -4.33 -7.66 -1.26
N GLY A 91 -4.09 -8.08 0.00
CA GLY A 91 -3.02 -9.02 0.32
C GLY A 91 -3.12 -10.33 -0.44
N ALA A 92 -4.36 -10.86 -0.56
CA ALA A 92 -4.61 -12.11 -1.29
C ALA A 92 -4.22 -12.02 -2.77
N LYS A 93 -4.54 -10.87 -3.40
CA LYS A 93 -4.20 -10.64 -4.82
C LYS A 93 -2.69 -10.65 -5.05
N LEU A 94 -1.94 -10.10 -4.07
CA LEU A 94 -0.47 -10.09 -4.14
C LEU A 94 0.07 -11.53 -4.03
N ARG A 95 -0.65 -12.37 -3.26
CA ARG A 95 -0.29 -13.78 -3.10
C ARG A 95 -1.10 -14.66 -4.07
N ASP A 96 -1.76 -14.02 -5.04
CA ASP A 96 -2.57 -14.71 -6.05
C ASP A 96 -1.86 -14.73 -7.41
N ALA A 97 -0.54 -14.99 -7.38
CA ALA A 97 0.28 -15.05 -8.59
C ALA A 97 0.12 -16.37 -9.34
N LEU A 98 -0.64 -17.30 -8.72
CA LEU A 98 -0.92 -18.62 -9.31
C LEU A 98 -2.27 -18.61 -10.01
N ASP A 99 -3.28 -18.00 -9.34
CA ASP A 99 -4.66 -17.88 -9.85
C ASP A 99 -5.29 -19.27 -10.18
N ARG A 100 -6.57 -19.26 -10.59
CA ARG A 100 -7.29 -20.50 -10.93
C ARG A 100 -6.99 -20.94 -12.36
N GLN A 101 -6.61 -22.20 -12.52
CA GLN A 101 -6.28 -22.77 -13.82
C GLN A 101 -7.02 -24.09 -14.04
N SER A 1 -2.68 20.31 21.41
CA SER A 1 -1.45 21.08 21.08
C SER A 1 -0.22 20.19 21.07
N PHE A 2 -0.12 19.30 22.08
CA PHE A 2 1.01 18.34 22.26
C PHE A 2 2.30 19.05 22.70
N GLY A 3 2.69 20.11 21.98
CA GLY A 3 3.90 20.86 22.30
C GLY A 3 4.84 20.98 21.12
N LEU A 4 4.30 21.41 19.98
CA LEU A 4 5.08 21.59 18.75
C LEU A 4 5.04 23.04 18.28
N GLY A 5 3.83 23.61 18.24
CA GLY A 5 3.65 24.99 17.81
C GLY A 5 3.29 25.10 16.33
N LYS A 6 2.26 24.36 15.92
CA LYS A 6 1.81 24.36 14.52
C LYS A 6 0.53 25.17 14.36
N ALA A 7 0.49 25.99 13.30
CA ALA A 7 -0.68 26.84 13.01
C ALA A 7 -1.29 26.52 11.64
N GLN A 8 -0.64 25.59 10.91
CA GLN A 8 -1.12 25.20 9.57
C GLN A 8 -2.07 24.00 9.66
N ASP A 9 -3.11 24.03 8.82
CA ASP A 9 -4.11 22.96 8.79
C ASP A 9 -3.96 22.07 7.54
N PRO A 10 -3.79 22.64 6.30
CA PRO A 10 -3.65 21.83 5.06
C PRO A 10 -2.27 21.17 4.94
N LEU A 11 -2.25 19.96 4.35
CA LEU A 11 -1.02 19.21 4.16
C LEU A 11 -0.52 19.36 2.73
N ASP A 12 0.80 19.28 2.55
CA ASP A 12 1.42 19.43 1.22
C ASP A 12 1.87 18.07 0.66
N LYS A 13 0.97 17.45 -0.14
CA LYS A 13 1.21 16.14 -0.80
C LYS A 13 1.61 15.04 0.20
N PHE A 14 2.93 14.91 0.43
CA PHE A 14 3.56 13.92 1.34
C PHE A 14 3.52 12.50 0.77
N PHE A 15 2.35 12.10 0.22
CA PHE A 15 2.13 10.76 -0.38
C PHE A 15 2.41 9.61 0.59
N SER A 16 1.81 8.45 0.32
CA SER A 16 1.99 7.26 1.15
C SER A 16 2.80 6.19 0.40
N LYS A 17 4.11 6.19 0.66
CA LYS A 17 5.03 5.23 0.03
C LYS A 17 6.08 4.75 1.04
N ILE A 18 5.86 3.53 1.55
CA ILE A 18 6.77 2.93 2.54
C ILE A 18 7.27 1.55 2.06
N ILE A 19 6.76 1.13 0.89
CA ILE A 19 7.14 -0.17 0.29
C ILE A 19 8.57 -0.11 -0.30
N PHE A 20 8.90 1.01 -0.95
CA PHE A 20 10.23 1.21 -1.53
C PHE A 20 10.90 2.47 -0.97
N SER A 21 10.95 2.56 0.36
CA SER A 21 11.56 3.69 1.06
C SER A 21 13.03 3.42 1.38
N GLY A 22 13.33 2.21 1.87
CA GLY A 22 14.69 1.86 2.21
C GLY A 22 14.78 0.58 3.02
N LYS A 23 14.21 0.59 4.23
CA LYS A 23 14.23 -0.56 5.13
C LYS A 23 12.83 -0.92 5.68
N PRO A 24 12.00 0.07 6.17
CA PRO A 24 10.65 -0.23 6.73
C PRO A 24 9.70 -0.86 5.71
N ILE A 25 9.24 -2.07 6.03
CA ILE A 25 8.30 -2.84 5.17
C ILE A 25 7.39 -3.75 6.04
N GLU A 26 7.43 -3.55 7.37
CA GLU A 26 6.65 -4.35 8.30
C GLU A 26 5.70 -3.46 9.13
N THR A 27 6.26 -2.47 9.84
CA THR A 27 5.52 -1.53 10.71
C THR A 27 4.28 -0.95 10.01
N SER A 28 4.47 -0.50 8.76
CA SER A 28 3.40 0.09 7.95
C SER A 28 2.27 -0.93 7.71
N TYR A 29 2.65 -2.12 7.20
CA TYR A 29 1.70 -3.21 6.93
C TYR A 29 1.34 -3.98 8.21
N SER A 30 1.83 -3.50 9.36
CA SER A 30 1.56 -4.14 10.66
C SER A 30 0.31 -3.54 11.31
N ALA A 31 0.23 -2.19 11.34
CA ALA A 31 -0.92 -1.48 11.92
C ALA A 31 -2.25 -1.87 11.26
N LYS A 32 -3.36 -1.60 11.97
CA LYS A 32 -4.70 -1.92 11.47
C LYS A 32 -5.30 -0.73 10.71
N GLY A 33 -5.08 -0.72 9.39
CA GLY A 33 -5.58 0.35 8.53
C GLY A 33 -4.58 0.74 7.47
N ILE A 34 -4.03 -0.27 6.78
CA ILE A 34 -3.03 -0.06 5.72
C ILE A 34 -3.70 0.06 4.34
N HIS A 35 -4.85 -0.60 4.14
CA HIS A 35 -5.56 -0.56 2.85
C HIS A 35 -6.50 0.66 2.76
N GLU A 36 -6.81 1.28 3.91
CA GLU A 36 -7.69 2.46 3.93
C GLU A 36 -6.88 3.75 4.18
N LYS A 37 -6.42 3.95 5.44
CA LYS A 37 -5.60 5.12 5.86
C LYS A 37 -4.40 5.42 4.93
N ILE A 38 -4.15 4.53 3.97
CA ILE A 38 -3.05 4.71 2.99
C ILE A 38 -3.32 5.92 2.05
N ILE A 39 -4.61 6.31 1.96
CA ILE A 39 -5.02 7.44 1.12
C ILE A 39 -5.43 8.65 2.03
N GLU A 40 -4.96 8.62 3.28
CA GLU A 40 -5.24 9.67 4.27
C GLU A 40 -4.33 10.89 4.09
N ALA A 41 -3.10 10.63 3.64
CA ALA A 41 -2.09 11.68 3.41
C ALA A 41 -2.56 12.76 2.43
N HIS A 42 -3.53 12.42 1.58
CA HIS A 42 -4.10 13.36 0.60
C HIS A 42 -5.56 13.68 0.92
N ASP A 43 -6.21 12.82 1.72
CA ASP A 43 -7.61 13.00 2.11
C ASP A 43 -7.72 13.67 3.48
N LEU A 44 -8.89 14.26 3.77
CA LEU A 44 -9.14 14.94 5.04
C LEU A 44 -10.44 14.44 5.66
N HIS A 45 -10.36 13.99 6.93
CA HIS A 45 -11.51 13.47 7.71
C HIS A 45 -12.10 12.18 7.09
N VAL A 46 -12.38 11.20 7.94
CA VAL A 46 -12.95 9.92 7.51
C VAL A 46 -14.42 9.79 7.90
N SER A 47 -15.16 8.96 7.15
CA SER A 47 -16.58 8.74 7.40
C SER A 47 -16.89 7.24 7.56
N LYS A 48 -16.51 6.45 6.54
CA LYS A 48 -16.74 4.98 6.51
C LYS A 48 -18.22 4.60 6.69
N SER A 49 -18.80 4.00 5.64
CA SER A 49 -20.20 3.58 5.67
C SER A 49 -20.36 2.14 5.15
N LYS A 50 -19.99 1.93 3.88
CA LYS A 50 -20.09 0.60 3.24
C LYS A 50 -18.95 0.38 2.24
N ASN A 51 -17.80 1.06 2.48
CA ASN A 51 -16.59 0.97 1.62
C ASN A 51 -16.84 1.54 0.22
N ALA A 52 -15.91 2.37 -0.24
CA ALA A 52 -16.01 3.00 -1.57
C ALA A 52 -15.32 2.18 -2.68
N PRO A 53 -14.03 1.71 -2.50
CA PRO A 53 -13.33 0.92 -3.55
C PRO A 53 -13.99 -0.43 -3.85
N ILE A 54 -14.14 -0.73 -5.15
CA ILE A 54 -14.74 -1.98 -5.61
C ILE A 54 -13.79 -2.70 -6.58
N GLN A 55 -13.97 -4.01 -6.73
CA GLN A 55 -13.12 -4.82 -7.61
C GLN A 55 -13.76 -5.02 -8.97
N TYR A 56 -13.02 -4.64 -10.02
CA TYR A 56 -13.47 -4.79 -11.41
C TYR A 56 -12.34 -5.32 -12.29
N ALA A 57 -11.19 -4.60 -12.25
CA ALA A 57 -10.00 -4.96 -13.02
C ALA A 57 -8.73 -4.67 -12.21
N SER A 58 -7.57 -5.10 -12.73
CA SER A 58 -6.29 -4.87 -12.06
C SER A 58 -5.75 -3.46 -12.33
N VAL A 59 -5.38 -3.18 -13.60
CA VAL A 59 -4.85 -1.86 -14.04
C VAL A 59 -3.55 -1.47 -13.29
N MET A 60 -2.70 -0.68 -13.97
CA MET A 60 -1.40 -0.19 -13.41
C MET A 60 -0.43 -1.33 -13.10
N GLU A 61 0.87 -1.03 -13.15
CA GLU A 61 1.92 -2.01 -12.88
C GLU A 61 2.92 -1.47 -11.86
N TYR A 62 3.09 -2.23 -10.77
CA TYR A 62 4.02 -1.85 -9.70
C TYR A 62 4.95 -3.01 -9.33
N LEU A 63 4.37 -4.21 -9.22
CA LEU A 63 5.13 -5.42 -8.87
C LEU A 63 5.48 -6.23 -10.12
N LYS A 64 6.40 -7.20 -9.96
CA LYS A 64 6.88 -8.11 -11.05
C LYS A 64 7.76 -7.37 -12.07
N LYS A 65 7.93 -6.05 -11.90
CA LYS A 65 8.75 -5.23 -12.81
C LYS A 65 10.15 -5.02 -12.21
N THR A 66 10.20 -4.69 -10.92
CA THR A 66 11.47 -4.47 -10.22
C THR A 66 11.41 -5.05 -8.78
N TYR A 67 10.33 -5.77 -8.48
CA TYR A 67 10.12 -6.36 -7.16
C TYR A 67 10.64 -7.82 -7.11
N PRO A 68 11.71 -8.11 -6.31
CA PRO A 68 12.27 -9.48 -6.18
C PRO A 68 11.26 -10.49 -5.59
N GLY A 69 11.68 -11.76 -5.48
CA GLY A 69 10.82 -12.82 -4.94
C GLY A 69 10.50 -12.65 -3.45
N PRO A 70 11.53 -12.57 -2.54
CA PRO A 70 11.30 -12.41 -1.07
C PRO A 70 10.55 -11.12 -0.71
N ASP A 71 10.47 -10.18 -1.65
CA ASP A 71 9.77 -8.90 -1.43
C ASP A 71 8.26 -9.07 -1.60
N ILE A 72 7.85 -9.84 -2.62
CA ILE A 72 6.42 -10.12 -2.90
C ILE A 72 5.81 -10.99 -1.78
N GLU A 73 6.60 -11.96 -1.28
CA GLU A 73 6.17 -12.85 -0.19
C GLU A 73 5.96 -12.03 1.10
N ARG A 74 6.98 -11.23 1.45
CA ARG A 74 6.93 -10.35 2.63
C ARG A 74 5.63 -9.51 2.69
N ILE A 75 5.19 -8.98 1.53
CA ILE A 75 3.97 -8.15 1.47
C ILE A 75 2.71 -8.97 1.80
N VAL A 76 2.50 -10.09 1.07
CA VAL A 76 1.33 -10.96 1.28
C VAL A 76 1.28 -11.53 2.71
N SER A 77 2.40 -12.13 3.15
CA SER A 77 2.53 -12.73 4.49
C SER A 77 2.40 -11.71 5.63
N THR A 78 2.71 -10.43 5.37
CA THR A 78 2.62 -9.38 6.39
C THR A 78 1.17 -8.84 6.51
N LEU A 79 0.40 -8.95 5.42
CA LEU A 79 -1.01 -8.50 5.42
C LEU A 79 -1.92 -9.55 6.04
N GLU A 80 -1.63 -10.82 5.76
CA GLU A 80 -2.40 -11.97 6.30
C GLU A 80 -1.84 -12.41 7.67
N ARG A 81 -0.91 -11.60 8.19
CA ARG A 81 -0.24 -11.86 9.48
C ARG A 81 -1.10 -11.40 10.67
N HIS A 82 -1.74 -10.24 10.52
CA HIS A 82 -2.56 -9.66 11.59
C HIS A 82 -4.05 -9.91 11.32
N ASP A 83 -4.37 -10.42 10.12
CA ASP A 83 -5.76 -10.72 9.68
C ASP A 83 -6.58 -9.44 9.51
N GLU A 84 -6.22 -8.67 8.46
CA GLU A 84 -6.89 -7.41 8.13
C GLU A 84 -8.05 -7.66 7.17
N VAL A 85 -9.24 -7.13 7.51
CA VAL A 85 -10.46 -7.31 6.70
C VAL A 85 -10.52 -6.41 5.47
N GLY A 86 -10.19 -5.12 5.63
CA GLY A 86 -10.22 -4.19 4.51
C GLY A 86 -9.03 -4.35 3.58
N ALA A 87 -7.99 -5.01 4.09
CA ALA A 87 -6.78 -5.28 3.32
C ALA A 87 -6.72 -6.74 2.86
N LYS A 88 -7.64 -7.57 3.42
CA LYS A 88 -7.75 -9.01 3.08
C LYS A 88 -7.85 -9.24 1.56
N ASP A 89 -8.51 -8.32 0.86
CA ASP A 89 -8.69 -8.41 -0.60
C ASP A 89 -7.39 -8.05 -1.34
N LEU A 90 -6.64 -7.08 -0.79
CA LEU A 90 -5.37 -6.63 -1.38
C LEU A 90 -4.31 -7.74 -1.28
N GLY A 91 -3.99 -8.15 -0.04
CA GLY A 91 -3.01 -9.20 0.21
C GLY A 91 -3.31 -10.52 -0.53
N ALA A 92 -4.58 -10.94 -0.51
CA ALA A 92 -5.00 -12.18 -1.18
C ALA A 92 -4.74 -12.16 -2.68
N LYS A 93 -5.05 -11.03 -3.34
CA LYS A 93 -4.84 -10.88 -4.79
C LYS A 93 -3.35 -10.99 -5.15
N LEU A 94 -2.49 -10.40 -4.32
CA LEU A 94 -1.04 -10.48 -4.53
C LEU A 94 -0.55 -11.92 -4.33
N ARG A 95 -1.24 -12.67 -3.44
CA ARG A 95 -0.92 -14.07 -3.17
C ARG A 95 -1.79 -14.99 -4.04
N ASP A 96 -2.53 -14.42 -5.02
CA ASP A 96 -3.41 -15.19 -5.90
C ASP A 96 -2.90 -15.13 -7.36
N ALA A 97 -1.64 -14.73 -7.53
CA ALA A 97 -1.02 -14.64 -8.86
C ALA A 97 -0.60 -16.02 -9.39
N LEU A 98 -0.70 -17.04 -8.53
CA LEU A 98 -0.36 -18.41 -8.88
C LEU A 98 -1.62 -19.23 -9.17
N ASP A 99 -2.52 -19.30 -8.17
CA ASP A 99 -3.81 -20.03 -8.26
C ASP A 99 -3.60 -21.53 -8.57
N ARG A 100 -4.12 -22.38 -7.68
CA ARG A 100 -4.02 -23.83 -7.84
C ARG A 100 -5.28 -24.42 -8.46
N GLN A 101 -5.12 -25.50 -9.22
CA GLN A 101 -6.24 -26.18 -9.88
C GLN A 101 -6.67 -27.41 -9.09
N SER A 1 19.41 -4.88 -10.64
CA SER A 1 18.52 -3.69 -10.60
C SER A 1 18.60 -2.98 -9.25
N PHE A 2 18.46 -1.66 -9.28
CA PHE A 2 18.51 -0.85 -8.06
C PHE A 2 17.17 -0.14 -7.80
N GLY A 3 16.57 0.39 -8.88
CA GLY A 3 15.30 1.10 -8.76
C GLY A 3 15.32 2.47 -9.39
N LEU A 4 16.39 3.23 -9.12
CA LEU A 4 16.56 4.58 -9.67
C LEU A 4 17.41 4.56 -10.94
N GLY A 5 17.28 5.61 -11.76
CA GLY A 5 18.03 5.72 -13.00
C GLY A 5 19.37 6.41 -12.82
N LYS A 6 19.39 7.72 -13.09
CA LYS A 6 20.62 8.52 -12.96
C LYS A 6 20.42 9.66 -11.94
N ALA A 7 19.32 10.40 -12.08
CA ALA A 7 19.02 11.51 -11.18
C ALA A 7 17.69 11.30 -10.47
N GLN A 8 17.60 11.83 -9.24
CA GLN A 8 16.39 11.72 -8.42
C GLN A 8 15.92 13.11 -7.95
N ASP A 9 14.70 13.48 -8.35
CA ASP A 9 14.12 14.78 -7.98
C ASP A 9 12.67 14.66 -7.46
N PRO A 10 11.77 13.81 -8.07
CA PRO A 10 10.36 13.68 -7.60
C PRO A 10 10.24 13.03 -6.21
N LEU A 11 11.13 12.09 -5.91
CA LEU A 11 11.12 11.40 -4.62
C LEU A 11 12.30 11.83 -3.75
N ASP A 12 11.99 12.38 -2.57
CA ASP A 12 13.01 12.84 -1.62
C ASP A 12 12.66 12.42 -0.19
N LYS A 13 11.47 12.84 0.29
CA LYS A 13 11.01 12.52 1.65
C LYS A 13 9.48 12.49 1.73
N PHE A 14 8.91 11.30 1.91
CA PHE A 14 7.46 11.13 2.02
C PHE A 14 7.07 10.51 3.37
N PHE A 15 7.57 9.29 3.63
CA PHE A 15 7.29 8.58 4.89
C PHE A 15 8.50 7.73 5.32
N SER A 16 9.23 7.19 4.33
CA SER A 16 10.43 6.35 4.55
C SER A 16 10.11 5.04 5.32
N LYS A 17 8.84 4.60 5.28
CA LYS A 17 8.42 3.37 5.97
C LYS A 17 7.46 2.50 5.14
N ILE A 18 6.78 3.09 4.14
CA ILE A 18 5.84 2.36 3.30
C ILE A 18 6.57 1.56 2.19
N ILE A 19 5.80 0.94 1.27
CA ILE A 19 6.36 0.13 0.17
C ILE A 19 7.30 0.93 -0.76
N PHE A 20 6.91 2.17 -1.09
CA PHE A 20 7.72 3.02 -1.98
C PHE A 20 8.32 4.22 -1.21
N SER A 21 8.37 4.11 0.12
CA SER A 21 8.90 5.17 0.97
C SER A 21 10.36 4.92 1.35
N GLY A 22 10.68 3.67 1.69
CA GLY A 22 12.05 3.33 2.08
C GLY A 22 12.31 1.83 2.09
N LYS A 23 13.09 1.38 3.08
CA LYS A 23 13.45 -0.03 3.22
C LYS A 23 12.48 -0.79 4.15
N PRO A 24 12.08 -0.22 5.35
CA PRO A 24 11.15 -0.91 6.29
C PRO A 24 9.79 -1.22 5.67
N ILE A 25 9.29 -2.44 5.94
CA ILE A 25 8.00 -2.90 5.43
C ILE A 25 7.27 -3.77 6.49
N GLU A 26 7.41 -3.38 7.77
CA GLU A 26 6.81 -4.11 8.88
C GLU A 26 5.82 -3.23 9.67
N THR A 27 6.32 -2.13 10.26
CA THR A 27 5.52 -1.21 11.09
C THR A 27 4.24 -0.74 10.36
N SER A 28 4.43 -0.15 9.18
CA SER A 28 3.29 0.34 8.36
C SER A 28 2.35 -0.81 7.99
N TYR A 29 2.92 -1.87 7.39
CA TYR A 29 2.17 -3.06 6.99
C TYR A 29 1.64 -3.90 8.17
N SER A 30 1.93 -3.49 9.41
CA SER A 30 1.45 -4.21 10.59
C SER A 30 0.15 -3.59 11.10
N ALA A 31 0.12 -2.24 11.15
CA ALA A 31 -1.05 -1.47 11.59
C ALA A 31 -2.23 -1.58 10.62
N LYS A 32 -3.42 -1.24 11.11
CA LYS A 32 -4.64 -1.29 10.30
C LYS A 32 -4.84 0.00 9.51
N GLY A 33 -5.41 -0.11 8.31
CA GLY A 33 -5.65 1.04 7.46
C GLY A 33 -4.57 1.24 6.40
N ILE A 34 -3.80 0.18 6.13
CA ILE A 34 -2.71 0.23 5.13
C ILE A 34 -3.26 0.09 3.68
N HIS A 35 -4.49 -0.43 3.55
CA HIS A 35 -5.14 -0.60 2.23
C HIS A 35 -5.81 0.70 1.76
N GLU A 36 -5.79 1.73 2.62
CA GLU A 36 -6.37 3.04 2.31
C GLU A 36 -5.30 4.14 2.40
N LYS A 37 -4.52 4.10 3.48
CA LYS A 37 -3.43 5.07 3.73
C LYS A 37 -2.26 4.91 2.74
N ILE A 38 -2.33 3.87 1.88
CA ILE A 38 -1.28 3.61 0.89
C ILE A 38 -1.42 4.51 -0.36
N ILE A 39 -2.64 5.02 -0.59
CA ILE A 39 -2.93 5.92 -1.72
C ILE A 39 -2.83 7.40 -1.30
N GLU A 40 -2.48 7.62 -0.02
CA GLU A 40 -2.35 8.98 0.52
C GLU A 40 -0.94 9.55 0.29
N ALA A 41 0.06 8.66 0.36
CA ALA A 41 1.47 9.05 0.17
C ALA A 41 1.82 9.26 -1.31
N HIS A 42 0.96 8.74 -2.20
CA HIS A 42 1.16 8.88 -3.65
C HIS A 42 0.37 10.07 -4.21
N ASP A 43 -0.52 10.64 -3.38
CA ASP A 43 -1.33 11.80 -3.77
C ASP A 43 -0.67 13.11 -3.33
N LEU A 44 -0.08 13.81 -4.30
CA LEU A 44 0.59 15.09 -4.04
C LEU A 44 0.38 16.07 -5.20
N HIS A 45 0.23 15.52 -6.43
CA HIS A 45 0.02 16.31 -7.67
C HIS A 45 1.22 17.20 -7.99
N VAL A 46 1.78 17.00 -9.20
CA VAL A 46 2.94 17.76 -9.65
C VAL A 46 2.62 18.47 -10.97
N SER A 47 3.24 19.63 -11.17
CA SER A 47 3.03 20.43 -12.39
C SER A 47 4.29 20.47 -13.24
N LYS A 48 4.17 20.02 -14.51
CA LYS A 48 5.28 19.99 -15.48
C LYS A 48 6.48 19.18 -14.98
N SER A 49 6.64 17.97 -15.53
CA SER A 49 7.75 17.08 -15.16
C SER A 49 8.34 16.40 -16.39
N LYS A 50 7.47 15.80 -17.22
CA LYS A 50 7.89 15.11 -18.45
C LYS A 50 6.91 15.39 -19.60
N ASN A 51 7.42 15.30 -20.83
CA ASN A 51 6.61 15.54 -22.02
C ASN A 51 6.67 14.35 -22.98
N ALA A 52 7.88 13.82 -23.19
CA ALA A 52 8.08 12.67 -24.08
C ALA A 52 8.83 11.50 -23.40
N PRO A 53 10.03 11.73 -22.73
CA PRO A 53 10.77 10.63 -22.06
C PRO A 53 10.00 9.97 -20.92
N ILE A 54 10.04 8.63 -20.91
CA ILE A 54 9.37 7.82 -19.87
C ILE A 54 10.21 6.60 -19.50
N GLN A 55 10.06 6.14 -18.25
CA GLN A 55 10.80 4.98 -17.75
C GLN A 55 9.85 3.91 -17.20
N TYR A 56 9.09 4.27 -16.15
CA TYR A 56 8.14 3.34 -15.52
C TYR A 56 6.89 4.09 -15.05
N ALA A 57 7.11 5.23 -14.35
CA ALA A 57 6.03 6.09 -13.81
C ALA A 57 5.24 5.41 -12.68
N SER A 58 4.47 4.37 -13.02
CA SER A 58 3.66 3.65 -12.03
C SER A 58 3.65 2.14 -12.31
N VAL A 59 3.27 1.35 -11.30
CA VAL A 59 3.20 -0.11 -11.41
C VAL A 59 1.79 -0.56 -11.84
N MET A 60 1.71 -1.72 -12.51
CA MET A 60 0.44 -2.24 -12.99
C MET A 60 -0.12 -3.32 -12.04
N GLU A 61 -1.30 -3.01 -11.45
CA GLU A 61 -2.03 -3.90 -10.51
C GLU A 61 -1.21 -4.26 -9.26
N TYR A 62 -0.22 -5.16 -9.40
CA TYR A 62 0.62 -5.59 -8.28
C TYR A 62 2.11 -5.55 -8.65
N LEU A 63 2.97 -5.57 -7.62
CA LEU A 63 4.43 -5.54 -7.80
C LEU A 63 5.00 -6.96 -7.96
N LYS A 64 5.71 -7.17 -9.08
CA LYS A 64 6.34 -8.46 -9.40
C LYS A 64 7.64 -8.24 -10.19
N LYS A 65 7.61 -7.27 -11.11
CA LYS A 65 8.77 -6.94 -11.95
C LYS A 65 9.63 -5.84 -11.32
N THR A 66 9.13 -5.24 -10.23
CA THR A 66 9.83 -4.15 -9.53
C THR A 66 10.83 -4.73 -8.51
N TYR A 67 10.37 -5.71 -7.72
CA TYR A 67 11.21 -6.35 -6.70
C TYR A 67 11.78 -7.68 -7.22
N PRO A 68 12.87 -8.23 -6.59
CA PRO A 68 13.48 -9.51 -7.04
C PRO A 68 12.58 -10.73 -6.77
N GLY A 69 11.78 -10.66 -5.69
CA GLY A 69 10.90 -11.77 -5.34
C GLY A 69 10.59 -11.86 -3.85
N PRO A 70 11.61 -11.88 -2.93
CA PRO A 70 11.39 -11.98 -1.47
C PRO A 70 10.47 -10.89 -0.87
N ASP A 71 10.27 -9.79 -1.61
CA ASP A 71 9.42 -8.68 -1.16
C ASP A 71 7.93 -9.03 -1.26
N ILE A 72 7.56 -9.68 -2.38
CA ILE A 72 6.16 -10.11 -2.61
C ILE A 72 5.72 -11.14 -1.55
N GLU A 73 6.68 -11.95 -1.08
CA GLU A 73 6.42 -12.98 -0.05
C GLU A 73 6.16 -12.32 1.31
N ARG A 74 7.05 -11.40 1.72
CA ARG A 74 6.92 -10.65 2.98
C ARG A 74 5.57 -9.94 3.11
N ILE A 75 5.13 -9.25 2.03
CA ILE A 75 3.85 -8.52 2.02
C ILE A 75 2.65 -9.46 2.24
N VAL A 76 2.49 -10.45 1.34
CA VAL A 76 1.39 -11.44 1.43
C VAL A 76 1.33 -12.14 2.81
N SER A 77 2.51 -12.49 3.34
CA SER A 77 2.62 -13.14 4.66
C SER A 77 2.25 -12.20 5.81
N THR A 78 2.41 -10.88 5.61
CA THR A 78 2.07 -9.87 6.64
C THR A 78 0.54 -9.75 6.81
N LEU A 79 -0.18 -9.77 5.69
CA LEU A 79 -1.65 -9.68 5.71
C LEU A 79 -2.30 -11.01 6.12
N GLU A 80 -1.57 -12.12 5.90
CA GLU A 80 -2.03 -13.46 6.27
C GLU A 80 -1.55 -13.81 7.69
N ARG A 81 -1.05 -12.78 8.39
CA ARG A 81 -0.54 -12.92 9.77
C ARG A 81 -1.36 -12.04 10.72
N HIS A 82 -1.75 -10.87 10.22
CA HIS A 82 -2.54 -9.89 10.98
C HIS A 82 -4.04 -10.14 10.80
N ASP A 83 -4.43 -10.63 9.60
CA ASP A 83 -5.83 -10.94 9.23
C ASP A 83 -6.72 -9.68 9.30
N GLU A 84 -6.37 -8.69 8.47
CA GLU A 84 -7.12 -7.43 8.40
C GLU A 84 -8.31 -7.55 7.45
N VAL A 85 -9.49 -7.14 7.92
CA VAL A 85 -10.73 -7.22 7.11
C VAL A 85 -10.83 -6.07 6.10
N GLY A 86 -10.12 -4.96 6.37
CA GLY A 86 -10.13 -3.82 5.47
C GLY A 86 -9.08 -3.92 4.36
N ALA A 87 -8.09 -4.78 4.59
CA ALA A 87 -7.00 -5.02 3.64
C ALA A 87 -6.96 -6.49 3.20
N LYS A 88 -7.94 -7.29 3.67
CA LYS A 88 -8.05 -8.74 3.35
C LYS A 88 -7.91 -9.02 1.84
N ASP A 89 -8.57 -8.17 1.01
CA ASP A 89 -8.52 -8.30 -0.45
C ASP A 89 -7.13 -7.99 -1.01
N LEU A 90 -6.49 -6.96 -0.45
CA LEU A 90 -5.14 -6.53 -0.84
C LEU A 90 -4.13 -7.68 -0.74
N GLY A 91 -4.09 -8.32 0.45
CA GLY A 91 -3.18 -9.44 0.70
C GLY A 91 -3.41 -10.64 -0.22
N ALA A 92 -4.63 -11.22 -0.17
CA ALA A 92 -4.99 -12.38 -1.00
C ALA A 92 -4.79 -12.14 -2.50
N LYS A 93 -5.16 -10.94 -2.98
CA LYS A 93 -4.99 -10.60 -4.40
C LYS A 93 -3.51 -10.56 -4.79
N LEU A 94 -2.64 -10.17 -3.85
CA LEU A 94 -1.20 -10.14 -4.07
C LEU A 94 -0.61 -11.55 -4.17
N ARG A 95 -1.23 -12.50 -3.45
CA ARG A 95 -0.78 -13.90 -3.47
C ARG A 95 -1.65 -14.74 -4.43
N ASP A 96 -2.58 -14.08 -5.13
CA ASP A 96 -3.48 -14.76 -6.06
C ASP A 96 -2.99 -14.62 -7.51
N ALA A 97 -1.68 -14.42 -7.68
CA ALA A 97 -1.07 -14.26 -9.01
C ALA A 97 -0.76 -15.62 -9.65
N LEU A 98 -0.98 -16.70 -8.89
CA LEU A 98 -0.74 -18.06 -9.37
C LEU A 98 -2.05 -18.75 -9.74
N ASP A 99 -3.03 -18.70 -8.83
CA ASP A 99 -4.34 -19.32 -9.04
C ASP A 99 -5.46 -18.28 -9.00
N ARG A 100 -6.56 -18.57 -9.70
CA ARG A 100 -7.71 -17.68 -9.76
C ARG A 100 -8.99 -18.41 -9.34
N GLN A 101 -9.71 -17.83 -8.36
CA GLN A 101 -10.98 -18.38 -7.81
C GLN A 101 -10.78 -19.78 -7.20
N SER A 1 -12.35 30.57 -3.45
CA SER A 1 -13.29 29.50 -3.88
C SER A 1 -14.00 29.88 -5.17
N PHE A 2 -14.31 28.88 -6.00
CA PHE A 2 -15.00 29.10 -7.28
C PHE A 2 -16.42 28.53 -7.24
N GLY A 3 -16.55 27.30 -6.71
CA GLY A 3 -17.85 26.65 -6.62
C GLY A 3 -17.88 25.51 -5.61
N LEU A 4 -18.94 25.46 -4.82
CA LEU A 4 -19.11 24.42 -3.81
C LEU A 4 -20.39 23.60 -4.06
N GLY A 5 -20.41 22.38 -3.51
CA GLY A 5 -21.57 21.51 -3.66
C GLY A 5 -22.61 21.68 -2.57
N LYS A 6 -23.23 20.57 -2.18
CA LYS A 6 -24.26 20.59 -1.13
C LYS A 6 -23.68 20.15 0.22
N ALA A 7 -22.97 19.02 0.22
CA ALA A 7 -22.36 18.49 1.44
C ALA A 7 -20.85 18.38 1.31
N GLN A 8 -20.13 19.01 2.24
CA GLN A 8 -18.67 19.01 2.25
C GLN A 8 -18.14 18.68 3.65
N ASP A 9 -17.71 17.43 3.84
CA ASP A 9 -17.18 16.96 5.13
C ASP A 9 -16.01 16.00 4.90
N PRO A 10 -15.11 15.77 5.92
CA PRO A 10 -13.95 14.86 5.78
C PRO A 10 -14.37 13.39 5.65
N LEU A 11 -13.84 12.72 4.62
CA LEU A 11 -14.14 11.31 4.35
C LEU A 11 -13.05 10.40 4.92
N ASP A 12 -12.09 11.00 5.68
CA ASP A 12 -10.95 10.27 6.30
C ASP A 12 -10.01 9.69 5.24
N LYS A 13 -8.89 9.08 5.69
CA LYS A 13 -7.90 8.49 4.78
C LYS A 13 -8.44 7.22 4.11
N PHE A 14 -8.52 7.25 2.78
CA PHE A 14 -9.01 6.12 1.99
C PHE A 14 -7.90 5.51 1.13
N PHE A 15 -7.10 6.37 0.48
CA PHE A 15 -6.00 5.93 -0.37
C PHE A 15 -4.67 6.01 0.40
N SER A 16 -4.00 4.87 0.51
CA SER A 16 -2.72 4.77 1.21
C SER A 16 -1.61 4.29 0.28
N LYS A 17 -0.52 5.06 0.21
CA LYS A 17 0.62 4.73 -0.64
C LYS A 17 1.92 4.84 0.17
N ILE A 18 2.47 3.67 0.55
CA ILE A 18 3.71 3.60 1.32
C ILE A 18 4.68 2.62 0.65
N ILE A 19 4.36 1.30 0.73
CA ILE A 19 5.17 0.19 0.16
C ILE A 19 6.70 0.32 0.44
N PHE A 20 7.38 1.25 -0.26
CA PHE A 20 8.81 1.47 -0.08
C PHE A 20 9.10 2.97 -0.01
N SER A 21 9.08 3.52 1.20
CA SER A 21 9.34 4.94 1.44
C SER A 21 10.79 5.16 1.86
N GLY A 22 11.31 4.26 2.70
CA GLY A 22 12.68 4.35 3.18
C GLY A 22 13.32 2.99 3.41
N LYS A 23 13.07 2.43 4.60
CA LYS A 23 13.61 1.12 4.96
C LYS A 23 12.58 0.20 5.68
N PRO A 24 11.58 0.74 6.47
CA PRO A 24 10.59 -0.11 7.17
C PRO A 24 9.57 -0.77 6.22
N ILE A 25 9.31 -2.06 6.45
CA ILE A 25 8.36 -2.84 5.66
C ILE A 25 7.48 -3.72 6.59
N GLU A 26 7.73 -3.63 7.89
CA GLU A 26 6.99 -4.40 8.90
C GLU A 26 5.98 -3.52 9.63
N THR A 27 6.41 -2.31 10.00
CA THR A 27 5.56 -1.35 10.72
C THR A 27 4.36 -0.93 9.87
N SER A 28 4.64 -0.28 8.73
CA SER A 28 3.61 0.16 7.76
C SER A 28 2.53 -0.91 7.45
N TYR A 29 2.88 -2.19 7.61
CA TYR A 29 1.95 -3.29 7.36
C TYR A 29 1.42 -3.89 8.66
N SER A 30 2.03 -3.51 9.79
CA SER A 30 1.60 -3.97 11.12
C SER A 30 0.59 -2.99 11.72
N ALA A 31 0.66 -1.73 11.26
CA ALA A 31 -0.25 -0.65 11.69
C ALA A 31 -1.72 -1.06 11.58
N LYS A 32 -2.39 -1.08 12.74
CA LYS A 32 -3.81 -1.46 12.84
C LYS A 32 -4.74 -0.55 12.02
N GLY A 33 -5.21 -1.08 10.89
CA GLY A 33 -6.12 -0.35 10.01
C GLY A 33 -5.43 0.41 8.90
N ILE A 34 -4.97 -0.32 7.87
CA ILE A 34 -4.34 0.28 6.70
C ILE A 34 -5.34 0.22 5.52
N HIS A 35 -5.13 -0.71 4.58
CA HIS A 35 -6.03 -0.90 3.42
C HIS A 35 -7.49 -1.23 3.82
N GLU A 36 -7.74 -1.38 5.13
CA GLU A 36 -9.08 -1.71 5.66
C GLU A 36 -10.09 -0.55 5.49
N LYS A 37 -9.58 0.65 5.19
CA LYS A 37 -10.43 1.84 5.00
C LYS A 37 -10.90 2.00 3.55
N ILE A 38 -10.17 1.36 2.61
CA ILE A 38 -10.54 1.43 1.19
C ILE A 38 -11.51 0.28 0.81
N ILE A 39 -12.28 -0.17 1.80
CA ILE A 39 -13.25 -1.26 1.61
C ILE A 39 -14.58 -0.94 2.33
N GLU A 40 -14.59 0.11 3.16
CA GLU A 40 -15.80 0.52 3.89
C GLU A 40 -16.18 1.96 3.54
N ALA A 41 -15.17 2.82 3.33
CA ALA A 41 -15.37 4.23 3.00
C ALA A 41 -16.13 4.40 1.67
N HIS A 42 -15.90 3.44 0.75
CA HIS A 42 -16.56 3.44 -0.55
C HIS A 42 -17.37 2.15 -0.73
N ASP A 43 -16.68 1.01 -0.54
CA ASP A 43 -17.27 -0.35 -0.65
C ASP A 43 -18.20 -0.50 -1.88
N LEU A 44 -17.57 -0.66 -3.06
CA LEU A 44 -18.29 -0.81 -4.32
C LEU A 44 -17.50 -1.69 -5.28
N HIS A 45 -18.20 -2.59 -5.98
CA HIS A 45 -17.57 -3.49 -6.94
C HIS A 45 -17.73 -2.97 -8.37
N VAL A 46 -18.94 -2.50 -8.70
CA VAL A 46 -19.24 -1.95 -10.03
C VAL A 46 -20.22 -0.78 -9.92
N SER A 47 -19.71 0.43 -10.18
CA SER A 47 -20.51 1.65 -10.12
C SER A 47 -20.33 2.49 -11.38
N LYS A 48 -21.37 3.27 -11.72
CA LYS A 48 -21.36 4.14 -12.89
C LYS A 48 -21.01 5.57 -12.49
N SER A 49 -20.50 6.35 -13.46
CA SER A 49 -20.13 7.75 -13.23
C SER A 49 -21.32 8.69 -13.45
N LYS A 50 -21.66 9.45 -12.40
CA LYS A 50 -22.79 10.39 -12.45
C LYS A 50 -22.39 11.75 -11.89
N ASN A 51 -21.70 11.75 -10.73
CA ASN A 51 -21.26 12.98 -10.08
C ASN A 51 -19.74 12.98 -9.88
N ALA A 52 -19.20 11.84 -9.40
CA ALA A 52 -17.77 11.70 -9.15
C ALA A 52 -17.21 10.44 -9.83
N PRO A 53 -16.01 10.52 -10.48
CA PRO A 53 -15.40 9.37 -11.16
C PRO A 53 -14.82 8.33 -10.18
N ILE A 54 -14.60 7.11 -10.68
CA ILE A 54 -14.06 6.01 -9.87
C ILE A 54 -12.70 5.53 -10.40
N GLN A 55 -12.47 5.72 -11.70
CA GLN A 55 -11.21 5.31 -12.34
C GLN A 55 -10.22 6.47 -12.38
N TYR A 56 -8.99 6.21 -11.93
CA TYR A 56 -7.93 7.22 -11.91
C TYR A 56 -6.64 6.68 -12.54
N ALA A 57 -6.32 5.40 -12.27
CA ALA A 57 -5.11 4.70 -12.78
C ALA A 57 -3.82 5.34 -12.27
N SER A 58 -2.91 4.48 -11.79
CA SER A 58 -1.62 4.92 -11.26
C SER A 58 -0.47 4.45 -12.13
N VAL A 59 0.63 5.20 -12.11
CA VAL A 59 1.82 4.88 -12.91
C VAL A 59 2.86 4.09 -12.11
N MET A 60 2.86 4.28 -10.77
CA MET A 60 3.80 3.58 -9.88
C MET A 60 3.21 2.25 -9.39
N GLU A 61 2.44 1.59 -10.26
CA GLU A 61 1.81 0.30 -9.96
C GLU A 61 2.69 -0.87 -10.45
N TYR A 62 2.21 -2.12 -10.21
CA TYR A 62 2.92 -3.36 -10.61
C TYR A 62 4.21 -3.55 -9.81
N LEU A 63 4.30 -4.70 -9.12
CA LEU A 63 5.48 -5.04 -8.31
C LEU A 63 6.32 -6.14 -8.98
N LYS A 64 6.09 -6.37 -10.27
CA LYS A 64 6.81 -7.40 -11.04
C LYS A 64 8.06 -6.83 -11.73
N LYS A 65 8.16 -5.49 -11.76
CA LYS A 65 9.30 -4.82 -12.39
C LYS A 65 10.39 -4.45 -11.37
N THR A 66 9.96 -4.02 -10.17
CA THR A 66 10.89 -3.63 -9.10
C THR A 66 11.16 -4.80 -8.14
N TYR A 67 10.11 -5.54 -7.79
CA TYR A 67 10.22 -6.69 -6.87
C TYR A 67 10.31 -8.01 -7.67
N PRO A 68 11.42 -8.80 -7.53
CA PRO A 68 11.59 -10.08 -8.26
C PRO A 68 10.68 -11.21 -7.76
N GLY A 69 10.66 -11.44 -6.44
CA GLY A 69 9.83 -12.50 -5.87
C GLY A 69 9.76 -12.46 -4.35
N PRO A 70 10.91 -12.66 -3.61
CA PRO A 70 10.92 -12.65 -2.12
C PRO A 70 10.36 -11.37 -1.50
N ASP A 71 10.51 -10.24 -2.22
CA ASP A 71 10.02 -8.94 -1.75
C ASP A 71 8.49 -8.88 -1.70
N ILE A 72 7.83 -9.77 -2.46
CA ILE A 72 6.36 -9.86 -2.49
C ILE A 72 5.89 -10.83 -1.40
N GLU A 73 6.49 -12.04 -1.37
CA GLU A 73 6.17 -13.09 -0.36
C GLU A 73 6.10 -12.52 1.06
N ARG A 74 7.02 -11.62 1.37
CA ARG A 74 7.07 -10.96 2.68
C ARG A 74 5.79 -10.13 2.92
N ILE A 75 5.35 -9.40 1.88
CA ILE A 75 4.14 -8.57 1.94
C ILE A 75 2.89 -9.43 2.21
N VAL A 76 2.58 -10.38 1.30
CA VAL A 76 1.41 -11.30 1.43
C VAL A 76 1.32 -11.97 2.82
N SER A 77 2.49 -12.21 3.44
CA SER A 77 2.56 -12.86 4.76
C SER A 77 2.19 -11.87 5.88
N THR A 78 2.83 -10.68 5.85
CA THR A 78 2.59 -9.61 6.84
C THR A 78 1.12 -9.17 6.93
N LEU A 79 0.40 -9.19 5.79
CA LEU A 79 -1.02 -8.78 5.77
C LEU A 79 -1.92 -9.91 6.29
N GLU A 80 -1.73 -11.15 5.77
CA GLU A 80 -2.50 -12.32 6.21
C GLU A 80 -2.41 -12.56 7.72
N ARG A 81 -1.37 -12.00 8.33
CA ARG A 81 -1.11 -12.12 9.78
C ARG A 81 -2.00 -11.13 10.57
N HIS A 82 -2.06 -9.87 10.10
CA HIS A 82 -2.85 -8.81 10.74
C HIS A 82 -4.36 -9.09 10.72
N ASP A 83 -4.88 -9.59 9.57
CA ASP A 83 -6.30 -9.93 9.38
C ASP A 83 -7.15 -8.66 9.23
N GLU A 84 -7.11 -8.11 8.02
CA GLU A 84 -7.86 -6.89 7.67
C GLU A 84 -8.74 -7.18 6.45
N VAL A 85 -9.86 -6.45 6.30
CA VAL A 85 -10.79 -6.69 5.18
C VAL A 85 -10.37 -5.98 3.87
N GLY A 86 -9.88 -4.74 3.96
CA GLY A 86 -9.46 -4.02 2.75
C GLY A 86 -8.02 -4.33 2.39
N ALA A 87 -7.33 -4.91 3.38
CA ALA A 87 -5.95 -5.33 3.23
C ALA A 87 -5.89 -6.82 2.87
N LYS A 88 -7.02 -7.53 3.11
CA LYS A 88 -7.14 -8.95 2.76
C LYS A 88 -7.21 -9.14 1.24
N ASP A 89 -7.61 -8.06 0.54
CA ASP A 89 -7.75 -8.09 -0.93
C ASP A 89 -6.39 -7.89 -1.60
N LEU A 90 -5.49 -7.18 -0.91
CA LEU A 90 -4.15 -6.91 -1.40
C LEU A 90 -3.27 -8.17 -1.24
N GLY A 91 -3.06 -8.58 0.01
CA GLY A 91 -2.27 -9.78 0.33
C GLY A 91 -2.82 -11.09 -0.24
N ALA A 92 -4.15 -11.16 -0.45
CA ALA A 92 -4.77 -12.38 -0.97
C ALA A 92 -4.73 -12.46 -2.49
N LYS A 93 -4.96 -11.33 -3.16
CA LYS A 93 -4.92 -11.28 -4.63
C LYS A 93 -3.49 -11.44 -5.14
N LEU A 94 -2.51 -10.94 -4.36
CA LEU A 94 -1.10 -11.08 -4.71
C LEU A 94 -0.63 -12.52 -4.54
N ARG A 95 -1.02 -13.16 -3.41
CA ARG A 95 -0.65 -14.57 -3.17
C ARG A 95 -1.34 -15.51 -4.19
N ASP A 96 -2.45 -15.04 -4.79
CA ASP A 96 -3.20 -15.82 -5.77
C ASP A 96 -2.78 -15.47 -7.20
N ALA A 97 -2.04 -14.36 -7.34
CA ALA A 97 -1.55 -13.90 -8.64
C ALA A 97 -0.20 -14.53 -8.98
N LEU A 98 0.38 -15.23 -7.99
CA LEU A 98 1.65 -15.92 -8.14
C LEU A 98 1.45 -17.40 -8.45
N ASP A 99 0.48 -18.02 -7.75
CA ASP A 99 0.18 -19.45 -7.94
C ASP A 99 -0.91 -19.63 -9.01
N ARG A 100 -0.58 -20.43 -10.03
CA ARG A 100 -1.49 -20.71 -11.13
C ARG A 100 -1.88 -22.19 -11.16
N GLN A 101 -3.20 -22.45 -11.29
CA GLN A 101 -3.77 -23.82 -11.34
C GLN A 101 -3.51 -24.59 -10.04
N SER A 1 -3.78 25.32 13.94
CA SER A 1 -3.25 26.63 13.48
C SER A 1 -3.68 27.76 14.41
N PHE A 2 -4.95 27.72 14.85
CA PHE A 2 -5.50 28.73 15.76
C PHE A 2 -5.51 28.23 17.19
N GLY A 3 -5.92 26.96 17.39
CA GLY A 3 -5.98 26.37 18.71
C GLY A 3 -5.41 24.97 18.75
N LEU A 4 -5.92 24.10 17.87
CA LEU A 4 -5.45 22.72 17.79
C LEU A 4 -4.46 22.53 16.65
N GLY A 5 -3.43 21.71 16.90
CA GLY A 5 -2.40 21.46 15.90
C GLY A 5 -2.34 20.00 15.48
N LYS A 6 -1.42 19.69 14.55
CA LYS A 6 -1.22 18.31 14.02
C LYS A 6 -2.50 17.70 13.43
N ALA A 7 -3.42 18.56 12.98
CA ALA A 7 -4.69 18.13 12.40
C ALA A 7 -4.61 18.02 10.87
N GLN A 8 -3.53 18.56 10.30
CA GLN A 8 -3.30 18.55 8.85
C GLN A 8 -1.86 18.14 8.54
N ASP A 9 -1.73 17.13 7.68
CA ASP A 9 -0.41 16.62 7.29
C ASP A 9 -0.27 16.59 5.74
N PRO A 10 0.35 17.64 5.11
CA PRO A 10 0.54 17.69 3.65
C PRO A 10 1.62 16.72 3.16
N LEU A 11 1.31 16.02 2.06
CA LEU A 11 2.25 15.05 1.48
C LEU A 11 2.63 15.44 0.04
N ASP A 12 2.02 16.53 -0.47
CA ASP A 12 2.25 17.07 -1.84
C ASP A 12 1.62 16.18 -2.92
N LYS A 13 1.87 14.86 -2.83
CA LYS A 13 1.33 13.89 -3.80
C LYS A 13 0.64 12.74 -3.09
N PHE A 14 -0.59 12.43 -3.52
CA PHE A 14 -1.38 11.34 -2.94
C PHE A 14 -1.21 10.04 -3.73
N PHE A 15 -0.63 10.13 -4.93
CA PHE A 15 -0.41 8.97 -5.79
C PHE A 15 0.98 8.35 -5.57
N SER A 16 1.51 8.49 -4.35
CA SER A 16 2.82 7.95 -3.99
C SER A 16 2.71 6.53 -3.42
N LYS A 17 1.71 6.32 -2.53
CA LYS A 17 1.45 5.01 -1.87
C LYS A 17 2.61 4.56 -0.97
N ILE A 18 2.29 3.71 0.01
CA ILE A 18 3.30 3.20 0.96
C ILE A 18 3.87 1.86 0.47
N ILE A 19 3.26 1.31 -0.59
CA ILE A 19 3.69 0.04 -1.18
C ILE A 19 5.03 0.19 -1.96
N PHE A 20 5.16 1.29 -2.70
CA PHE A 20 6.37 1.57 -3.47
C PHE A 20 7.40 2.36 -2.65
N SER A 21 7.19 2.38 -1.31
CA SER A 21 8.09 3.08 -0.39
C SER A 21 9.16 2.13 0.16
N GLY A 22 10.27 2.72 0.63
CA GLY A 22 11.37 1.92 1.17
C GLY A 22 11.22 1.64 2.65
N LYS A 23 10.41 0.62 2.98
CA LYS A 23 10.16 0.21 4.37
C LYS A 23 10.41 -1.29 4.56
N PRO A 24 10.70 -1.78 5.81
CA PRO A 24 10.95 -3.20 6.08
C PRO A 24 9.66 -4.05 6.16
N ILE A 25 8.51 -3.42 5.84
CA ILE A 25 7.18 -4.10 5.86
C ILE A 25 6.87 -4.66 7.26
N GLU A 26 7.00 -3.80 8.28
CA GLU A 26 6.73 -4.20 9.65
C GLU A 26 5.62 -3.32 10.26
N THR A 27 6.04 -2.19 10.86
CA THR A 27 5.14 -1.23 11.53
C THR A 27 4.01 -0.74 10.60
N SER A 28 4.37 -0.44 9.36
CA SER A 28 3.43 0.05 8.34
C SER A 28 2.45 -1.06 7.94
N TYR A 29 2.98 -2.27 7.80
CA TYR A 29 2.18 -3.44 7.43
C TYR A 29 1.70 -4.24 8.66
N SER A 30 1.84 -3.64 9.84
CA SER A 30 1.40 -4.25 11.10
C SER A 30 0.18 -3.51 11.65
N ALA A 31 0.05 -2.23 11.28
CA ALA A 31 -1.07 -1.39 11.70
C ALA A 31 -2.36 -1.71 10.94
N LYS A 32 -3.50 -1.24 11.46
CA LYS A 32 -4.80 -1.46 10.83
C LYS A 32 -5.18 -0.29 9.95
N GLY A 33 -5.68 -0.59 8.74
CA GLY A 33 -6.08 0.45 7.79
C GLY A 33 -4.89 1.09 7.08
N ILE A 34 -4.08 0.25 6.43
CA ILE A 34 -2.89 0.72 5.71
C ILE A 34 -3.01 0.52 4.18
N HIS A 35 -3.99 -0.28 3.73
CA HIS A 35 -4.16 -0.54 2.30
C HIS A 35 -5.31 0.28 1.70
N GLU A 36 -6.55 -0.01 2.13
CA GLU A 36 -7.73 0.65 1.61
C GLU A 36 -8.15 1.86 2.46
N LYS A 37 -7.19 2.74 2.76
CA LYS A 37 -7.45 3.96 3.53
C LYS A 37 -7.08 5.19 2.71
N ILE A 38 -6.21 5.00 1.70
CA ILE A 38 -5.78 6.08 0.80
C ILE A 38 -6.92 6.50 -0.14
N ILE A 39 -7.98 5.66 -0.21
CA ILE A 39 -9.16 5.93 -1.04
C ILE A 39 -10.03 7.04 -0.41
N GLU A 40 -9.90 7.22 0.92
CA GLU A 40 -10.64 8.25 1.66
C GLU A 40 -10.08 9.65 1.36
N ALA A 41 -8.78 9.70 1.03
CA ALA A 41 -8.09 10.95 0.72
C ALA A 41 -8.26 11.35 -0.75
N HIS A 42 -8.42 10.33 -1.63
CA HIS A 42 -8.60 10.55 -3.06
C HIS A 42 -10.08 10.79 -3.42
N ASP A 43 -10.97 10.58 -2.45
CA ASP A 43 -12.41 10.76 -2.64
C ASP A 43 -12.83 12.20 -2.28
N LEU A 44 -13.44 12.89 -3.23
CA LEU A 44 -13.90 14.27 -3.05
C LEU A 44 -15.31 14.47 -3.59
N HIS A 45 -16.13 15.26 -2.86
CA HIS A 45 -17.53 15.57 -3.22
C HIS A 45 -18.42 14.32 -3.23
N VAL A 46 -19.68 14.52 -2.82
CA VAL A 46 -20.67 13.42 -2.77
C VAL A 46 -21.75 13.57 -3.85
N SER A 47 -21.88 14.77 -4.41
CA SER A 47 -22.87 15.06 -5.46
C SER A 47 -22.30 14.80 -6.87
N LYS A 48 -20.98 14.65 -6.96
CA LYS A 48 -20.29 14.40 -8.23
C LYS A 48 -20.14 12.90 -8.47
N SER A 49 -19.95 12.51 -9.74
CA SER A 49 -19.79 11.10 -10.12
C SER A 49 -18.42 10.56 -9.72
N LYS A 50 -18.38 9.27 -9.36
CA LYS A 50 -17.15 8.61 -8.93
C LYS A 50 -16.51 7.84 -10.08
N ASN A 51 -15.24 8.16 -10.35
CA ASN A 51 -14.48 7.50 -11.43
C ASN A 51 -13.09 7.10 -10.94
N ALA A 52 -12.80 5.80 -11.04
CA ALA A 52 -11.50 5.26 -10.60
C ALA A 52 -10.87 4.39 -11.70
N PRO A 53 -9.52 4.43 -11.88
CA PRO A 53 -8.82 3.62 -12.91
C PRO A 53 -8.78 2.12 -12.56
N ILE A 54 -9.09 1.29 -13.56
CA ILE A 54 -9.09 -0.17 -13.38
C ILE A 54 -8.50 -0.90 -14.60
N GLN A 55 -8.76 -0.36 -15.80
CA GLN A 55 -8.25 -0.94 -17.04
C GLN A 55 -7.04 -0.16 -17.57
N TYR A 56 -6.12 -0.89 -18.22
CA TYR A 56 -4.88 -0.32 -18.80
C TYR A 56 -3.97 0.29 -17.72
N ALA A 57 -2.77 -0.30 -17.55
CA ALA A 57 -1.76 0.14 -16.56
C ALA A 57 -2.29 0.12 -15.12
N SER A 58 -1.73 -0.78 -14.30
CA SER A 58 -2.12 -0.92 -12.90
C SER A 58 -0.90 -1.05 -12.00
N VAL A 59 -0.94 -0.34 -10.87
CA VAL A 59 0.16 -0.35 -9.90
C VAL A 59 -0.35 -0.33 -8.44
N MET A 60 -1.64 -0.62 -8.27
CA MET A 60 -2.28 -0.64 -6.94
C MET A 60 -2.22 -2.02 -6.30
N GLU A 61 -2.47 -3.06 -7.11
CA GLU A 61 -2.46 -4.45 -6.63
C GLU A 61 -1.60 -5.35 -7.52
N TYR A 62 -1.22 -4.85 -8.71
CA TYR A 62 -0.40 -5.61 -9.65
C TYR A 62 1.09 -5.33 -9.43
N LEU A 63 1.79 -6.35 -8.92
CA LEU A 63 3.23 -6.27 -8.65
C LEU A 63 3.97 -7.41 -9.38
N LYS A 64 5.18 -7.78 -8.89
CA LYS A 64 6.04 -8.85 -9.48
C LYS A 64 6.69 -8.39 -10.79
N LYS A 65 6.41 -7.14 -11.20
CA LYS A 65 6.97 -6.56 -12.43
C LYS A 65 8.09 -5.57 -12.09
N THR A 66 7.95 -4.88 -10.96
CA THR A 66 8.95 -3.88 -10.51
C THR A 66 9.94 -4.50 -9.54
N TYR A 67 9.43 -5.31 -8.59
CA TYR A 67 10.27 -5.96 -7.58
C TYR A 67 10.86 -7.30 -8.11
N PRO A 68 11.98 -7.82 -7.51
CA PRO A 68 12.59 -9.08 -7.96
C PRO A 68 11.82 -10.34 -7.53
N GLY A 69 11.26 -10.31 -6.31
CA GLY A 69 10.50 -11.44 -5.79
C GLY A 69 10.34 -11.44 -4.28
N PRO A 70 11.45 -11.37 -3.46
CA PRO A 70 11.38 -11.37 -1.98
C PRO A 70 10.47 -10.27 -1.39
N ASP A 71 10.28 -9.18 -2.15
CA ASP A 71 9.43 -8.05 -1.72
C ASP A 71 7.95 -8.48 -1.61
N ILE A 72 7.50 -9.29 -2.58
CA ILE A 72 6.12 -9.80 -2.62
C ILE A 72 5.89 -10.80 -1.47
N GLU A 73 6.83 -11.74 -1.31
CA GLU A 73 6.77 -12.77 -0.24
C GLU A 73 6.56 -12.16 1.15
N ARG A 74 7.24 -11.03 1.40
CA ARG A 74 7.13 -10.30 2.68
C ARG A 74 5.75 -9.64 2.83
N ILE A 75 5.31 -8.92 1.78
CA ILE A 75 4.00 -8.23 1.76
C ILE A 75 2.84 -9.22 2.04
N VAL A 76 2.82 -10.36 1.34
CA VAL A 76 1.77 -11.39 1.49
C VAL A 76 1.72 -11.96 2.92
N SER A 77 2.88 -12.44 3.41
CA SER A 77 3.00 -13.03 4.77
C SER A 77 2.53 -12.05 5.86
N THR A 78 3.06 -10.83 5.84
CA THR A 78 2.69 -9.77 6.83
C THR A 78 1.19 -9.43 6.79
N LEU A 79 0.55 -9.57 5.62
CA LEU A 79 -0.88 -9.27 5.49
C LEU A 79 -1.77 -10.41 6.01
N GLU A 80 -1.28 -11.66 5.89
CA GLU A 80 -2.03 -12.83 6.38
C GLU A 80 -1.87 -13.02 7.89
N ARG A 81 -1.03 -12.16 8.51
CA ARG A 81 -0.78 -12.20 9.95
C ARG A 81 -1.87 -11.44 10.72
N HIS A 82 -2.19 -10.22 10.24
CA HIS A 82 -3.23 -9.38 10.87
C HIS A 82 -4.63 -9.74 10.35
N ASP A 83 -4.71 -10.09 9.05
CA ASP A 83 -5.97 -10.50 8.36
C ASP A 83 -7.02 -9.37 8.28
N GLU A 84 -6.61 -8.12 8.59
CA GLU A 84 -7.51 -6.93 8.52
C GLU A 84 -8.33 -6.86 7.22
N VAL A 85 -9.50 -6.20 7.31
CA VAL A 85 -10.44 -6.04 6.17
C VAL A 85 -10.00 -4.98 5.17
N GLY A 86 -9.30 -3.95 5.65
CA GLY A 86 -8.83 -2.86 4.79
C GLY A 86 -7.58 -3.19 4.01
N ALA A 87 -7.12 -4.44 4.16
CA ALA A 87 -5.91 -4.94 3.48
C ALA A 87 -6.05 -6.43 3.08
N LYS A 88 -7.19 -7.06 3.46
CA LYS A 88 -7.49 -8.47 3.15
C LYS A 88 -7.40 -8.77 1.64
N ASP A 89 -7.94 -7.86 0.82
CA ASP A 89 -7.93 -8.00 -0.65
C ASP A 89 -6.50 -7.94 -1.21
N LEU A 90 -5.69 -7.06 -0.62
CA LEU A 90 -4.28 -6.87 -1.01
C LEU A 90 -3.46 -8.17 -0.82
N GLY A 91 -3.56 -8.75 0.39
CA GLY A 91 -2.84 -9.98 0.74
C GLY A 91 -3.21 -11.20 -0.09
N ALA A 92 -4.48 -11.64 -0.02
CA ALA A 92 -4.95 -12.83 -0.74
C ALA A 92 -4.79 -12.75 -2.25
N LYS A 93 -5.00 -11.55 -2.83
CA LYS A 93 -4.86 -11.37 -4.29
C LYS A 93 -3.39 -11.42 -4.72
N LEU A 94 -2.50 -10.93 -3.84
CA LEU A 94 -1.06 -10.96 -4.09
C LEU A 94 -0.51 -12.39 -3.97
N ARG A 95 -1.13 -13.18 -3.08
CA ARG A 95 -0.73 -14.58 -2.88
C ARG A 95 -1.34 -15.46 -3.98
N ASP A 96 -2.61 -15.18 -4.34
CA ASP A 96 -3.33 -15.91 -5.38
C ASP A 96 -3.04 -15.34 -6.78
N ALA A 97 -1.75 -15.05 -7.03
CA ALA A 97 -1.31 -14.50 -8.32
C ALA A 97 -1.02 -15.59 -9.36
N LEU A 98 -1.03 -16.84 -8.90
CA LEU A 98 -0.76 -18.00 -9.76
C LEU A 98 -1.97 -18.94 -9.75
N ASP A 99 -2.60 -19.07 -8.58
CA ASP A 99 -3.77 -19.93 -8.40
C ASP A 99 -5.07 -19.20 -8.75
N ARG A 100 -6.18 -19.94 -8.79
CA ARG A 100 -7.50 -19.36 -9.12
C ARG A 100 -8.11 -18.61 -7.93
N GLN A 101 -8.60 -17.41 -8.20
CA GLN A 101 -9.21 -16.55 -7.17
C GLN A 101 -10.73 -16.66 -7.20
N SER A 1 -16.03 34.00 -9.48
CA SER A 1 -14.91 34.86 -9.05
C SER A 1 -13.71 34.04 -8.56
N PHE A 2 -14.00 32.97 -7.81
CA PHE A 2 -12.96 32.09 -7.27
C PHE A 2 -12.82 30.83 -8.12
N GLY A 3 -13.95 30.24 -8.50
CA GLY A 3 -13.96 29.04 -9.32
C GLY A 3 -14.28 29.32 -10.77
N LEU A 4 -13.28 29.14 -11.64
CA LEU A 4 -13.44 29.38 -13.08
C LEU A 4 -13.67 28.06 -13.83
N GLY A 5 -12.89 27.03 -13.49
CA GLY A 5 -13.01 25.73 -14.13
C GLY A 5 -11.67 25.15 -14.56
N LYS A 6 -10.92 25.93 -15.34
CA LYS A 6 -9.59 25.51 -15.83
C LYS A 6 -8.48 26.03 -14.92
N ALA A 7 -7.25 25.49 -15.13
CA ALA A 7 -6.04 25.86 -14.34
C ALA A 7 -6.16 25.47 -12.87
N GLN A 8 -5.19 24.70 -12.39
CA GLN A 8 -5.16 24.23 -11.00
C GLN A 8 -3.80 24.51 -10.34
N ASP A 9 -3.70 24.19 -9.04
CA ASP A 9 -2.47 24.41 -8.27
C ASP A 9 -1.40 23.33 -8.58
N PRO A 10 -0.08 23.58 -8.32
CA PRO A 10 1.00 22.60 -8.59
C PRO A 10 0.79 21.24 -7.91
N LEU A 11 0.14 21.25 -6.74
CA LEU A 11 -0.13 20.03 -5.99
C LEU A 11 -1.55 19.54 -6.25
N ASP A 12 -1.66 18.31 -6.75
CA ASP A 12 -2.96 17.70 -7.06
C ASP A 12 -3.08 16.28 -6.49
N LYS A 13 -1.93 15.62 -6.29
CA LYS A 13 -1.88 14.25 -5.76
C LYS A 13 -1.76 14.26 -4.24
N PHE A 14 -2.78 13.71 -3.57
CA PHE A 14 -2.81 13.64 -2.11
C PHE A 14 -2.90 12.19 -1.61
N PHE A 15 -2.72 11.23 -2.54
CA PHE A 15 -2.79 9.80 -2.21
C PHE A 15 -1.47 9.29 -1.60
N SER A 16 -0.56 8.77 -2.45
CA SER A 16 0.76 8.24 -2.04
C SER A 16 0.65 7.16 -0.96
N LYS A 17 1.17 5.97 -1.26
CA LYS A 17 1.14 4.83 -0.33
C LYS A 17 2.44 4.72 0.47
N ILE A 18 2.38 3.99 1.59
CA ILE A 18 3.54 3.78 2.48
C ILE A 18 4.37 2.58 2.02
N ILE A 19 4.00 2.04 0.86
CA ILE A 19 4.70 0.88 0.26
C ILE A 19 6.17 1.23 -0.09
N PHE A 20 7.10 0.62 0.67
CA PHE A 20 8.57 0.82 0.51
C PHE A 20 8.95 2.32 0.60
N SER A 21 8.88 2.85 1.81
CA SER A 21 9.22 4.25 2.08
C SER A 21 10.56 4.35 2.83
N GLY A 22 10.75 3.48 3.82
CA GLY A 22 11.97 3.47 4.60
C GLY A 22 12.36 2.08 5.06
N LYS A 23 11.39 1.38 5.69
CA LYS A 23 11.61 0.03 6.20
C LYS A 23 11.06 -1.01 5.20
N PRO A 24 11.48 -2.33 5.29
CA PRO A 24 10.98 -3.39 4.37
C PRO A 24 9.53 -3.82 4.70
N ILE A 25 8.61 -2.84 4.63
CA ILE A 25 7.16 -3.03 4.90
C ILE A 25 6.89 -3.92 6.14
N GLU A 26 7.27 -3.41 7.31
CA GLU A 26 7.11 -4.13 8.57
C GLU A 26 6.23 -3.34 9.55
N THR A 27 6.67 -2.12 9.90
CA THR A 27 5.97 -1.24 10.85
C THR A 27 4.56 -0.84 10.36
N SER A 28 4.48 -0.25 9.16
CA SER A 28 3.19 0.21 8.59
C SER A 28 2.18 -0.95 8.48
N TYR A 29 2.57 -2.04 7.80
CA TYR A 29 1.71 -3.23 7.65
C TYR A 29 1.31 -3.84 9.01
N SER A 30 2.17 -3.65 10.02
CA SER A 30 1.91 -4.14 11.38
C SER A 30 0.79 -3.32 12.04
N ALA A 31 0.66 -2.06 11.63
CA ALA A 31 -0.38 -1.14 12.12
C ALA A 31 -1.77 -1.52 11.61
N LYS A 32 -2.81 -0.86 12.14
CA LYS A 32 -4.19 -1.12 11.74
C LYS A 32 -4.66 -0.05 10.74
N GLY A 33 -4.24 -0.20 9.48
CA GLY A 33 -4.61 0.73 8.43
C GLY A 33 -3.49 0.95 7.44
N ILE A 34 -3.21 -0.08 6.63
CA ILE A 34 -2.16 -0.02 5.60
C ILE A 34 -2.74 0.24 4.20
N HIS A 35 -3.97 -0.22 3.97
CA HIS A 35 -4.63 -0.03 2.67
C HIS A 35 -5.81 0.93 2.81
N GLU A 36 -6.28 1.12 4.05
CA GLU A 36 -7.40 2.02 4.34
C GLU A 36 -6.93 3.18 5.24
N LYS A 37 -5.81 3.82 4.85
CA LYS A 37 -5.26 4.95 5.60
C LYS A 37 -5.17 6.19 4.70
N ILE A 38 -5.31 5.98 3.38
CA ILE A 38 -5.26 7.07 2.39
C ILE A 38 -6.54 7.92 2.42
N ILE A 39 -7.55 7.44 3.16
CA ILE A 39 -8.83 8.14 3.29
C ILE A 39 -8.77 9.16 4.46
N GLU A 40 -7.73 9.00 5.32
CA GLU A 40 -7.53 9.90 6.47
C GLU A 40 -6.80 11.18 6.04
N ALA A 41 -5.92 11.06 5.05
CA ALA A 41 -5.13 12.19 4.52
C ALA A 41 -5.98 13.12 3.63
N HIS A 42 -7.04 12.56 3.03
CA HIS A 42 -7.94 13.31 2.17
C HIS A 42 -9.12 13.91 2.96
N ASP A 43 -9.28 13.45 4.21
CA ASP A 43 -10.35 13.92 5.07
C ASP A 43 -9.84 15.03 6.02
N LEU A 44 -10.24 16.27 5.73
CA LEU A 44 -9.83 17.42 6.53
C LEU A 44 -11.00 18.41 6.66
N HIS A 45 -11.00 19.17 7.76
CA HIS A 45 -12.05 20.16 8.02
C HIS A 45 -11.56 21.57 7.68
N VAL A 46 -11.29 22.40 8.70
CA VAL A 46 -10.82 23.79 8.51
C VAL A 46 -9.94 24.27 9.67
N SER A 47 -9.46 23.33 10.51
CA SER A 47 -8.62 23.65 11.66
C SER A 47 -7.13 23.66 11.29
N LYS A 48 -6.45 22.50 11.43
CA LYS A 48 -5.02 22.37 11.12
C LYS A 48 -4.67 20.92 10.77
N SER A 49 -3.58 20.75 10.00
CA SER A 49 -3.11 19.43 9.60
C SER A 49 -1.82 19.05 10.33
N LYS A 50 -0.69 19.62 9.88
CA LYS A 50 0.64 19.37 10.50
C LYS A 50 1.64 20.44 10.03
N ASN A 51 1.90 20.46 8.71
CA ASN A 51 2.83 21.41 8.09
C ASN A 51 2.40 21.73 6.66
N ALA A 52 2.90 22.84 6.11
CA ALA A 52 2.56 23.25 4.74
C ALA A 52 3.57 22.69 3.71
N PRO A 53 4.91 22.95 3.83
CA PRO A 53 5.90 22.41 2.88
C PRO A 53 6.36 20.99 3.23
N ILE A 54 5.82 20.00 2.50
CA ILE A 54 6.14 18.59 2.72
C ILE A 54 6.10 17.78 1.42
N GLN A 55 4.98 17.94 0.66
CA GLN A 55 4.71 17.25 -0.63
C GLN A 55 4.92 15.72 -0.59
N TYR A 56 4.15 15.01 -1.41
CA TYR A 56 4.23 13.55 -1.50
C TYR A 56 4.92 13.11 -2.79
N ALA A 57 5.48 11.89 -2.76
CA ALA A 57 6.19 11.33 -3.91
C ALA A 57 5.24 10.50 -4.78
N SER A 58 5.57 10.40 -6.08
CA SER A 58 4.76 9.65 -7.04
C SER A 58 5.28 8.23 -7.21
N VAL A 59 4.36 7.28 -7.40
CA VAL A 59 4.71 5.86 -7.58
C VAL A 59 4.64 5.49 -9.06
N MET A 60 5.58 4.66 -9.50
CA MET A 60 5.65 4.21 -10.90
C MET A 60 5.81 2.69 -10.98
N GLU A 61 5.24 2.10 -12.06
CA GLU A 61 5.29 0.64 -12.32
C GLU A 61 4.58 -0.18 -11.25
N TYR A 62 4.20 -1.42 -11.60
CA TYR A 62 3.51 -2.33 -10.68
C TYR A 62 4.49 -3.17 -9.86
N LEU A 63 3.94 -4.07 -9.01
CA LEU A 63 4.76 -4.94 -8.14
C LEU A 63 5.31 -6.15 -8.91
N LYS A 64 5.94 -5.88 -10.06
CA LYS A 64 6.52 -6.94 -10.91
C LYS A 64 7.86 -6.51 -11.50
N LYS A 65 7.96 -5.25 -11.92
CA LYS A 65 9.19 -4.72 -12.53
C LYS A 65 10.08 -4.02 -11.50
N THR A 66 9.46 -3.28 -10.57
CA THR A 66 10.19 -2.54 -9.53
C THR A 66 10.48 -3.42 -8.31
N TYR A 67 9.93 -4.64 -8.31
CA TYR A 67 10.13 -5.58 -7.20
C TYR A 67 10.72 -6.91 -7.72
N PRO A 68 11.77 -7.49 -7.04
CA PRO A 68 12.40 -8.75 -7.48
C PRO A 68 11.56 -10.00 -7.19
N GLY A 69 11.01 -10.07 -5.96
CA GLY A 69 10.20 -11.23 -5.58
C GLY A 69 10.01 -11.34 -4.07
N PRO A 70 11.11 -11.53 -3.26
CA PRO A 70 11.02 -11.66 -1.78
C PRO A 70 10.32 -10.47 -1.10
N ASP A 71 10.45 -9.29 -1.72
CA ASP A 71 9.82 -8.05 -1.21
C ASP A 71 8.29 -8.13 -1.25
N ILE A 72 7.77 -8.96 -2.17
CA ILE A 72 6.32 -9.17 -2.31
C ILE A 72 5.87 -10.28 -1.36
N GLU A 73 6.73 -11.31 -1.19
CA GLU A 73 6.47 -12.44 -0.29
C GLU A 73 6.19 -11.98 1.15
N ARG A 74 6.89 -10.92 1.57
CA ARG A 74 6.72 -10.34 2.91
C ARG A 74 5.45 -9.48 3.01
N ILE A 75 4.82 -9.19 1.86
CA ILE A 75 3.59 -8.38 1.81
C ILE A 75 2.38 -9.28 2.09
N VAL A 76 2.35 -10.42 1.38
CA VAL A 76 1.25 -11.40 1.53
C VAL A 76 1.31 -12.08 2.90
N SER A 77 2.55 -12.29 3.39
CA SER A 77 2.82 -12.91 4.69
C SER A 77 2.33 -12.03 5.85
N THR A 78 2.76 -10.75 5.86
CA THR A 78 2.37 -9.79 6.90
C THR A 78 0.85 -9.48 6.91
N LEU A 79 0.20 -9.60 5.74
CA LEU A 79 -1.25 -9.32 5.65
C LEU A 79 -2.09 -10.49 6.16
N GLU A 80 -1.66 -11.73 5.85
CA GLU A 80 -2.37 -12.95 6.30
C GLU A 80 -2.19 -13.20 7.82
N ARG A 81 -1.33 -12.38 8.45
CA ARG A 81 -1.06 -12.47 9.88
C ARG A 81 -2.20 -11.79 10.68
N HIS A 82 -2.29 -10.45 10.59
CA HIS A 82 -3.34 -9.69 11.28
C HIS A 82 -4.75 -10.03 10.74
N ASP A 83 -4.84 -10.28 9.42
CA ASP A 83 -6.10 -10.63 8.73
C ASP A 83 -7.18 -9.56 8.92
N GLU A 84 -6.87 -8.36 8.42
CA GLU A 84 -7.78 -7.21 8.51
C GLU A 84 -8.41 -6.88 7.16
N VAL A 85 -9.71 -6.56 7.17
CA VAL A 85 -10.44 -6.20 5.94
C VAL A 85 -9.99 -4.83 5.41
N GLY A 86 -10.12 -4.63 4.09
CA GLY A 86 -9.67 -3.38 3.48
C GLY A 86 -8.28 -3.53 2.89
N ALA A 87 -7.58 -4.57 3.35
CA ALA A 87 -6.23 -4.91 2.92
C ALA A 87 -6.07 -6.43 2.72
N LYS A 88 -7.01 -7.21 3.29
CA LYS A 88 -7.02 -8.67 3.21
C LYS A 88 -7.31 -9.16 1.77
N ASP A 89 -8.08 -8.35 1.02
CA ASP A 89 -8.43 -8.67 -0.36
C ASP A 89 -7.21 -8.51 -1.28
N LEU A 90 -6.48 -7.41 -1.08
CA LEU A 90 -5.27 -7.10 -1.84
C LEU A 90 -4.23 -8.23 -1.72
N GLY A 91 -3.75 -8.43 -0.48
CA GLY A 91 -2.78 -9.49 -0.17
C GLY A 91 -3.15 -10.86 -0.72
N ALA A 92 -4.43 -11.25 -0.57
CA ALA A 92 -4.92 -12.55 -1.05
C ALA A 92 -4.71 -12.76 -2.55
N LYS A 93 -5.00 -11.73 -3.37
CA LYS A 93 -4.79 -11.83 -4.83
C LYS A 93 -3.29 -12.00 -5.13
N LEU A 94 -2.46 -11.18 -4.46
CA LEU A 94 -1.00 -11.24 -4.60
C LEU A 94 -0.45 -12.63 -4.24
N ARG A 95 -1.05 -13.28 -3.22
CA ARG A 95 -0.64 -14.63 -2.80
C ARG A 95 -1.21 -15.67 -3.77
N ASP A 96 -2.46 -15.46 -4.20
CA ASP A 96 -3.16 -16.36 -5.14
C ASP A 96 -2.74 -16.14 -6.59
N ALA A 97 -1.78 -15.23 -6.79
CA ALA A 97 -1.27 -14.95 -8.13
C ALA A 97 -0.38 -16.12 -8.58
N LEU A 98 -0.91 -16.94 -9.50
CA LEU A 98 -0.22 -18.13 -10.06
C LEU A 98 -0.33 -19.35 -9.13
N ASP A 99 -0.51 -19.14 -7.81
CA ASP A 99 -0.59 -20.24 -6.84
C ASP A 99 -1.77 -21.20 -7.11
N ARG A 100 -3.00 -20.78 -6.79
CA ARG A 100 -4.19 -21.61 -7.01
C ARG A 100 -5.44 -20.76 -7.26
N GLN A 101 -5.90 -20.74 -8.52
CA GLN A 101 -7.07 -19.98 -8.92
C GLN A 101 -8.10 -20.88 -9.63
N SER A 1 9.20 -5.36 -34.69
CA SER A 1 9.34 -6.84 -34.82
C SER A 1 9.07 -7.53 -33.49
N PHE A 2 8.26 -8.62 -33.56
CA PHE A 2 7.88 -9.44 -32.38
C PHE A 2 6.90 -8.70 -31.45
N GLY A 3 7.29 -7.49 -31.01
CA GLY A 3 6.46 -6.69 -30.13
C GLY A 3 6.87 -6.83 -28.67
N LEU A 4 8.14 -6.53 -28.39
CA LEU A 4 8.68 -6.61 -27.03
C LEU A 4 9.18 -5.25 -26.56
N GLY A 5 8.80 -4.87 -25.33
CA GLY A 5 9.20 -3.59 -24.77
C GLY A 5 9.42 -3.67 -23.26
N LYS A 6 10.65 -3.36 -22.84
CA LYS A 6 11.02 -3.40 -21.42
C LYS A 6 11.48 -2.03 -20.92
N ALA A 7 11.78 -1.12 -21.85
CA ALA A 7 12.24 0.23 -21.52
C ALA A 7 11.07 1.21 -21.44
N GLN A 8 11.08 2.03 -20.39
CA GLN A 8 10.02 3.03 -20.18
C GLN A 8 10.64 4.42 -19.96
N ASP A 9 9.80 5.46 -20.10
CA ASP A 9 10.23 6.85 -19.92
C ASP A 9 10.15 7.27 -18.44
N PRO A 10 11.12 8.09 -17.92
CA PRO A 10 11.11 8.54 -16.49
C PRO A 10 9.92 9.44 -16.16
N LEU A 11 9.38 9.25 -14.96
CA LEU A 11 8.24 10.04 -14.47
C LEU A 11 8.54 10.61 -13.07
N ASP A 12 7.61 11.43 -12.56
CA ASP A 12 7.74 12.05 -11.24
C ASP A 12 7.24 11.11 -10.12
N LYS A 13 7.62 9.82 -10.22
CA LYS A 13 7.24 8.77 -9.25
C LYS A 13 5.73 8.51 -9.22
N PHE A 14 5.35 7.23 -9.15
CA PHE A 14 3.95 6.82 -9.11
C PHE A 14 3.46 6.62 -7.67
N PHE A 15 4.27 5.93 -6.86
CA PHE A 15 3.92 5.65 -5.47
C PHE A 15 4.88 6.37 -4.51
N SER A 16 4.28 7.10 -3.56
CA SER A 16 5.04 7.84 -2.55
C SER A 16 4.69 7.35 -1.13
N LYS A 17 4.25 6.09 -1.05
CA LYS A 17 3.86 5.47 0.23
C LYS A 17 5.07 4.88 0.98
N ILE A 18 4.81 4.22 2.11
CA ILE A 18 5.86 3.62 2.94
C ILE A 18 6.33 2.26 2.37
N ILE A 19 5.72 1.86 1.25
CA ILE A 19 6.05 0.60 0.56
C ILE A 19 7.47 0.65 -0.04
N PHE A 20 7.89 1.86 -0.45
CA PHE A 20 9.21 2.08 -1.05
C PHE A 20 10.14 2.80 -0.07
N SER A 21 9.62 3.16 1.11
CA SER A 21 10.40 3.87 2.15
C SER A 21 11.17 2.87 3.01
N GLY A 22 12.51 2.90 2.86
CA GLY A 22 13.38 1.99 3.61
C GLY A 22 13.56 0.65 2.92
N LYS A 23 13.44 -0.43 3.70
CA LYS A 23 13.59 -1.79 3.17
C LYS A 23 12.51 -2.74 3.74
N PRO A 24 12.32 -2.82 5.10
CA PRO A 24 11.31 -3.72 5.70
C PRO A 24 9.91 -3.09 5.76
N ILE A 25 8.90 -3.88 5.38
CA ILE A 25 7.51 -3.45 5.40
C ILE A 25 6.71 -4.24 6.45
N GLU A 26 6.91 -3.87 7.72
CA GLU A 26 6.26 -4.56 8.82
C GLU A 26 5.38 -3.60 9.66
N THR A 27 5.97 -2.49 10.13
CA THR A 27 5.28 -1.50 10.98
C THR A 27 4.00 -0.95 10.33
N SER A 28 4.15 -0.30 9.16
CA SER A 28 3.01 0.27 8.44
C SER A 28 1.99 -0.82 8.08
N TYR A 29 2.48 -1.88 7.42
CA TYR A 29 1.66 -3.05 7.05
C TYR A 29 0.98 -3.72 8.25
N SER A 30 1.44 -3.40 9.47
CA SER A 30 0.88 -3.95 10.70
C SER A 30 -0.33 -3.11 11.16
N ALA A 31 -0.23 -1.79 10.94
CA ALA A 31 -1.29 -0.84 11.29
C ALA A 31 -2.51 -0.97 10.37
N LYS A 32 -3.67 -0.49 10.83
CA LYS A 32 -4.91 -0.54 10.06
C LYS A 32 -5.08 0.70 9.18
N GLY A 33 -5.75 0.52 8.04
CA GLY A 33 -5.98 1.62 7.11
C GLY A 33 -5.01 1.64 5.95
N ILE A 34 -4.28 0.52 5.74
CA ILE A 34 -3.30 0.40 4.65
C ILE A 34 -3.98 0.15 3.27
N HIS A 35 -5.17 -0.47 3.29
CA HIS A 35 -5.88 -0.77 2.05
C HIS A 35 -6.57 0.48 1.45
N GLU A 36 -6.62 1.55 2.25
CA GLU A 36 -7.20 2.83 1.81
C GLU A 36 -6.07 3.81 1.46
N LYS A 37 -5.04 3.84 2.33
CA LYS A 37 -3.85 4.69 2.15
C LYS A 37 -3.01 4.28 0.93
N ILE A 38 -3.36 3.13 0.33
CA ILE A 38 -2.67 2.62 -0.86
C ILE A 38 -3.15 3.35 -2.14
N ILE A 39 -4.26 4.08 -2.01
CA ILE A 39 -4.84 4.84 -3.12
C ILE A 39 -4.36 6.31 -3.09
N GLU A 40 -3.54 6.64 -2.07
CA GLU A 40 -2.98 7.99 -1.90
C GLU A 40 -2.14 8.44 -3.12
N ALA A 41 -1.53 7.45 -3.79
CA ALA A 41 -0.70 7.70 -4.97
C ALA A 41 -1.54 7.98 -6.23
N HIS A 42 -2.79 7.52 -6.22
CA HIS A 42 -3.71 7.72 -7.34
C HIS A 42 -4.58 8.97 -7.14
N ASP A 43 -4.67 9.43 -5.88
CA ASP A 43 -5.46 10.62 -5.54
C ASP A 43 -4.59 11.88 -5.50
N LEU A 44 -5.20 13.03 -5.81
CA LEU A 44 -4.51 14.35 -5.83
C LEU A 44 -3.43 14.44 -6.94
N HIS A 45 -3.40 13.43 -7.82
CA HIS A 45 -2.43 13.38 -8.92
C HIS A 45 -3.08 13.86 -10.23
N VAL A 46 -4.33 13.45 -10.47
CA VAL A 46 -5.10 13.80 -11.68
C VAL A 46 -4.44 13.23 -12.95
N SER A 47 -4.96 12.09 -13.42
CA SER A 47 -4.43 11.41 -14.61
C SER A 47 -5.57 10.83 -15.45
N LYS A 48 -5.55 11.14 -16.75
CA LYS A 48 -6.57 10.66 -17.68
C LYS A 48 -5.92 10.09 -18.95
N SER A 49 -6.33 8.87 -19.32
CA SER A 49 -5.81 8.19 -20.49
C SER A 49 -6.95 7.68 -21.38
N LYS A 50 -6.67 7.52 -22.69
CA LYS A 50 -7.62 7.02 -23.72
C LYS A 50 -9.00 7.74 -23.69
N ASN A 51 -9.87 7.40 -24.64
CA ASN A 51 -11.20 8.00 -24.73
C ASN A 51 -12.29 6.92 -24.82
N ALA A 52 -12.06 5.92 -25.70
CA ALA A 52 -13.01 4.83 -25.88
C ALA A 52 -12.47 3.49 -25.33
N PRO A 53 -12.72 3.19 -24.02
CA PRO A 53 -12.25 1.93 -23.38
C PRO A 53 -13.09 0.72 -23.80
N ILE A 54 -12.40 -0.40 -24.08
CA ILE A 54 -13.06 -1.64 -24.49
C ILE A 54 -12.67 -2.78 -23.53
N GLN A 55 -11.35 -3.04 -23.41
CA GLN A 55 -10.84 -4.09 -22.54
C GLN A 55 -9.59 -3.63 -21.81
N TYR A 56 -9.35 -4.22 -20.62
CA TYR A 56 -8.19 -3.89 -19.80
C TYR A 56 -7.26 -5.09 -19.68
N ALA A 57 -5.97 -4.86 -19.93
CA ALA A 57 -4.96 -5.91 -19.86
C ALA A 57 -3.97 -5.65 -18.72
N SER A 58 -4.50 -5.59 -17.48
CA SER A 58 -3.73 -5.34 -16.24
C SER A 58 -3.06 -3.97 -16.25
N VAL A 59 -3.18 -3.25 -15.12
CA VAL A 59 -2.60 -1.92 -14.96
C VAL A 59 -1.47 -1.91 -13.91
N MET A 60 -1.26 -3.06 -13.24
CA MET A 60 -0.23 -3.19 -12.21
C MET A 60 1.08 -3.70 -12.81
N GLU A 61 2.09 -2.81 -12.84
CA GLU A 61 3.42 -3.13 -13.38
C GLU A 61 4.53 -2.44 -12.58
N TYR A 62 4.18 -1.96 -11.38
CA TYR A 62 5.13 -1.26 -10.50
C TYR A 62 5.89 -2.25 -9.60
N LEU A 63 5.17 -3.21 -9.01
CA LEU A 63 5.78 -4.21 -8.13
C LEU A 63 6.28 -5.44 -8.90
N LYS A 64 5.93 -5.54 -10.19
CA LYS A 64 6.37 -6.67 -11.01
C LYS A 64 7.35 -6.19 -12.09
N LYS A 65 8.64 -6.34 -11.79
CA LYS A 65 9.75 -5.94 -12.68
C LYS A 65 11.09 -6.28 -12.01
N THR A 66 11.29 -5.74 -10.79
CA THR A 66 12.52 -5.96 -10.03
C THR A 66 12.21 -6.26 -8.56
N TYR A 67 10.93 -6.20 -8.19
CA TYR A 67 10.47 -6.46 -6.83
C TYR A 67 10.15 -7.95 -6.59
N PRO A 68 9.71 -8.76 -7.62
CA PRO A 68 9.40 -10.21 -7.44
C PRO A 68 10.50 -10.99 -6.74
N GLY A 69 10.19 -11.44 -5.51
CA GLY A 69 11.16 -12.19 -4.72
C GLY A 69 10.97 -11.98 -3.22
N PRO A 70 12.08 -11.77 -2.43
CA PRO A 70 12.00 -11.57 -0.95
C PRO A 70 11.08 -10.42 -0.52
N ASP A 71 11.00 -9.37 -1.36
CA ASP A 71 10.19 -8.19 -1.06
C ASP A 71 8.67 -8.45 -1.14
N ILE A 72 8.21 -9.07 -2.25
CA ILE A 72 6.79 -9.39 -2.45
C ILE A 72 6.29 -10.51 -1.52
N GLU A 73 7.14 -11.54 -1.30
CA GLU A 73 6.78 -12.67 -0.42
C GLU A 73 6.50 -12.18 1.01
N ARG A 74 7.39 -11.33 1.55
CA ARG A 74 7.22 -10.73 2.88
C ARG A 74 5.90 -9.96 3.01
N ILE A 75 5.47 -9.29 1.91
CA ILE A 75 4.22 -8.49 1.91
C ILE A 75 3.00 -9.40 2.19
N VAL A 76 2.82 -10.44 1.36
CA VAL A 76 1.69 -11.37 1.52
C VAL A 76 1.69 -12.05 2.91
N SER A 77 2.90 -12.37 3.42
CA SER A 77 3.06 -12.99 4.74
C SER A 77 2.76 -12.00 5.89
N THR A 78 2.81 -10.69 5.61
CA THR A 78 2.52 -9.66 6.62
C THR A 78 1.01 -9.54 6.84
N LEU A 79 0.24 -9.51 5.74
CA LEU A 79 -1.22 -9.41 5.80
C LEU A 79 -1.87 -10.71 6.29
N GLU A 80 -1.18 -11.84 6.06
CA GLU A 80 -1.65 -13.16 6.50
C GLU A 80 -1.14 -13.47 7.92
N ARG A 81 -0.58 -12.44 8.56
CA ARG A 81 -0.03 -12.53 9.91
C ARG A 81 -0.82 -11.63 10.87
N HIS A 82 -1.34 -10.55 10.32
CA HIS A 82 -2.11 -9.55 11.07
C HIS A 82 -3.61 -9.88 11.01
N ASP A 83 -4.04 -10.44 9.86
CA ASP A 83 -5.45 -10.82 9.60
C ASP A 83 -6.37 -9.61 9.58
N GLU A 84 -6.15 -8.72 8.60
CA GLU A 84 -6.96 -7.51 8.43
C GLU A 84 -8.14 -7.78 7.50
N VAL A 85 -9.36 -7.58 8.02
CA VAL A 85 -10.59 -7.83 7.25
C VAL A 85 -10.89 -6.67 6.27
N GLY A 86 -10.25 -5.51 6.49
CA GLY A 86 -10.45 -4.36 5.61
C GLY A 86 -9.45 -4.34 4.46
N ALA A 87 -8.33 -5.02 4.68
CA ALA A 87 -7.24 -5.14 3.70
C ALA A 87 -7.09 -6.59 3.22
N LYS A 88 -8.00 -7.47 3.70
CA LYS A 88 -8.01 -8.91 3.37
C LYS A 88 -7.96 -9.17 1.84
N ASP A 89 -8.65 -8.31 1.08
CA ASP A 89 -8.70 -8.42 -0.39
C ASP A 89 -7.38 -7.98 -1.03
N LEU A 90 -6.69 -7.04 -0.36
CA LEU A 90 -5.40 -6.52 -0.84
C LEU A 90 -4.32 -7.61 -0.76
N GLY A 91 -4.12 -8.16 0.45
CA GLY A 91 -3.14 -9.22 0.68
C GLY A 91 -3.33 -10.44 -0.21
N ALA A 92 -4.57 -10.96 -0.28
CA ALA A 92 -4.90 -12.13 -1.11
C ALA A 92 -4.58 -11.94 -2.59
N LYS A 93 -4.91 -10.76 -3.14
CA LYS A 93 -4.62 -10.46 -4.55
C LYS A 93 -3.12 -10.49 -4.83
N LEU A 94 -2.32 -9.96 -3.90
CA LEU A 94 -0.85 -9.97 -4.03
C LEU A 94 -0.29 -11.40 -4.04
N ARG A 95 -0.96 -12.32 -3.31
CA ARG A 95 -0.54 -13.73 -3.29
C ARG A 95 -0.95 -14.44 -4.59
N ASP A 96 -2.15 -14.10 -5.09
CA ASP A 96 -2.69 -14.66 -6.35
C ASP A 96 -2.05 -14.00 -7.59
N ALA A 97 -1.08 -13.11 -7.36
CA ALA A 97 -0.38 -12.41 -8.44
C ALA A 97 0.68 -13.30 -9.11
N LEU A 98 0.88 -14.50 -8.53
CA LEU A 98 1.85 -15.47 -9.04
C LEU A 98 1.17 -16.43 -10.04
N ASP A 99 0.01 -16.97 -9.65
CA ASP A 99 -0.75 -17.89 -10.48
C ASP A 99 -1.85 -17.15 -11.25
N ARG A 100 -1.83 -17.29 -12.58
CA ARG A 100 -2.83 -16.64 -13.45
C ARG A 100 -3.39 -17.63 -14.47
N GLN A 101 -4.62 -17.36 -14.93
CA GLN A 101 -5.29 -18.20 -15.91
C GLN A 101 -5.15 -17.63 -17.32
N SER A 1 2.96 17.42 29.99
CA SER A 1 3.47 16.20 30.66
C SER A 1 4.28 15.34 29.69
N PHE A 2 5.48 14.90 30.14
CA PHE A 2 6.42 14.06 29.36
C PHE A 2 7.05 14.83 28.19
N GLY A 3 6.22 15.41 27.32
CA GLY A 3 6.70 16.16 26.18
C GLY A 3 6.74 15.34 24.91
N LEU A 4 5.55 14.93 24.44
CA LEU A 4 5.41 14.12 23.23
C LEU A 4 4.73 14.93 22.12
N GLY A 5 5.13 14.66 20.88
CA GLY A 5 4.55 15.36 19.73
C GLY A 5 5.48 15.38 18.53
N LYS A 6 6.02 14.20 18.18
CA LYS A 6 6.93 14.05 17.05
C LYS A 6 6.36 13.08 15.99
N ALA A 7 5.08 13.26 15.67
CA ALA A 7 4.38 12.43 14.69
C ALA A 7 4.11 13.18 13.38
N GLN A 8 4.36 14.48 13.39
CA GLN A 8 4.13 15.33 12.21
C GLN A 8 5.36 16.19 11.88
N ASP A 9 6.35 16.20 12.79
CA ASP A 9 7.59 16.98 12.61
C ASP A 9 8.68 16.17 11.88
N PRO A 10 8.95 14.86 12.26
CA PRO A 10 9.99 14.04 11.58
C PRO A 10 9.59 13.61 10.16
N LEU A 11 8.32 13.76 9.82
CA LEU A 11 7.80 13.39 8.50
C LEU A 11 7.74 14.60 7.58
N ASP A 12 8.37 14.48 6.41
CA ASP A 12 8.39 15.57 5.42
C ASP A 12 7.98 15.06 4.03
N LYS A 13 8.74 14.10 3.49
CA LYS A 13 8.44 13.53 2.16
C LYS A 13 8.84 12.04 2.08
N PHE A 14 7.85 11.21 1.74
CA PHE A 14 8.07 9.77 1.60
C PHE A 14 7.73 9.29 0.19
N PHE A 15 6.58 9.77 -0.34
CA PHE A 15 6.09 9.42 -1.69
C PHE A 15 5.97 7.90 -1.91
N SER A 16 7.06 7.27 -2.38
CA SER A 16 7.06 5.83 -2.64
C SER A 16 8.14 5.12 -1.81
N LYS A 17 7.71 4.13 -1.03
CA LYS A 17 8.62 3.34 -0.18
C LYS A 17 8.26 1.86 -0.26
N ILE A 18 7.00 1.53 0.08
CA ILE A 18 6.51 0.15 0.02
C ILE A 18 5.00 0.12 -0.30
N ILE A 19 4.70 -0.03 -1.62
CA ILE A 19 3.32 -0.04 -2.13
C ILE A 19 2.54 1.21 -1.66
N PHE A 20 2.92 2.37 -2.23
CA PHE A 20 2.30 3.67 -1.94
C PHE A 20 2.33 4.05 -0.43
N SER A 21 3.26 3.44 0.32
CA SER A 21 3.39 3.68 1.76
C SER A 21 4.77 4.30 2.08
N GLY A 22 4.95 4.68 3.37
CA GLY A 22 6.20 5.29 3.81
C GLY A 22 7.09 4.33 4.60
N LYS A 23 6.46 3.48 5.43
CA LYS A 23 7.18 2.52 6.28
C LYS A 23 7.47 1.20 5.51
N PRO A 24 8.38 0.29 6.01
CA PRO A 24 8.70 -0.99 5.34
C PRO A 24 7.57 -2.03 5.44
N ILE A 25 7.87 -3.32 5.12
CA ILE A 25 6.86 -4.40 5.17
C ILE A 25 6.56 -4.85 6.60
N GLU A 26 7.40 -4.44 7.57
CA GLU A 26 7.21 -4.82 8.97
C GLU A 26 6.27 -3.85 9.70
N THR A 27 6.70 -2.60 9.90
CA THR A 27 5.91 -1.60 10.62
C THR A 27 4.60 -1.23 9.90
N SER A 28 4.70 -0.78 8.63
CA SER A 28 3.54 -0.42 7.82
C SER A 28 2.45 -1.50 7.87
N TYR A 29 2.85 -2.72 7.48
CA TYR A 29 1.96 -3.89 7.49
C TYR A 29 1.60 -4.36 8.91
N SER A 30 2.30 -3.84 9.94
CA SER A 30 2.00 -4.20 11.33
C SER A 30 1.16 -3.10 11.99
N ALA A 31 0.91 -2.04 11.22
CA ALA A 31 0.13 -0.89 11.67
C ALA A 31 -1.33 -1.01 11.23
N LYS A 32 -2.24 -0.49 12.06
CA LYS A 32 -3.69 -0.55 11.76
C LYS A 32 -4.09 0.45 10.66
N GLY A 33 -4.76 -0.08 9.63
CA GLY A 33 -5.20 0.73 8.50
C GLY A 33 -4.12 0.98 7.46
N ILE A 34 -3.56 -0.11 6.92
CA ILE A 34 -2.51 -0.04 5.90
C ILE A 34 -3.10 0.24 4.50
N HIS A 35 -4.28 -0.36 4.22
CA HIS A 35 -4.97 -0.20 2.93
C HIS A 35 -5.48 1.24 2.69
N GLU A 36 -5.58 2.03 3.77
CA GLU A 36 -6.06 3.42 3.66
C GLU A 36 -4.90 4.43 3.70
N LYS A 37 -4.07 4.34 4.76
CA LYS A 37 -2.89 5.22 4.95
C LYS A 37 -1.93 5.26 3.73
N ILE A 38 -2.19 4.39 2.74
CA ILE A 38 -1.37 4.34 1.51
C ILE A 38 -1.62 5.54 0.58
N ILE A 39 -2.65 6.34 0.90
CA ILE A 39 -3.01 7.53 0.11
C ILE A 39 -2.84 8.81 0.97
N GLU A 40 -2.17 8.67 2.12
CA GLU A 40 -1.94 9.79 3.05
C GLU A 40 -0.65 10.54 2.72
N ALA A 41 0.37 9.80 2.26
CA ALA A 41 1.67 10.38 1.91
C ALA A 41 1.63 11.16 0.59
N HIS A 42 0.62 10.87 -0.24
CA HIS A 42 0.46 11.54 -1.54
C HIS A 42 -0.59 12.66 -1.45
N ASP A 43 -1.34 12.70 -0.34
CA ASP A 43 -2.37 13.72 -0.13
C ASP A 43 -1.84 14.85 0.75
N LEU A 44 -2.25 16.08 0.41
CA LEU A 44 -1.83 17.28 1.16
C LEU A 44 -3.04 18.16 1.48
N HIS A 45 -3.00 18.78 2.67
CA HIS A 45 -4.10 19.66 3.12
C HIS A 45 -3.57 21.00 3.61
N VAL A 46 -4.42 22.04 3.50
CA VAL A 46 -4.12 23.44 3.92
C VAL A 46 -2.71 23.92 3.51
N SER A 47 -2.65 24.68 2.42
CA SER A 47 -1.40 25.23 1.90
C SER A 47 -1.58 26.67 1.42
N LYS A 48 -0.84 27.59 2.04
CA LYS A 48 -0.91 29.01 1.70
C LYS A 48 0.51 29.58 1.54
N SER A 49 0.95 29.69 0.28
CA SER A 49 2.28 30.22 -0.05
C SER A 49 2.26 31.00 -1.36
N LYS A 50 1.22 30.77 -2.20
CA LYS A 50 1.02 31.44 -3.51
C LYS A 50 2.04 30.96 -4.57
N ASN A 51 3.06 30.21 -4.13
CA ASN A 51 4.08 29.69 -5.04
C ASN A 51 3.82 28.22 -5.34
N ALA A 52 3.76 27.89 -6.64
CA ALA A 52 3.51 26.52 -7.09
C ALA A 52 4.60 26.04 -8.07
N PRO A 53 4.94 24.72 -8.06
CA PRO A 53 5.97 24.16 -8.97
C PRO A 53 5.53 24.16 -10.45
N ILE A 54 6.43 23.71 -11.33
CA ILE A 54 6.15 23.66 -12.79
C ILE A 54 5.51 22.29 -13.15
N GLN A 55 4.55 21.86 -12.30
CA GLN A 55 3.79 20.58 -12.46
C GLN A 55 4.67 19.38 -12.85
N TYR A 56 4.90 18.49 -11.87
CA TYR A 56 5.72 17.29 -12.09
C TYR A 56 4.99 16.05 -11.58
N ALA A 57 4.87 15.04 -12.46
CA ALA A 57 4.20 13.80 -12.11
C ALA A 57 5.11 12.59 -12.38
N SER A 58 5.24 11.73 -11.36
CA SER A 58 6.08 10.53 -11.47
C SER A 58 5.22 9.27 -11.48
N VAL A 59 5.43 8.44 -12.51
CA VAL A 59 4.68 7.18 -12.65
C VAL A 59 5.55 6.01 -12.21
N MET A 60 5.05 5.25 -11.22
CA MET A 60 5.75 4.09 -10.68
C MET A 60 5.21 2.79 -11.28
N GLU A 61 6.06 1.77 -11.33
CA GLU A 61 5.68 0.46 -11.88
C GLU A 61 5.25 -0.50 -10.76
N TYR A 62 4.58 -1.60 -11.15
CA TYR A 62 4.09 -2.61 -10.21
C TYR A 62 5.23 -3.55 -9.76
N LEU A 63 4.95 -4.37 -8.74
CA LEU A 63 5.94 -5.32 -8.20
C LEU A 63 6.11 -6.54 -9.12
N LYS A 64 7.15 -6.49 -9.97
CA LYS A 64 7.44 -7.58 -10.91
C LYS A 64 8.94 -7.73 -11.14
N LYS A 65 9.63 -6.60 -11.36
CA LYS A 65 11.07 -6.59 -11.62
C LYS A 65 11.85 -5.95 -10.47
N THR A 66 11.28 -4.90 -9.87
CA THR A 66 11.91 -4.18 -8.75
C THR A 66 11.73 -4.92 -7.42
N TYR A 67 10.59 -5.59 -7.27
CA TYR A 67 10.28 -6.36 -6.07
C TYR A 67 9.89 -7.81 -6.43
N PRO A 68 10.84 -8.63 -6.99
CA PRO A 68 10.57 -10.02 -7.38
C PRO A 68 10.96 -11.06 -6.33
N GLY A 69 10.04 -12.01 -6.09
CA GLY A 69 10.28 -13.12 -5.14
C GLY A 69 10.22 -12.71 -3.67
N PRO A 70 11.40 -12.72 -2.92
CA PRO A 70 11.46 -12.37 -1.48
C PRO A 70 10.70 -11.09 -1.09
N ASP A 71 10.63 -10.13 -2.02
CA ASP A 71 9.93 -8.86 -1.80
C ASP A 71 8.42 -9.04 -1.76
N ILE A 72 7.91 -9.91 -2.65
CA ILE A 72 6.47 -10.21 -2.73
C ILE A 72 6.06 -11.18 -1.59
N GLU A 73 7.02 -12.02 -1.17
CA GLU A 73 6.81 -13.01 -0.09
C GLU A 73 6.50 -12.32 1.24
N ARG A 74 7.41 -11.43 1.70
CA ARG A 74 7.23 -10.69 2.96
C ARG A 74 5.92 -9.88 3.03
N ILE A 75 5.42 -9.43 1.87
CA ILE A 75 4.18 -8.64 1.81
C ILE A 75 2.95 -9.54 2.05
N VAL A 76 2.94 -10.70 1.41
CA VAL A 76 1.84 -11.68 1.54
C VAL A 76 1.96 -12.46 2.87
N SER A 77 3.21 -12.56 3.37
CA SER A 77 3.50 -13.30 4.62
C SER A 77 3.26 -12.44 5.87
N THR A 78 3.22 -11.12 5.70
CA THR A 78 2.99 -10.19 6.81
C THR A 78 1.51 -9.78 6.87
N LEU A 79 0.84 -9.79 5.71
CA LEU A 79 -0.58 -9.42 5.62
C LEU A 79 -1.47 -10.60 6.05
N GLU A 80 -1.04 -11.84 5.72
CA GLU A 80 -1.79 -13.06 6.09
C GLU A 80 -1.68 -13.36 7.60
N ARG A 81 -0.93 -12.53 8.33
CA ARG A 81 -0.74 -12.69 9.77
C ARG A 81 -1.73 -11.78 10.51
N HIS A 82 -1.44 -10.46 10.56
CA HIS A 82 -2.31 -9.44 11.19
C HIS A 82 -3.79 -9.60 10.80
N ASP A 83 -4.03 -9.96 9.52
CA ASP A 83 -5.39 -10.18 8.96
C ASP A 83 -6.16 -8.85 8.84
N GLU A 84 -5.80 -8.09 7.80
CA GLU A 84 -6.43 -6.79 7.52
C GLU A 84 -7.71 -7.01 6.70
N VAL A 85 -8.84 -6.53 7.23
CA VAL A 85 -10.15 -6.69 6.56
C VAL A 85 -10.34 -5.71 5.40
N GLY A 86 -9.65 -4.56 5.45
CA GLY A 86 -9.75 -3.57 4.38
C GLY A 86 -8.72 -3.85 3.29
N ALA A 87 -7.62 -4.48 3.68
CA ALA A 87 -6.53 -4.83 2.77
C ALA A 87 -6.60 -6.31 2.38
N LYS A 88 -7.59 -7.06 2.94
CA LYS A 88 -7.78 -8.49 2.65
C LYS A 88 -7.86 -8.79 1.14
N ASP A 89 -8.41 -7.84 0.36
CA ASP A 89 -8.54 -7.98 -1.10
C ASP A 89 -7.19 -7.75 -1.79
N LEU A 90 -6.45 -6.75 -1.30
CA LEU A 90 -5.13 -6.38 -1.84
C LEU A 90 -4.12 -7.52 -1.60
N GLY A 91 -3.88 -7.82 -0.32
CA GLY A 91 -2.96 -8.90 0.09
C GLY A 91 -3.25 -10.25 -0.56
N ALA A 92 -4.53 -10.68 -0.54
CA ALA A 92 -4.93 -11.96 -1.13
C ALA A 92 -4.61 -12.07 -2.62
N LYS A 93 -4.85 -10.98 -3.38
CA LYS A 93 -4.54 -10.97 -4.82
C LYS A 93 -3.06 -11.18 -5.07
N LEU A 94 -2.21 -10.54 -4.24
CA LEU A 94 -0.76 -10.70 -4.35
C LEU A 94 -0.33 -12.15 -4.09
N ARG A 95 -1.00 -12.83 -3.14
CA ARG A 95 -0.71 -14.23 -2.83
C ARG A 95 -1.53 -15.20 -3.72
N ASP A 96 -2.32 -14.65 -4.66
CA ASP A 96 -3.14 -15.47 -5.55
C ASP A 96 -2.77 -15.24 -7.02
N ALA A 97 -1.96 -14.22 -7.27
CA ALA A 97 -1.51 -13.88 -8.63
C ALA A 97 -0.19 -14.59 -8.96
N LEU A 98 0.41 -15.21 -7.94
CA LEU A 98 1.67 -15.94 -8.08
C LEU A 98 1.44 -17.45 -7.99
N ASP A 99 0.56 -17.87 -7.06
CA ASP A 99 0.25 -19.28 -6.86
C ASP A 99 -0.93 -19.71 -7.73
N ARG A 100 -0.74 -20.80 -8.49
CA ARG A 100 -1.75 -21.34 -9.38
C ARG A 100 -1.97 -22.84 -9.13
N GLN A 101 -0.87 -23.57 -8.96
CA GLN A 101 -0.93 -25.02 -8.72
C GLN A 101 -0.21 -25.38 -7.41
N SER A 1 12.48 30.81 -8.85
CA SER A 1 13.34 29.80 -9.50
C SER A 1 13.07 28.41 -8.94
N PHE A 2 13.19 27.38 -9.81
CA PHE A 2 12.97 25.96 -9.46
C PHE A 2 11.53 25.70 -9.03
N GLY A 3 10.88 24.73 -9.69
CA GLY A 3 9.51 24.37 -9.39
C GLY A 3 9.10 23.06 -10.03
N LEU A 4 8.35 22.24 -9.27
CA LEU A 4 7.88 20.95 -9.75
C LEU A 4 6.42 21.02 -10.19
N GLY A 5 5.59 21.69 -9.39
CA GLY A 5 4.17 21.82 -9.70
C GLY A 5 3.27 21.27 -8.62
N LYS A 6 3.66 20.10 -8.07
CA LYS A 6 2.88 19.44 -7.01
C LYS A 6 3.39 19.84 -5.63
N ALA A 7 2.47 19.90 -4.66
CA ALA A 7 2.79 20.28 -3.29
C ALA A 7 2.73 19.07 -2.36
N GLN A 8 3.84 18.81 -1.66
CA GLN A 8 3.94 17.68 -0.73
C GLN A 8 4.61 18.10 0.60
N ASP A 9 4.78 19.42 0.78
CA ASP A 9 5.41 19.99 1.98
C ASP A 9 4.42 20.19 3.15
N PRO A 10 3.10 20.51 2.92
CA PRO A 10 2.12 20.71 4.03
C PRO A 10 1.77 19.41 4.76
N LEU A 11 1.86 18.28 4.06
CA LEU A 11 1.56 16.97 4.63
C LEU A 11 2.84 16.26 5.09
N ASP A 12 2.90 15.92 6.38
CA ASP A 12 4.05 15.24 6.96
C ASP A 12 3.65 14.10 7.90
N LYS A 13 2.48 14.25 8.55
CA LYS A 13 1.97 13.25 9.49
C LYS A 13 1.05 12.23 8.81
N PHE A 14 0.75 12.45 7.53
CA PHE A 14 -0.11 11.56 6.76
C PHE A 14 0.70 10.69 5.79
N PHE A 15 1.67 11.32 5.08
CA PHE A 15 2.55 10.64 4.11
C PHE A 15 1.77 10.04 2.92
N SER A 16 2.42 10.02 1.76
CA SER A 16 1.82 9.48 0.54
C SER A 16 2.33 8.08 0.23
N LYS A 17 3.64 7.87 0.39
CA LYS A 17 4.27 6.58 0.13
C LYS A 17 5.18 6.17 1.29
N ILE A 18 5.14 4.88 1.64
CA ILE A 18 5.96 4.34 2.73
C ILE A 18 6.90 3.24 2.20
N ILE A 19 6.50 2.58 1.10
CA ILE A 19 7.30 1.53 0.47
C ILE A 19 8.60 2.07 -0.16
N PHE A 20 8.63 3.39 -0.42
CA PHE A 20 9.79 4.04 -1.01
C PHE A 20 10.44 5.03 -0.03
N SER A 21 10.14 4.86 1.27
CA SER A 21 10.69 5.71 2.33
C SER A 21 12.04 5.18 2.82
N GLY A 22 12.14 3.85 2.95
CA GLY A 22 13.36 3.21 3.41
C GLY A 22 13.22 1.70 3.44
N LYS A 23 12.95 1.15 4.63
CA LYS A 23 12.77 -0.29 4.81
C LYS A 23 11.58 -0.63 5.75
N PRO A 24 10.51 0.23 5.84
CA PRO A 24 9.36 -0.04 6.72
C PRO A 24 8.28 -0.90 6.05
N ILE A 25 8.26 -2.19 6.38
CA ILE A 25 7.29 -3.14 5.83
C ILE A 25 6.89 -4.21 6.87
N GLU A 26 7.36 -4.04 8.12
CA GLU A 26 7.06 -4.95 9.21
C GLU A 26 5.89 -4.42 10.05
N THR A 27 6.16 -3.41 10.89
CA THR A 27 5.12 -2.80 11.76
C THR A 27 4.07 -2.09 10.90
N SER A 28 4.51 -1.08 10.13
CA SER A 28 3.65 -0.31 9.21
C SER A 28 2.71 -1.21 8.39
N TYR A 29 3.23 -2.36 7.95
CA TYR A 29 2.45 -3.31 7.17
C TYR A 29 1.71 -4.35 8.05
N SER A 30 2.03 -4.37 9.36
CA SER A 30 1.38 -5.29 10.29
C SER A 30 0.20 -4.59 11.01
N ALA A 31 0.07 -3.28 10.77
CA ALA A 31 -1.00 -2.47 11.37
C ALA A 31 -2.30 -2.60 10.58
N LYS A 32 -3.44 -2.48 11.28
CA LYS A 32 -4.77 -2.58 10.66
C LYS A 32 -5.09 -1.31 9.86
N GLY A 33 -4.67 -1.30 8.60
CA GLY A 33 -4.90 -0.18 7.71
C GLY A 33 -3.64 0.21 6.95
N ILE A 34 -3.15 -0.71 6.11
CA ILE A 34 -1.94 -0.48 5.31
C ILE A 34 -2.28 -0.23 3.82
N HIS A 35 -3.51 -0.56 3.40
CA HIS A 35 -3.90 -0.37 2.00
C HIS A 35 -4.83 0.84 1.83
N GLU A 36 -6.09 0.71 2.23
CA GLU A 36 -7.07 1.81 2.09
C GLU A 36 -7.20 2.63 3.37
N LYS A 37 -6.05 3.10 3.88
CA LYS A 37 -6.02 3.94 5.09
C LYS A 37 -5.36 5.28 4.76
N ILE A 38 -4.40 5.24 3.82
CA ILE A 38 -3.67 6.45 3.39
C ILE A 38 -4.50 7.29 2.40
N ILE A 39 -5.40 6.61 1.68
CA ILE A 39 -6.28 7.26 0.70
C ILE A 39 -7.65 7.59 1.30
N GLU A 40 -7.86 7.21 2.57
CA GLU A 40 -9.12 7.47 3.29
C GLU A 40 -9.17 8.90 3.83
N ALA A 41 -8.00 9.44 4.20
CA ALA A 41 -7.89 10.80 4.74
C ALA A 41 -7.89 11.86 3.62
N HIS A 42 -7.99 11.40 2.36
CA HIS A 42 -8.01 12.29 1.19
C HIS A 42 -9.30 12.14 0.38
N ASP A 43 -10.04 11.06 0.66
CA ASP A 43 -11.30 10.78 -0.05
C ASP A 43 -12.51 11.39 0.69
N LEU A 44 -12.53 11.23 2.02
CA LEU A 44 -13.62 11.76 2.85
C LEU A 44 -13.21 13.07 3.52
N HIS A 45 -11.98 13.11 4.05
CA HIS A 45 -11.47 14.30 4.73
C HIS A 45 -10.55 15.10 3.80
N VAL A 46 -10.59 16.44 3.92
CA VAL A 46 -9.77 17.38 3.12
C VAL A 46 -10.16 17.31 1.63
N SER A 47 -10.41 18.49 1.04
CA SER A 47 -10.80 18.64 -0.39
C SER A 47 -12.13 17.97 -0.71
N LYS A 48 -12.85 18.52 -1.69
CA LYS A 48 -14.16 17.99 -2.11
C LYS A 48 -14.00 17.10 -3.35
N SER A 49 -14.82 16.05 -3.41
CA SER A 49 -14.79 15.11 -4.53
C SER A 49 -15.93 15.37 -5.50
N LYS A 50 -15.62 15.30 -6.79
CA LYS A 50 -16.61 15.53 -7.85
C LYS A 50 -16.92 14.24 -8.60
N ASN A 51 -15.87 13.47 -8.92
CA ASN A 51 -16.01 12.20 -9.64
C ASN A 51 -15.25 11.08 -8.92
N ALA A 52 -15.71 9.84 -9.10
CA ALA A 52 -15.08 8.67 -8.48
C ALA A 52 -14.01 8.03 -9.37
N PRO A 53 -14.27 7.77 -10.71
CA PRO A 53 -13.28 7.15 -11.60
C PRO A 53 -12.40 8.19 -12.32
N ILE A 54 -11.09 8.13 -12.04
CA ILE A 54 -10.13 9.05 -12.67
C ILE A 54 -8.78 8.35 -12.87
N GLN A 55 -8.42 8.11 -14.14
CA GLN A 55 -7.15 7.46 -14.49
C GLN A 55 -6.50 8.14 -15.71
N TYR A 56 -7.24 9.06 -16.36
CA TYR A 56 -6.74 9.78 -17.53
C TYR A 56 -6.01 11.07 -17.15
N ALA A 57 -6.00 11.39 -15.85
CA ALA A 57 -5.34 12.59 -15.34
C ALA A 57 -3.92 12.30 -14.86
N SER A 58 -3.76 11.22 -14.07
CA SER A 58 -2.44 10.83 -13.55
C SER A 58 -2.25 9.32 -13.64
N VAL A 59 -1.07 8.91 -14.08
CA VAL A 59 -0.73 7.48 -14.21
C VAL A 59 0.71 7.22 -13.71
N MET A 60 0.83 6.32 -12.73
CA MET A 60 2.13 5.96 -12.15
C MET A 60 2.21 4.45 -11.92
N GLU A 61 3.44 3.94 -11.76
CA GLU A 61 3.69 2.52 -11.52
C GLU A 61 3.71 2.21 -10.02
N TYR A 62 3.12 1.06 -9.66
CA TYR A 62 3.06 0.63 -8.27
C TYR A 62 3.82 -0.70 -8.06
N LEU A 63 3.73 -1.26 -6.83
CA LEU A 63 4.39 -2.52 -6.47
C LEU A 63 4.04 -3.68 -7.41
N LYS A 64 4.91 -3.90 -8.42
CA LYS A 64 4.73 -4.99 -9.39
C LYS A 64 5.94 -5.15 -10.31
N LYS A 65 6.73 -4.06 -10.50
CA LYS A 65 7.94 -4.08 -11.36
C LYS A 65 8.88 -5.23 -10.95
N THR A 66 8.90 -5.51 -9.65
CA THR A 66 9.69 -6.59 -9.07
C THR A 66 8.77 -7.44 -8.16
N TYR A 67 7.57 -7.76 -8.68
CA TYR A 67 6.55 -8.53 -7.96
C TYR A 67 7.05 -9.90 -7.47
N PRO A 68 7.76 -10.72 -8.29
CA PRO A 68 8.29 -12.02 -7.84
C PRO A 68 9.58 -11.87 -7.00
N GLY A 69 9.62 -10.82 -6.17
CA GLY A 69 10.78 -10.55 -5.34
C GLY A 69 10.54 -10.73 -3.84
N PRO A 70 11.52 -10.32 -2.97
CA PRO A 70 11.41 -10.44 -1.50
C PRO A 70 10.48 -9.41 -0.87
N ASP A 71 10.51 -8.18 -1.42
CA ASP A 71 9.68 -7.06 -0.91
C ASP A 71 8.17 -7.36 -1.04
N ILE A 72 7.82 -8.32 -1.91
CA ILE A 72 6.42 -8.70 -2.12
C ILE A 72 6.02 -9.84 -1.17
N GLU A 73 6.80 -10.93 -1.13
CA GLU A 73 6.55 -12.08 -0.20
C GLU A 73 6.34 -11.60 1.25
N ARG A 74 6.96 -10.46 1.60
CA ARG A 74 6.81 -9.86 2.92
C ARG A 74 5.40 -9.25 3.06
N ILE A 75 4.89 -8.70 1.94
CA ILE A 75 3.53 -8.11 1.88
C ILE A 75 2.47 -9.14 2.26
N VAL A 76 2.49 -10.32 1.59
CA VAL A 76 1.52 -11.40 1.87
C VAL A 76 1.60 -11.87 3.33
N SER A 77 2.81 -12.27 3.77
CA SER A 77 3.05 -12.73 5.14
C SER A 77 2.63 -11.70 6.21
N THR A 78 3.11 -10.45 6.08
CA THR A 78 2.78 -9.37 7.03
C THR A 78 1.30 -8.94 6.99
N LEU A 79 0.58 -9.28 5.90
CA LEU A 79 -0.83 -8.91 5.77
C LEU A 79 -1.74 -9.97 6.39
N GLU A 80 -1.44 -11.26 6.12
CA GLU A 80 -2.22 -12.38 6.65
C GLU A 80 -1.88 -12.71 8.11
N ARG A 81 -0.91 -11.96 8.67
CA ARG A 81 -0.48 -12.15 10.06
C ARG A 81 -1.46 -11.50 11.05
N HIS A 82 -1.80 -10.22 10.81
CA HIS A 82 -2.73 -9.49 11.67
C HIS A 82 -4.19 -9.67 11.21
N ASP A 83 -4.41 -9.74 9.87
CA ASP A 83 -5.72 -9.94 9.25
C ASP A 83 -6.60 -8.69 9.31
N GLU A 84 -6.44 -7.86 8.28
CA GLU A 84 -7.20 -6.62 8.15
C GLU A 84 -8.11 -6.68 6.91
N VAL A 85 -9.24 -5.95 6.98
CA VAL A 85 -10.25 -5.93 5.89
C VAL A 85 -9.83 -5.07 4.69
N GLY A 86 -9.30 -3.86 4.96
CA GLY A 86 -8.90 -2.94 3.89
C GLY A 86 -7.67 -3.38 3.08
N ALA A 87 -7.14 -4.55 3.42
CA ALA A 87 -5.96 -5.11 2.74
C ALA A 87 -6.13 -6.61 2.47
N LYS A 88 -7.17 -7.25 3.08
CA LYS A 88 -7.47 -8.68 2.90
C LYS A 88 -7.59 -9.06 1.42
N ASP A 89 -8.26 -8.19 0.64
CA ASP A 89 -8.43 -8.41 -0.81
C ASP A 89 -7.11 -8.25 -1.57
N LEU A 90 -6.35 -7.21 -1.18
CA LEU A 90 -5.04 -6.91 -1.79
C LEU A 90 -4.03 -8.05 -1.52
N GLY A 91 -3.91 -8.43 -0.24
CA GLY A 91 -2.99 -9.50 0.17
C GLY A 91 -3.27 -10.83 -0.49
N ALA A 92 -4.56 -11.16 -0.68
CA ALA A 92 -4.97 -12.43 -1.32
C ALA A 92 -4.59 -12.44 -2.80
N LYS A 93 -4.71 -11.30 -3.48
CA LYS A 93 -4.35 -11.17 -4.89
C LYS A 93 -2.84 -11.34 -5.08
N LEU A 94 -2.07 -10.86 -4.09
CA LEU A 94 -0.61 -10.99 -4.09
C LEU A 94 -0.20 -12.47 -3.97
N ARG A 95 -0.92 -13.22 -3.11
CA ARG A 95 -0.67 -14.66 -2.93
C ARG A 95 -1.00 -15.44 -4.21
N ASP A 96 -2.06 -15.02 -4.91
CA ASP A 96 -2.50 -15.65 -6.16
C ASP A 96 -1.76 -15.09 -7.37
N ALA A 97 -0.83 -14.16 -7.13
CA ALA A 97 -0.01 -13.58 -8.21
C ALA A 97 0.88 -14.67 -8.80
N LEU A 98 0.48 -15.15 -10.00
CA LEU A 98 1.18 -16.24 -10.72
C LEU A 98 0.76 -17.62 -10.18
N ASP A 99 0.37 -17.68 -8.89
CA ASP A 99 -0.04 -18.94 -8.26
C ASP A 99 -1.56 -19.10 -8.31
N ARG A 100 -2.00 -20.30 -8.69
CA ARG A 100 -3.42 -20.61 -8.77
C ARG A 100 -3.76 -21.90 -8.02
N GLN A 101 -2.90 -22.92 -8.18
CA GLN A 101 -3.09 -24.21 -7.52
C GLN A 101 -1.83 -24.62 -6.76
N SER A 1 19.97 11.98 -26.72
CA SER A 1 20.13 13.41 -26.33
C SER A 1 18.90 13.92 -25.57
N PHE A 2 17.71 13.53 -26.04
CA PHE A 2 16.45 13.93 -25.41
C PHE A 2 15.90 12.82 -24.51
N GLY A 3 15.90 11.59 -25.03
CA GLY A 3 15.40 10.45 -24.27
C GLY A 3 13.95 10.13 -24.57
N LEU A 4 13.10 10.21 -23.55
CA LEU A 4 11.67 9.94 -23.69
C LEU A 4 10.83 11.16 -23.31
N GLY A 5 11.22 11.83 -22.22
CA GLY A 5 10.51 13.02 -21.76
C GLY A 5 10.98 13.48 -20.40
N LYS A 6 11.88 14.48 -20.39
CA LYS A 6 12.43 15.03 -19.16
C LYS A 6 11.72 16.34 -18.78
N ALA A 7 11.77 16.69 -17.48
CA ALA A 7 11.13 17.91 -16.93
C ALA A 7 9.63 17.94 -17.18
N GLN A 8 8.86 17.61 -16.14
CA GLN A 8 7.39 17.59 -16.20
C GLN A 8 6.78 18.08 -14.88
N ASP A 9 5.48 18.35 -14.89
CA ASP A 9 4.76 18.82 -13.70
C ASP A 9 3.80 17.73 -13.17
N PRO A 10 4.32 16.71 -12.41
CA PRO A 10 3.50 15.62 -11.86
C PRO A 10 2.83 16.01 -10.52
N LEU A 11 2.26 15.02 -9.82
CA LEU A 11 1.58 15.22 -8.54
C LEU A 11 2.60 15.51 -7.42
N ASP A 12 2.11 16.00 -6.27
CA ASP A 12 2.97 16.34 -5.12
C ASP A 12 3.62 15.08 -4.49
N LYS A 13 2.78 14.08 -4.18
CA LYS A 13 3.26 12.84 -3.58
C LYS A 13 2.58 11.62 -4.22
N PHE A 14 3.30 10.98 -5.15
CA PHE A 14 2.80 9.80 -5.86
C PHE A 14 3.68 8.57 -5.63
N PHE A 15 4.90 8.81 -5.09
CA PHE A 15 5.85 7.74 -4.82
C PHE A 15 6.04 7.56 -3.32
N SER A 16 5.90 6.32 -2.85
CA SER A 16 6.06 5.99 -1.43
C SER A 16 7.48 5.51 -1.15
N LYS A 17 8.05 6.02 -0.06
CA LYS A 17 9.42 5.67 0.35
C LYS A 17 9.45 4.50 1.35
N ILE A 18 8.26 3.98 1.70
CA ILE A 18 8.15 2.87 2.65
C ILE A 18 8.17 1.51 1.94
N ILE A 19 7.61 1.46 0.71
CA ILE A 19 7.55 0.22 -0.09
C ILE A 19 8.95 -0.14 -0.65
N PHE A 20 9.81 0.88 -0.81
CA PHE A 20 11.17 0.69 -1.30
C PHE A 20 12.18 0.80 -0.16
N SER A 21 11.68 0.69 1.07
CA SER A 21 12.51 0.79 2.29
C SER A 21 13.10 -0.57 2.67
N GLY A 22 14.13 -0.56 3.51
CA GLY A 22 14.80 -1.79 3.94
C GLY A 22 14.07 -2.49 5.09
N LYS A 23 14.01 -1.82 6.25
CA LYS A 23 13.35 -2.38 7.43
C LYS A 23 11.86 -2.00 7.51
N PRO A 24 11.45 -0.70 7.30
CA PRO A 24 10.03 -0.29 7.36
C PRO A 24 9.21 -0.77 6.16
N ILE A 25 8.55 -1.93 6.34
CA ILE A 25 7.70 -2.56 5.32
C ILE A 25 6.64 -3.45 5.99
N GLU A 26 7.04 -4.11 7.09
CA GLU A 26 6.14 -4.98 7.85
C GLU A 26 5.45 -4.19 8.96
N THR A 27 6.15 -3.14 9.43
CA THR A 27 5.66 -2.26 10.50
C THR A 27 4.47 -1.41 10.04
N SER A 28 4.68 -0.55 9.03
CA SER A 28 3.61 0.31 8.51
C SER A 28 2.82 -0.44 7.44
N TYR A 29 2.30 -1.52 7.91
CA TYR A 29 1.49 -2.49 7.17
C TYR A 29 0.71 -3.26 8.23
N SER A 30 1.43 -3.57 9.32
CA SER A 30 0.90 -4.23 10.52
C SER A 30 -0.01 -3.26 11.29
N ALA A 31 0.22 -1.96 11.06
CA ALA A 31 -0.54 -0.87 11.69
C ALA A 31 -1.99 -0.76 11.18
N LYS A 32 -2.39 -1.65 10.26
CA LYS A 32 -3.74 -1.66 9.65
C LYS A 32 -4.07 -0.36 8.91
N GLY A 33 -4.95 -0.46 7.90
CA GLY A 33 -5.35 0.70 7.11
C GLY A 33 -4.43 0.92 5.91
N ILE A 34 -3.44 0.02 5.74
CA ILE A 34 -2.46 0.08 4.64
C ILE A 34 -3.10 -0.08 3.22
N HIS A 35 -4.38 -0.43 3.15
CA HIS A 35 -5.08 -0.59 1.87
C HIS A 35 -5.72 0.73 1.42
N GLU A 36 -4.91 1.79 1.41
CA GLU A 36 -5.34 3.14 0.99
C GLU A 36 -4.19 3.88 0.28
N LYS A 37 -2.98 3.74 0.85
CA LYS A 37 -1.77 4.37 0.31
C LYS A 37 -1.15 3.54 -0.84
N ILE A 38 -1.74 2.39 -1.12
CA ILE A 38 -1.26 1.50 -2.19
C ILE A 38 -2.18 1.61 -3.43
N ILE A 39 -3.19 2.49 -3.36
CA ILE A 39 -4.14 2.69 -4.47
C ILE A 39 -4.01 4.10 -5.08
N GLU A 40 -3.37 5.04 -4.36
CA GLU A 40 -3.20 6.41 -4.83
C GLU A 40 -1.78 6.63 -5.38
N ALA A 41 -0.78 6.11 -4.65
CA ALA A 41 0.63 6.24 -5.04
C ALA A 41 1.04 5.17 -6.08
N HIS A 42 0.39 4.01 -6.01
CA HIS A 42 0.64 2.90 -6.93
C HIS A 42 -0.26 2.98 -8.17
N ASP A 43 -1.20 3.95 -8.16
CA ASP A 43 -2.14 4.16 -9.26
C ASP A 43 -1.43 4.65 -10.53
N LEU A 44 -1.71 3.98 -11.65
CA LEU A 44 -1.10 4.31 -12.95
C LEU A 44 -1.99 5.26 -13.77
N HIS A 45 -1.44 5.74 -14.91
CA HIS A 45 -2.14 6.68 -15.84
C HIS A 45 -2.40 8.03 -15.18
N VAL A 46 -1.79 9.08 -15.74
CA VAL A 46 -1.93 10.45 -15.24
C VAL A 46 -1.91 11.49 -16.38
N SER A 47 -1.81 11.02 -17.63
CA SER A 47 -1.77 11.89 -18.81
C SER A 47 -3.17 12.22 -19.31
N LYS A 48 -3.29 13.37 -19.98
CA LYS A 48 -4.58 13.85 -20.51
C LYS A 48 -4.76 13.41 -21.97
N SER A 49 -5.62 12.40 -22.18
CA SER A 49 -5.91 11.86 -23.51
C SER A 49 -7.37 11.41 -23.61
N LYS A 50 -7.85 10.72 -22.56
CA LYS A 50 -9.22 10.22 -22.52
C LYS A 50 -10.11 11.14 -21.67
N ASN A 51 -11.40 11.19 -22.02
CA ASN A 51 -12.36 12.03 -21.31
C ASN A 51 -13.34 11.18 -20.48
N ALA A 52 -13.36 9.87 -20.75
CA ALA A 52 -14.26 8.94 -20.04
C ALA A 52 -13.57 8.33 -18.81
N PRO A 53 -14.32 8.03 -17.71
CA PRO A 53 -13.77 7.45 -16.48
C PRO A 53 -13.37 5.97 -16.63
N ILE A 54 -12.60 5.46 -15.67
CA ILE A 54 -12.14 4.06 -15.69
C ILE A 54 -13.06 3.20 -14.82
N GLN A 55 -13.63 2.16 -15.44
CA GLN A 55 -14.54 1.24 -14.74
C GLN A 55 -13.88 -0.11 -14.49
N TYR A 56 -13.17 -0.62 -15.50
CA TYR A 56 -12.47 -1.91 -15.39
C TYR A 56 -10.98 -1.75 -15.68
N ALA A 57 -10.17 -2.67 -15.14
CA ALA A 57 -8.72 -2.66 -15.33
C ALA A 57 -8.30 -3.54 -16.51
N SER A 58 -7.52 -2.96 -17.41
CA SER A 58 -7.04 -3.68 -18.60
C SER A 58 -5.50 -3.58 -18.73
N VAL A 59 -4.86 -2.96 -17.72
CA VAL A 59 -3.41 -2.79 -17.70
C VAL A 59 -2.72 -3.97 -16.97
N MET A 60 -1.44 -4.16 -17.25
CA MET A 60 -0.65 -5.25 -16.65
C MET A 60 -0.09 -4.82 -15.28
N GLU A 61 0.37 -5.81 -14.50
CA GLU A 61 0.94 -5.57 -13.16
C GLU A 61 2.41 -5.17 -13.24
N TYR A 62 2.83 -4.29 -12.32
CA TYR A 62 4.21 -3.82 -12.27
C TYR A 62 5.04 -4.60 -11.23
N LEU A 63 4.35 -5.11 -10.19
CA LEU A 63 5.00 -5.86 -9.12
C LEU A 63 5.10 -7.36 -9.47
N LYS A 64 5.35 -7.67 -10.76
CA LYS A 64 5.47 -9.07 -11.21
C LYS A 64 6.46 -9.22 -12.38
N LYS A 65 7.09 -8.10 -12.81
CA LYS A 65 8.05 -8.14 -13.93
C LYS A 65 9.48 -8.33 -13.43
N THR A 66 9.92 -7.47 -12.51
CA THR A 66 11.27 -7.54 -11.95
C THR A 66 11.25 -7.28 -10.43
N TYR A 67 10.05 -7.21 -9.86
CA TYR A 67 9.84 -6.95 -8.44
C TYR A 67 9.82 -8.25 -7.60
N PRO A 68 9.34 -9.44 -8.15
CA PRO A 68 9.30 -10.73 -7.39
C PRO A 68 10.57 -11.02 -6.60
N GLY A 69 10.40 -11.16 -5.28
CA GLY A 69 11.52 -11.44 -4.40
C GLY A 69 11.19 -11.22 -2.93
N PRO A 70 12.18 -10.78 -2.08
CA PRO A 70 11.94 -10.53 -0.64
C PRO A 70 10.94 -9.42 -0.35
N ASP A 71 10.74 -8.52 -1.33
CA ASP A 71 9.81 -7.39 -1.20
C ASP A 71 8.34 -7.87 -1.24
N ILE A 72 8.01 -8.69 -2.25
CA ILE A 72 6.64 -9.24 -2.41
C ILE A 72 6.37 -10.33 -1.36
N GLU A 73 7.42 -11.09 -1.02
CA GLU A 73 7.33 -12.16 0.00
C GLU A 73 6.82 -11.62 1.33
N ARG A 74 7.42 -10.50 1.78
CA ARG A 74 7.02 -9.83 3.04
C ARG A 74 5.60 -9.24 2.99
N ILE A 75 5.19 -8.71 1.82
CA ILE A 75 3.84 -8.10 1.68
C ILE A 75 2.75 -9.16 1.95
N VAL A 76 2.82 -10.27 1.22
CA VAL A 76 1.87 -11.39 1.36
C VAL A 76 1.97 -12.07 2.74
N SER A 77 3.17 -12.00 3.35
CA SER A 77 3.43 -12.61 4.65
C SER A 77 2.99 -11.72 5.82
N THR A 78 2.70 -10.44 5.53
CA THR A 78 2.26 -9.48 6.55
C THR A 78 0.73 -9.45 6.65
N LEU A 79 0.06 -9.45 5.48
CA LEU A 79 -1.42 -9.41 5.44
C LEU A 79 -2.02 -10.78 5.74
N GLU A 80 -1.37 -11.85 5.26
CA GLU A 80 -1.84 -13.23 5.50
C GLU A 80 -1.50 -13.70 6.93
N ARG A 81 -1.00 -12.77 7.75
CA ARG A 81 -0.65 -13.05 9.14
C ARG A 81 -1.68 -12.38 10.07
N HIS A 82 -1.52 -11.06 10.30
CA HIS A 82 -2.43 -10.25 11.13
C HIS A 82 -3.92 -10.48 10.78
N ASP A 83 -4.20 -10.66 9.47
CA ASP A 83 -5.56 -10.89 8.94
C ASP A 83 -6.47 -9.67 9.15
N GLU A 84 -6.15 -8.59 8.43
CA GLU A 84 -6.92 -7.34 8.48
C GLU A 84 -8.05 -7.36 7.46
N VAL A 85 -9.27 -7.05 7.93
CA VAL A 85 -10.49 -7.08 7.10
C VAL A 85 -10.56 -5.90 6.09
N GLY A 86 -9.76 -4.85 6.28
CA GLY A 86 -9.78 -3.72 5.37
C GLY A 86 -8.84 -3.92 4.18
N ALA A 87 -7.75 -4.63 4.42
CA ALA A 87 -6.75 -4.94 3.39
C ALA A 87 -6.78 -6.43 3.02
N LYS A 88 -7.75 -7.17 3.59
CA LYS A 88 -7.93 -8.61 3.35
C LYS A 88 -7.87 -9.00 1.85
N ASP A 89 -8.44 -8.13 1.00
CA ASP A 89 -8.47 -8.34 -0.44
C ASP A 89 -7.11 -8.07 -1.07
N LEU A 90 -6.44 -7.00 -0.61
CA LEU A 90 -5.12 -6.61 -1.09
C LEU A 90 -4.09 -7.75 -0.92
N GLY A 91 -3.97 -8.25 0.32
CA GLY A 91 -3.06 -9.34 0.63
C GLY A 91 -3.34 -10.63 -0.14
N ALA A 92 -4.55 -11.18 0.02
CA ALA A 92 -4.94 -12.44 -0.65
C ALA A 92 -4.81 -12.36 -2.18
N LYS A 93 -5.23 -11.25 -2.78
CA LYS A 93 -5.13 -11.07 -4.25
C LYS A 93 -3.68 -11.10 -4.71
N LEU A 94 -2.78 -10.54 -3.89
CA LEU A 94 -1.34 -10.52 -4.20
C LEU A 94 -0.73 -11.93 -4.17
N ARG A 95 -1.22 -12.79 -3.27
CA ARG A 95 -0.71 -14.18 -3.18
C ARG A 95 -1.57 -15.14 -4.02
N ASP A 96 -2.63 -14.62 -4.65
CA ASP A 96 -3.52 -15.45 -5.48
C ASP A 96 -3.30 -15.15 -6.97
N ALA A 97 -2.07 -14.75 -7.32
CA ALA A 97 -1.70 -14.43 -8.71
C ALA A 97 -1.39 -15.69 -9.52
N LEU A 98 -1.30 -16.82 -8.84
CA LEU A 98 -1.01 -18.11 -9.48
C LEU A 98 -2.30 -18.93 -9.62
N ASP A 99 -2.99 -19.11 -8.47
CA ASP A 99 -4.28 -19.88 -8.37
C ASP A 99 -4.30 -21.20 -9.19
N ARG A 100 -4.51 -21.09 -10.51
CA ARG A 100 -4.56 -22.25 -11.40
C ARG A 100 -3.61 -22.07 -12.59
N GLN A 101 -3.53 -20.83 -13.10
CA GLN A 101 -2.66 -20.50 -14.23
C GLN A 101 -1.30 -19.99 -13.75
N SER A 1 -18.94 7.05 -5.13
CA SER A 1 -17.97 6.00 -5.49
C SER A 1 -17.30 5.41 -4.25
N PHE A 2 -17.39 4.08 -4.11
CA PHE A 2 -16.80 3.37 -2.96
C PHE A 2 -16.08 2.09 -3.40
N GLY A 3 -16.69 1.36 -4.35
CA GLY A 3 -16.12 0.11 -4.84
C GLY A 3 -15.24 0.30 -6.07
N LEU A 4 -15.52 1.35 -6.86
CA LEU A 4 -14.76 1.66 -8.08
C LEU A 4 -13.61 2.64 -7.79
N GLY A 5 -13.90 3.67 -6.98
CA GLY A 5 -12.89 4.67 -6.64
C GLY A 5 -13.42 6.08 -6.71
N LYS A 6 -13.11 6.87 -5.69
CA LYS A 6 -13.55 8.27 -5.61
C LYS A 6 -12.39 9.22 -5.92
N ALA A 7 -12.59 10.09 -6.93
CA ALA A 7 -11.58 11.09 -7.37
C ALA A 7 -10.31 10.43 -7.93
N GLN A 8 -9.57 11.17 -8.77
CA GLN A 8 -8.35 10.67 -9.38
C GLN A 8 -7.12 11.04 -8.52
N ASP A 9 -6.98 12.35 -8.22
CA ASP A 9 -5.87 12.89 -7.39
C ASP A 9 -4.48 12.42 -7.88
N PRO A 10 -3.76 13.24 -8.73
CA PRO A 10 -2.42 12.87 -9.23
C PRO A 10 -1.33 13.00 -8.16
N LEU A 11 -0.65 11.88 -7.89
CA LEU A 11 0.43 11.85 -6.87
C LEU A 11 1.60 11.01 -7.38
N ASP A 12 2.80 11.62 -7.36
CA ASP A 12 4.02 10.95 -7.81
C ASP A 12 5.21 11.26 -6.88
N LYS A 13 5.36 12.53 -6.50
CA LYS A 13 6.45 12.97 -5.63
C LYS A 13 5.97 13.16 -4.17
N PHE A 14 4.69 12.88 -3.93
CA PHE A 14 4.09 13.03 -2.58
C PHE A 14 4.22 11.75 -1.75
N PHE A 15 4.99 10.78 -2.27
CA PHE A 15 5.20 9.49 -1.57
C PHE A 15 6.46 9.54 -0.71
N SER A 16 6.39 8.95 0.48
CA SER A 16 7.52 8.92 1.41
C SER A 16 8.11 7.50 1.53
N LYS A 17 7.68 6.72 2.54
CA LYS A 17 8.19 5.35 2.76
C LYS A 17 7.04 4.38 3.08
N ILE A 18 6.50 3.79 2.02
CA ILE A 18 5.39 2.81 2.11
C ILE A 18 5.54 1.78 0.94
N ILE A 19 4.72 0.72 0.93
CA ILE A 19 4.76 -0.35 -0.11
C ILE A 19 4.84 0.22 -1.56
N PHE A 20 3.83 0.99 -1.96
CA PHE A 20 3.80 1.59 -3.31
C PHE A 20 4.36 3.02 -3.25
N SER A 21 5.22 3.26 -2.25
CA SER A 21 5.83 4.56 -2.03
C SER A 21 7.36 4.47 -2.10
N GLY A 22 7.94 3.52 -1.35
CA GLY A 22 9.39 3.35 -1.33
C GLY A 22 9.81 1.90 -1.30
N LYS A 23 10.36 1.46 -0.16
CA LYS A 23 10.84 0.08 0.01
C LYS A 23 10.36 -0.58 1.32
N PRO A 24 10.40 0.12 2.52
CA PRO A 24 9.95 -0.48 3.80
C PRO A 24 8.51 -1.00 3.78
N ILE A 25 8.33 -2.22 4.32
CA ILE A 25 7.01 -2.88 4.35
C ILE A 25 6.76 -3.58 5.71
N GLU A 26 7.49 -3.16 6.74
CA GLU A 26 7.37 -3.75 8.08
C GLU A 26 6.37 -3.00 8.97
N THR A 27 6.62 -1.70 9.16
CA THR A 27 5.79 -0.83 10.01
C THR A 27 4.38 -0.60 9.43
N SER A 28 4.32 -0.22 8.15
CA SER A 28 3.03 0.04 7.46
C SER A 28 2.07 -1.16 7.57
N TYR A 29 2.57 -2.34 7.15
CA TYR A 29 1.79 -3.58 7.22
C TYR A 29 1.37 -3.90 8.67
N SER A 30 2.35 -4.18 9.56
CA SER A 30 2.09 -4.45 11.00
C SER A 30 1.00 -3.56 11.60
N ALA A 31 0.92 -2.32 11.09
CA ALA A 31 -0.08 -1.35 11.52
C ALA A 31 -1.48 -1.69 10.99
N LYS A 32 -2.50 -1.42 11.81
CA LYS A 32 -3.90 -1.70 11.44
C LYS A 32 -4.46 -0.66 10.45
N GLY A 33 -4.58 -1.07 9.19
CA GLY A 33 -5.10 -0.19 8.14
C GLY A 33 -4.10 0.09 7.05
N ILE A 34 -3.49 -0.98 6.51
CA ILE A 34 -2.49 -0.87 5.43
C ILE A 34 -3.10 -0.44 4.09
N HIS A 35 -4.42 -0.67 3.92
CA HIS A 35 -5.14 -0.29 2.70
C HIS A 35 -5.66 1.17 2.79
N GLU A 36 -5.15 1.90 3.79
CA GLU A 36 -5.51 3.32 4.01
C GLU A 36 -4.25 4.13 4.34
N LYS A 37 -3.41 3.54 5.21
CA LYS A 37 -2.11 4.14 5.64
C LYS A 37 -1.24 4.65 4.46
N ILE A 38 -1.66 4.31 3.23
CA ILE A 38 -0.97 4.75 2.00
C ILE A 38 -1.16 6.27 1.77
N ILE A 39 -2.15 6.85 2.47
CA ILE A 39 -2.45 8.29 2.37
C ILE A 39 -1.64 9.11 3.41
N GLU A 40 -0.88 8.41 4.26
CA GLU A 40 -0.04 9.04 5.30
C GLU A 40 0.98 10.01 4.71
N ALA A 41 1.44 9.70 3.49
CA ALA A 41 2.42 10.52 2.76
C ALA A 41 1.82 11.84 2.28
N HIS A 42 0.48 11.92 2.29
CA HIS A 42 -0.24 13.13 1.87
C HIS A 42 -0.53 14.04 3.07
N ASP A 43 -0.29 13.51 4.28
CA ASP A 43 -0.50 14.25 5.52
C ASP A 43 0.78 15.00 5.93
N LEU A 44 0.61 16.20 6.48
CA LEU A 44 1.73 17.03 6.91
C LEU A 44 2.09 16.79 8.38
N HIS A 45 3.38 16.52 8.61
CA HIS A 45 3.90 16.26 9.96
C HIS A 45 5.18 17.07 10.23
N VAL A 46 6.05 17.12 9.21
CA VAL A 46 7.32 17.86 9.31
C VAL A 46 7.29 19.07 8.36
N SER A 47 8.15 20.07 8.66
CA SER A 47 8.23 21.29 7.84
C SER A 47 9.19 21.10 6.66
N LYS A 48 10.34 20.48 6.93
CA LYS A 48 11.35 20.24 5.88
C LYS A 48 11.78 18.77 5.89
N SER A 49 11.61 18.11 4.73
CA SER A 49 11.97 16.70 4.58
C SER A 49 12.75 16.47 3.29
N LYS A 50 12.31 17.13 2.19
CA LYS A 50 12.94 17.02 0.85
C LYS A 50 12.84 15.60 0.29
N ASN A 51 12.21 15.48 -0.88
CA ASN A 51 12.03 14.18 -1.54
C ASN A 51 13.05 14.00 -2.66
N ALA A 52 13.56 12.77 -2.79
CA ALA A 52 14.54 12.43 -3.81
C ALA A 52 13.87 11.79 -5.03
N PRO A 53 14.42 12.00 -6.27
CA PRO A 53 13.84 11.42 -7.51
C PRO A 53 14.04 9.89 -7.61
N ILE A 54 12.92 9.17 -7.67
CA ILE A 54 12.94 7.70 -7.76
C ILE A 54 11.79 7.17 -8.63
N GLN A 55 10.58 7.71 -8.39
CA GLN A 55 9.38 7.30 -9.13
C GLN A 55 9.11 8.25 -10.29
N TYR A 56 8.97 7.67 -11.49
CA TYR A 56 8.68 8.43 -12.71
C TYR A 56 7.60 7.77 -13.56
N ALA A 57 7.11 6.59 -13.09
CA ALA A 57 6.06 5.80 -13.78
C ALA A 57 6.52 5.30 -15.15
N SER A 58 6.46 3.97 -15.33
CA SER A 58 6.87 3.33 -16.58
C SER A 58 5.76 2.41 -17.12
N VAL A 59 5.94 1.92 -18.35
CA VAL A 59 4.97 1.02 -19.00
C VAL A 59 5.13 -0.41 -18.48
N MET A 60 4.03 -0.96 -17.91
CA MET A 60 3.99 -2.33 -17.34
C MET A 60 4.98 -2.49 -16.18
N GLU A 61 4.44 -2.58 -14.96
CA GLU A 61 5.26 -2.73 -13.75
C GLU A 61 4.71 -3.84 -12.87
N TYR A 62 5.59 -4.79 -12.51
CA TYR A 62 5.22 -5.93 -11.67
C TYR A 62 6.26 -6.13 -10.56
N LEU A 63 5.86 -6.81 -9.48
CA LEU A 63 6.74 -7.08 -8.34
C LEU A 63 7.66 -8.30 -8.58
N LYS A 64 7.51 -8.93 -9.75
CA LYS A 64 8.31 -10.11 -10.12
C LYS A 64 9.22 -9.83 -11.31
N LYS A 65 9.20 -8.58 -11.81
CA LYS A 65 10.01 -8.19 -12.96
C LYS A 65 11.33 -7.53 -12.53
N THR A 66 11.26 -6.59 -11.58
CA THR A 66 12.45 -5.90 -11.08
C THR A 66 12.50 -5.80 -9.55
N TYR A 67 11.45 -6.30 -8.88
CA TYR A 67 11.37 -6.27 -7.42
C TYR A 67 11.91 -7.57 -6.81
N PRO A 68 12.61 -7.53 -5.62
CA PRO A 68 13.15 -8.75 -4.97
C PRO A 68 12.10 -9.81 -4.67
N GLY A 69 12.55 -11.05 -4.42
CA GLY A 69 11.67 -12.16 -4.12
C GLY A 69 11.30 -12.27 -2.64
N PRO A 70 12.28 -12.27 -1.68
CA PRO A 70 12.00 -12.38 -0.22
C PRO A 70 11.03 -11.31 0.29
N ASP A 71 10.95 -10.16 -0.40
CA ASP A 71 10.06 -9.06 -0.01
C ASP A 71 8.58 -9.41 -0.26
N ILE A 72 8.31 -10.01 -1.43
CA ILE A 72 6.94 -10.43 -1.81
C ILE A 72 6.40 -11.50 -0.83
N GLU A 73 7.34 -12.25 -0.22
CA GLU A 73 7.00 -13.29 0.76
C GLU A 73 6.54 -12.67 2.07
N ARG A 74 7.32 -11.70 2.57
CA ARG A 74 7.02 -10.96 3.80
C ARG A 74 5.62 -10.32 3.73
N ILE A 75 5.32 -9.61 2.62
CA ILE A 75 4.03 -8.94 2.41
C ILE A 75 2.85 -9.93 2.53
N VAL A 76 2.81 -10.91 1.60
CA VAL A 76 1.75 -11.93 1.55
C VAL A 76 1.55 -12.63 2.92
N SER A 77 2.67 -12.87 3.63
CA SER A 77 2.66 -13.51 4.95
C SER A 77 2.13 -12.59 6.06
N THR A 78 2.55 -11.30 6.05
CA THR A 78 2.11 -10.31 7.08
C THR A 78 0.58 -10.13 7.05
N LEU A 79 -0.02 -10.30 5.86
CA LEU A 79 -1.48 -10.18 5.70
C LEU A 79 -2.17 -11.50 6.08
N GLU A 80 -1.49 -12.61 5.79
CA GLU A 80 -1.97 -13.96 6.11
C GLU A 80 -1.65 -14.33 7.57
N ARG A 81 -1.16 -13.33 8.32
CA ARG A 81 -0.80 -13.48 9.72
C ARG A 81 -1.73 -12.63 10.60
N HIS A 82 -2.02 -11.42 10.13
CA HIS A 82 -2.89 -10.47 10.84
C HIS A 82 -4.36 -10.69 10.46
N ASP A 83 -4.62 -10.86 9.15
CA ASP A 83 -5.97 -11.07 8.59
C ASP A 83 -6.88 -9.85 8.84
N GLU A 84 -6.53 -8.74 8.16
CA GLU A 84 -7.27 -7.47 8.28
C GLU A 84 -8.43 -7.43 7.28
N VAL A 85 -9.58 -6.91 7.73
CA VAL A 85 -10.79 -6.81 6.89
C VAL A 85 -10.74 -5.65 5.89
N GLY A 86 -10.23 -4.50 6.36
CA GLY A 86 -10.12 -3.31 5.50
C GLY A 86 -9.01 -3.38 4.46
N ALA A 87 -8.27 -4.49 4.49
CA ALA A 87 -7.16 -4.73 3.57
C ALA A 87 -7.16 -6.18 3.04
N LYS A 88 -8.13 -7.00 3.53
CA LYS A 88 -8.27 -8.42 3.14
C LYS A 88 -8.30 -8.62 1.62
N ASP A 89 -9.00 -7.72 0.90
CA ASP A 89 -9.09 -7.79 -0.57
C ASP A 89 -7.76 -7.40 -1.22
N LEU A 90 -7.08 -6.42 -0.61
CA LEU A 90 -5.79 -5.93 -1.10
C LEU A 90 -4.70 -7.02 -0.99
N GLY A 91 -4.57 -7.59 0.22
CA GLY A 91 -3.59 -8.64 0.48
C GLY A 91 -3.78 -9.89 -0.36
N ALA A 92 -4.92 -10.57 -0.19
CA ALA A 92 -5.23 -11.80 -0.93
C ALA A 92 -5.11 -11.65 -2.45
N LYS A 93 -5.50 -10.49 -2.98
CA LYS A 93 -5.40 -10.22 -4.42
C LYS A 93 -3.96 -10.01 -4.87
N LEU A 94 -3.08 -9.59 -3.94
CA LEU A 94 -1.68 -9.39 -4.26
C LEU A 94 -0.94 -10.76 -4.29
N ARG A 95 -1.39 -11.73 -3.46
CA ARG A 95 -0.82 -13.08 -3.46
C ARG A 95 -1.44 -13.96 -4.56
N ASP A 96 -2.44 -13.39 -5.27
CA ASP A 96 -3.15 -14.11 -6.34
C ASP A 96 -2.37 -14.06 -7.67
N ALA A 97 -1.21 -13.39 -7.66
CA ALA A 97 -0.35 -13.27 -8.84
C ALA A 97 0.65 -14.43 -8.93
N LEU A 98 0.67 -15.26 -7.88
CA LEU A 98 1.56 -16.42 -7.82
C LEU A 98 0.78 -17.72 -8.01
N ASP A 99 -0.38 -17.83 -7.35
CA ASP A 99 -1.23 -19.02 -7.44
C ASP A 99 -2.24 -18.88 -8.57
N ARG A 100 -2.53 -20.01 -9.22
CA ARG A 100 -3.48 -20.06 -10.34
C ARG A 100 -4.55 -21.12 -10.11
N GLN A 101 -5.76 -20.87 -10.65
CA GLN A 101 -6.93 -21.78 -10.53
C GLN A 101 -7.38 -21.95 -9.08
N SER A 1 9.40 4.41 19.74
CA SER A 1 9.84 5.74 20.23
C SER A 1 10.43 5.64 21.64
N PHE A 2 11.43 6.48 21.92
CA PHE A 2 12.10 6.49 23.22
C PHE A 2 11.57 7.64 24.09
N GLY A 3 11.43 8.83 23.49
CA GLY A 3 10.94 10.00 24.21
C GLY A 3 10.09 10.91 23.33
N LEU A 4 8.84 11.12 23.77
CA LEU A 4 7.90 11.98 23.03
C LEU A 4 7.81 13.36 23.67
N GLY A 5 7.85 14.40 22.83
CA GLY A 5 7.76 15.78 23.30
C GLY A 5 8.55 16.75 22.45
N LYS A 6 9.88 16.62 22.49
CA LYS A 6 10.77 17.49 21.72
C LYS A 6 11.63 16.69 20.74
N ALA A 7 11.96 15.45 21.13
CA ALA A 7 12.79 14.56 20.29
C ALA A 7 11.94 13.73 19.31
N GLN A 8 10.62 13.76 19.50
CA GLN A 8 9.68 13.03 18.65
C GLN A 8 8.53 13.94 18.21
N ASP A 9 8.40 14.11 16.89
CA ASP A 9 7.34 14.95 16.31
C ASP A 9 6.66 14.25 15.12
N PRO A 10 5.50 13.55 15.33
CA PRO A 10 4.77 12.86 14.24
C PRO A 10 4.03 13.82 13.32
N LEU A 11 4.31 13.72 12.02
CA LEU A 11 3.68 14.57 11.01
C LEU A 11 3.21 13.75 9.79
N ASP A 12 3.76 12.53 9.65
CA ASP A 12 3.41 11.64 8.53
C ASP A 12 2.01 11.04 8.71
N LYS A 13 1.02 11.66 8.08
CA LYS A 13 -0.38 11.22 8.14
C LYS A 13 -1.10 11.41 6.81
N PHE A 14 -0.47 12.17 5.90
CA PHE A 14 -1.06 12.44 4.58
C PHE A 14 -0.30 11.71 3.45
N PHE A 15 0.70 10.90 3.83
CA PHE A 15 1.51 10.15 2.86
C PHE A 15 0.87 8.80 2.54
N SER A 16 0.91 8.42 1.26
CA SER A 16 0.35 7.15 0.80
C SER A 16 1.42 6.20 0.29
N LYS A 17 2.62 6.72 0.01
CA LYS A 17 3.74 5.93 -0.49
C LYS A 17 4.65 5.47 0.66
N ILE A 18 4.64 4.16 0.92
CA ILE A 18 5.46 3.57 1.99
C ILE A 18 6.25 2.37 1.45
N ILE A 19 5.67 1.68 0.46
CA ILE A 19 6.29 0.50 -0.17
C ILE A 19 7.61 0.86 -0.89
N PHE A 20 7.68 2.10 -1.39
CA PHE A 20 8.87 2.60 -2.10
C PHE A 20 9.67 3.59 -1.24
N SER A 21 9.52 3.45 0.10
CA SER A 21 10.22 4.31 1.06
C SER A 21 11.60 3.75 1.43
N GLY A 22 11.65 2.43 1.68
CA GLY A 22 12.90 1.79 2.04
C GLY A 22 12.90 0.30 1.68
N LYS A 23 13.03 -0.55 2.71
CA LYS A 23 13.05 -1.99 2.52
C LYS A 23 12.08 -2.71 3.48
N PRO A 24 12.05 -2.39 4.82
CA PRO A 24 11.14 -3.05 5.78
C PRO A 24 9.74 -2.45 5.80
N ILE A 25 8.73 -3.33 5.76
CA ILE A 25 7.32 -2.90 5.78
C ILE A 25 6.47 -3.90 6.59
N GLU A 26 6.63 -3.85 7.92
CA GLU A 26 5.91 -4.74 8.83
C GLU A 26 5.06 -3.95 9.83
N THR A 27 5.64 -2.85 10.34
CA THR A 27 4.98 -1.98 11.33
C THR A 27 3.75 -1.27 10.74
N SER A 28 3.96 -0.45 9.69
CA SER A 28 2.87 0.29 9.02
C SER A 28 1.79 -0.68 8.53
N TYR A 29 2.20 -1.67 7.71
CA TYR A 29 1.31 -2.72 7.19
C TYR A 29 0.48 -3.40 8.28
N SER A 30 1.03 -3.50 9.50
CA SER A 30 0.33 -4.11 10.64
C SER A 30 -0.78 -3.20 11.18
N ALA A 31 -0.54 -1.87 11.14
CA ALA A 31 -1.51 -0.86 11.60
C ALA A 31 -2.87 -1.01 10.92
N LYS A 32 -3.94 -0.70 11.66
CA LYS A 32 -5.31 -0.83 11.14
C LYS A 32 -5.70 0.38 10.27
N GLY A 33 -5.63 0.17 8.95
CA GLY A 33 -5.97 1.22 8.00
C GLY A 33 -4.86 1.47 6.99
N ILE A 34 -4.33 0.37 6.42
CA ILE A 34 -3.24 0.44 5.44
C ILE A 34 -3.80 0.58 4.00
N HIS A 35 -4.84 -0.19 3.69
CA HIS A 35 -5.48 -0.18 2.37
C HIS A 35 -6.55 0.94 2.26
N GLU A 36 -6.38 2.02 3.04
CA GLU A 36 -7.32 3.16 3.01
C GLU A 36 -6.58 4.49 3.20
N LYS A 37 -6.28 4.84 4.47
CA LYS A 37 -5.59 6.10 4.80
C LYS A 37 -4.12 6.11 4.38
N ILE A 38 -3.50 4.94 4.26
CA ILE A 38 -2.09 4.85 3.86
C ILE A 38 -1.97 4.64 2.33
N ILE A 39 -3.12 4.57 1.65
CA ILE A 39 -3.15 4.39 0.20
C ILE A 39 -3.64 5.67 -0.50
N GLU A 40 -4.59 6.39 0.12
CA GLU A 40 -5.13 7.62 -0.44
C GLU A 40 -4.90 8.79 0.51
N ALA A 41 -5.82 8.99 1.49
CA ALA A 41 -5.75 10.07 2.50
C ALA A 41 -5.93 11.47 1.92
N HIS A 42 -5.23 11.73 0.81
CA HIS A 42 -5.27 13.04 0.13
C HIS A 42 -5.08 12.92 -1.39
N ASP A 43 -4.76 11.72 -1.89
CA ASP A 43 -4.55 11.47 -3.32
C ASP A 43 -5.82 11.71 -4.15
N LEU A 44 -5.74 12.68 -5.06
CA LEU A 44 -6.85 13.05 -5.94
C LEU A 44 -6.34 13.23 -7.38
N HIS A 45 -7.28 13.45 -8.32
CA HIS A 45 -6.93 13.64 -9.74
C HIS A 45 -6.32 15.04 -9.98
N VAL A 46 -5.09 15.05 -10.50
CA VAL A 46 -4.36 16.29 -10.79
C VAL A 46 -3.88 16.33 -12.24
N SER A 47 -3.11 17.39 -12.58
CA SER A 47 -2.56 17.56 -13.95
C SER A 47 -1.41 16.59 -14.24
N LYS A 48 -0.91 15.91 -13.20
CA LYS A 48 0.18 14.94 -13.35
C LYS A 48 -0.37 13.52 -13.51
N SER A 49 0.00 12.88 -14.63
CA SER A 49 -0.46 11.53 -14.93
C SER A 49 0.72 10.64 -15.34
N LYS A 50 0.49 9.29 -15.31
CA LYS A 50 1.50 8.27 -15.66
C LYS A 50 2.69 8.28 -14.70
N ASN A 51 2.95 7.13 -14.08
CA ASN A 51 4.05 6.97 -13.12
C ASN A 51 4.86 5.70 -13.41
N ALA A 52 4.16 4.61 -13.73
CA ALA A 52 4.80 3.33 -14.03
C ALA A 52 4.91 3.10 -15.54
N PRO A 53 6.04 2.50 -16.03
CA PRO A 53 6.24 2.23 -17.47
C PRO A 53 5.42 1.02 -18.01
N ILE A 54 4.49 0.52 -17.20
CA ILE A 54 3.65 -0.62 -17.58
C ILE A 54 2.39 -0.19 -18.33
N GLN A 55 2.19 -0.76 -19.52
CA GLN A 55 1.03 -0.45 -20.36
C GLN A 55 0.32 -1.73 -20.82
N TYR A 56 1.12 -2.73 -21.24
CA TYR A 56 0.58 -4.01 -21.71
C TYR A 56 0.86 -5.12 -20.70
N ALA A 57 -0.05 -6.09 -20.63
CA ALA A 57 0.08 -7.23 -19.71
C ALA A 57 0.53 -8.48 -20.45
N SER A 58 1.56 -9.14 -19.91
CA SER A 58 2.10 -10.36 -20.50
C SER A 58 2.11 -11.50 -19.48
N VAL A 59 2.51 -11.19 -18.24
CA VAL A 59 2.57 -12.18 -17.16
C VAL A 59 1.31 -12.13 -16.26
N MET A 60 0.41 -11.16 -16.54
CA MET A 60 -0.86 -10.97 -15.79
C MET A 60 -0.62 -10.55 -14.32
N GLU A 61 0.63 -10.17 -14.01
CA GLU A 61 1.01 -9.75 -12.66
C GLU A 61 1.32 -8.25 -12.62
N TYR A 62 1.15 -7.66 -11.44
CA TYR A 62 1.40 -6.22 -11.24
C TYR A 62 2.85 -5.99 -10.77
N LEU A 63 3.33 -6.86 -9.87
CA LEU A 63 4.69 -6.76 -9.32
C LEU A 63 5.64 -7.69 -10.10
N LYS A 64 6.80 -8.04 -9.48
CA LYS A 64 7.83 -8.92 -10.09
C LYS A 64 8.64 -8.19 -11.19
N LYS A 65 8.27 -6.93 -11.46
CA LYS A 65 8.94 -6.10 -12.47
C LYS A 65 9.93 -5.14 -11.82
N THR A 66 9.55 -4.62 -10.64
CA THR A 66 10.40 -3.68 -9.89
C THR A 66 11.26 -4.40 -8.85
N TYR A 67 10.65 -5.38 -8.15
CA TYR A 67 11.36 -6.16 -7.13
C TYR A 67 11.88 -7.49 -7.71
N PRO A 68 12.91 -8.14 -7.07
CA PRO A 68 13.46 -9.43 -7.55
C PRO A 68 12.57 -10.63 -7.25
N GLY A 69 11.88 -10.59 -6.10
CA GLY A 69 11.01 -11.69 -5.70
C GLY A 69 10.76 -11.76 -4.20
N PRO A 70 11.83 -11.84 -3.32
CA PRO A 70 11.66 -11.92 -1.85
C PRO A 70 10.85 -10.76 -1.24
N ASP A 71 10.74 -9.64 -1.98
CA ASP A 71 10.00 -8.46 -1.52
C ASP A 71 8.48 -8.71 -1.59
N ILE A 72 8.05 -9.47 -2.60
CA ILE A 72 6.62 -9.80 -2.77
C ILE A 72 6.20 -10.85 -1.71
N GLU A 73 7.16 -11.65 -1.24
CA GLU A 73 6.92 -12.69 -0.24
C GLU A 73 6.62 -12.06 1.12
N ARG A 74 7.52 -11.18 1.59
CA ARG A 74 7.34 -10.46 2.86
C ARG A 74 5.98 -9.73 2.96
N ILE A 75 5.51 -9.16 1.82
CA ILE A 75 4.22 -8.43 1.78
C ILE A 75 3.03 -9.38 2.05
N VAL A 76 2.91 -10.45 1.24
CA VAL A 76 1.81 -11.44 1.40
C VAL A 76 1.75 -11.99 2.84
N SER A 77 2.93 -12.35 3.39
CA SER A 77 3.04 -12.89 4.75
C SER A 77 2.61 -11.88 5.84
N THR A 78 2.84 -10.58 5.60
CA THR A 78 2.47 -9.53 6.57
C THR A 78 0.95 -9.36 6.70
N LEU A 79 0.23 -9.47 5.57
CA LEU A 79 -1.24 -9.33 5.55
C LEU A 79 -1.94 -10.56 6.15
N GLU A 80 -1.37 -11.76 5.90
CA GLU A 80 -1.93 -13.01 6.43
C GLU A 80 -1.36 -13.35 7.83
N ARG A 81 -0.71 -12.36 8.45
CA ARG A 81 -0.11 -12.50 9.77
C ARG A 81 -0.95 -11.78 10.85
N HIS A 82 -1.42 -10.58 10.49
CA HIS A 82 -2.23 -9.75 11.39
C HIS A 82 -3.73 -9.98 11.15
N ASP A 83 -4.10 -10.29 9.88
CA ASP A 83 -5.49 -10.53 9.47
C ASP A 83 -6.36 -9.27 9.56
N GLU A 84 -6.12 -8.36 8.61
CA GLU A 84 -6.85 -7.09 8.53
C GLU A 84 -7.98 -7.20 7.53
N VAL A 85 -9.19 -6.77 7.92
CA VAL A 85 -10.39 -6.83 7.07
C VAL A 85 -10.34 -5.80 5.92
N GLY A 86 -9.82 -4.60 6.22
CA GLY A 86 -9.72 -3.53 5.22
C GLY A 86 -8.60 -3.75 4.20
N ALA A 87 -7.76 -4.75 4.47
CA ALA A 87 -6.64 -5.08 3.59
C ALA A 87 -6.61 -6.58 3.23
N LYS A 88 -7.63 -7.33 3.71
CA LYS A 88 -7.74 -8.77 3.45
C LYS A 88 -7.85 -9.07 1.94
N ASP A 89 -8.53 -8.17 1.20
CA ASP A 89 -8.72 -8.33 -0.24
C ASP A 89 -7.43 -8.02 -1.00
N LEU A 90 -6.69 -6.99 -0.54
CA LEU A 90 -5.42 -6.58 -1.15
C LEU A 90 -4.40 -7.73 -1.10
N GLY A 91 -4.13 -8.22 0.12
CA GLY A 91 -3.19 -9.33 0.32
C GLY A 91 -3.53 -10.58 -0.49
N ALA A 92 -4.82 -10.96 -0.51
CA ALA A 92 -5.28 -12.14 -1.26
C ALA A 92 -4.90 -12.08 -2.75
N LYS A 93 -5.16 -10.94 -3.42
CA LYS A 93 -4.81 -10.79 -4.85
C LYS A 93 -3.30 -10.97 -5.05
N LEU A 94 -2.52 -10.37 -4.13
CA LEU A 94 -1.06 -10.46 -4.14
C LEU A 94 -0.56 -11.91 -4.07
N ARG A 95 -1.20 -12.75 -3.23
CA ARG A 95 -0.82 -14.17 -3.10
C ARG A 95 -1.54 -15.06 -4.12
N ASP A 96 -2.59 -14.52 -4.75
CA ASP A 96 -3.38 -15.25 -5.76
C ASP A 96 -2.79 -15.10 -7.16
N ALA A 97 -1.47 -14.88 -7.23
CA ALA A 97 -0.77 -14.78 -8.51
C ALA A 97 -0.73 -16.16 -9.16
N LEU A 98 -1.62 -16.37 -10.14
CA LEU A 98 -1.78 -17.66 -10.87
C LEU A 98 -2.63 -18.65 -10.04
N ASP A 99 -2.56 -18.55 -8.69
CA ASP A 99 -3.31 -19.43 -7.75
C ASP A 99 -2.97 -20.92 -7.94
N ARG A 100 -3.21 -21.70 -6.88
CA ARG A 100 -2.95 -23.14 -6.89
C ARG A 100 -4.24 -23.92 -7.14
N GLN A 101 -4.19 -24.81 -8.14
CA GLN A 101 -5.35 -25.63 -8.50
C GLN A 101 -4.96 -27.11 -8.59
N SER A 1 -3.34 34.13 5.05
CA SER A 1 -3.45 33.68 6.47
C SER A 1 -2.09 33.28 7.03
N PHE A 2 -1.29 32.58 6.21
CA PHE A 2 0.04 32.13 6.63
C PHE A 2 1.12 33.04 6.06
N GLY A 3 2.05 33.45 6.92
CA GLY A 3 3.14 34.32 6.52
C GLY A 3 3.82 35.01 7.69
N LEU A 4 4.28 34.19 8.65
CA LEU A 4 4.95 34.71 9.85
C LEU A 4 6.43 34.30 9.85
N GLY A 5 6.70 33.04 9.49
CA GLY A 5 8.07 32.54 9.46
C GLY A 5 8.39 31.80 8.16
N LYS A 6 7.58 30.79 7.85
CA LYS A 6 7.76 30.00 6.63
C LYS A 6 6.74 30.39 5.56
N ALA A 7 7.25 30.71 4.36
CA ALA A 7 6.41 31.12 3.23
C ALA A 7 6.24 29.98 2.21
N GLN A 8 7.00 28.90 2.39
CA GLN A 8 6.94 27.74 1.50
C GLN A 8 6.26 26.54 2.18
N ASP A 9 6.58 26.33 3.48
CA ASP A 9 6.03 25.22 4.29
C ASP A 9 6.31 23.84 3.66
N PRO A 10 7.51 23.22 3.94
CA PRO A 10 7.88 21.90 3.40
C PRO A 10 7.20 20.75 4.14
N LEU A 11 6.96 19.65 3.41
CA LEU A 11 6.31 18.46 3.97
C LEU A 11 7.33 17.32 4.11
N ASP A 12 7.55 16.89 5.35
CA ASP A 12 8.50 15.80 5.65
C ASP A 12 7.90 14.81 6.66
N LYS A 13 6.56 14.70 6.68
CA LYS A 13 5.86 13.79 7.60
C LYS A 13 5.04 12.74 6.85
N PHE A 14 4.78 13.00 5.58
CA PHE A 14 3.99 12.09 4.74
C PHE A 14 4.82 11.65 3.53
N PHE A 15 5.85 10.82 3.81
CA PHE A 15 6.76 10.30 2.77
C PHE A 15 6.04 9.33 1.82
N SER A 16 6.56 9.25 0.59
CA SER A 16 5.98 8.37 -0.44
C SER A 16 6.81 7.09 -0.63
N LYS A 17 8.03 7.06 -0.07
CA LYS A 17 8.92 5.90 -0.18
C LYS A 17 8.69 4.93 0.97
N ILE A 18 8.20 3.73 0.65
CA ILE A 18 7.93 2.69 1.65
C ILE A 18 8.83 1.47 1.41
N ILE A 19 8.53 0.34 2.09
CA ILE A 19 9.30 -0.94 1.98
C ILE A 19 10.65 -0.85 2.74
N PHE A 20 11.28 0.32 2.69
CA PHE A 20 12.56 0.57 3.35
C PHE A 20 12.59 1.98 3.99
N SER A 21 11.43 2.40 4.52
CA SER A 21 11.29 3.72 5.16
C SER A 21 11.70 3.68 6.63
N GLY A 22 11.18 2.68 7.36
CA GLY A 22 11.50 2.53 8.77
C GLY A 22 11.88 1.11 9.13
N LYS A 23 10.96 0.18 8.84
CA LYS A 23 11.18 -1.25 9.12
C LYS A 23 11.08 -2.08 7.82
N PRO A 24 11.72 -3.30 7.75
CA PRO A 24 11.66 -4.14 6.54
C PRO A 24 10.32 -4.86 6.38
N ILE A 25 9.30 -4.10 5.92
CA ILE A 25 7.92 -4.63 5.68
C ILE A 25 7.35 -5.22 7.00
N GLU A 26 7.31 -4.39 8.03
CA GLU A 26 6.80 -4.82 9.34
C GLU A 26 5.61 -3.97 9.80
N THR A 27 5.92 -2.85 10.48
CA THR A 27 4.94 -1.94 11.07
C THR A 27 3.89 -1.42 10.07
N SER A 28 4.36 -0.81 8.97
CA SER A 28 3.49 -0.25 7.92
C SER A 28 2.38 -1.23 7.52
N TYR A 29 2.77 -2.45 7.12
CA TYR A 29 1.83 -3.49 6.73
C TYR A 29 1.28 -4.28 7.93
N SER A 30 1.71 -3.94 9.15
CA SER A 30 1.23 -4.61 10.37
C SER A 30 0.23 -3.72 11.11
N ALA A 31 0.01 -2.51 10.57
CA ALA A 31 -0.91 -1.55 11.16
C ALA A 31 -2.26 -1.58 10.44
N LYS A 32 -3.32 -1.15 11.15
CA LYS A 32 -4.68 -1.11 10.59
C LYS A 32 -4.90 0.14 9.74
N GLY A 33 -5.64 -0.02 8.63
CA GLY A 33 -5.92 1.09 7.73
C GLY A 33 -4.82 1.32 6.70
N ILE A 34 -4.19 0.23 6.24
CA ILE A 34 -3.11 0.29 5.25
C ILE A 34 -3.67 0.33 3.80
N HIS A 35 -4.85 -0.25 3.58
CA HIS A 35 -5.46 -0.23 2.26
C HIS A 35 -6.51 0.90 2.12
N GLU A 36 -6.50 1.84 3.09
CA GLU A 36 -7.43 2.97 3.08
C GLU A 36 -6.69 4.27 3.46
N LYS A 37 -6.46 4.48 4.78
CA LYS A 37 -5.76 5.67 5.36
C LYS A 37 -4.51 6.11 4.58
N ILE A 38 -4.02 5.26 3.68
CA ILE A 38 -2.83 5.56 2.86
C ILE A 38 -3.05 6.74 1.89
N ILE A 39 -4.29 6.88 1.38
CA ILE A 39 -4.64 7.97 0.45
C ILE A 39 -5.59 9.00 1.12
N GLU A 40 -5.77 8.87 2.44
CA GLU A 40 -6.65 9.76 3.21
C GLU A 40 -5.85 10.89 3.87
N ALA A 41 -4.66 10.54 4.39
CA ALA A 41 -3.76 11.49 5.06
C ALA A 41 -3.38 12.69 4.19
N HIS A 42 -3.42 12.50 2.87
CA HIS A 42 -3.08 13.56 1.91
C HIS A 42 -4.30 14.41 1.53
N ASP A 43 -5.49 13.97 1.94
CA ASP A 43 -6.73 14.68 1.65
C ASP A 43 -7.24 15.46 2.87
N LEU A 44 -7.69 14.73 3.91
CA LEU A 44 -8.20 15.35 5.16
C LEU A 44 -7.87 14.48 6.37
N HIS A 45 -8.05 15.06 7.57
CA HIS A 45 -7.79 14.36 8.84
C HIS A 45 -9.05 13.62 9.32
N VAL A 46 -8.89 12.79 10.36
CA VAL A 46 -10.01 12.01 10.92
C VAL A 46 -10.72 12.78 12.06
N SER A 47 -9.97 13.19 13.09
CA SER A 47 -10.54 13.92 14.24
C SER A 47 -9.56 14.95 14.81
N LYS A 48 -8.29 14.91 14.35
CA LYS A 48 -7.22 15.82 14.79
C LYS A 48 -6.89 15.63 16.29
N SER A 49 -5.83 14.86 16.55
CA SER A 49 -5.39 14.57 17.92
C SER A 49 -3.86 14.48 17.99
N LYS A 50 -3.25 13.91 16.93
CA LYS A 50 -1.79 13.73 16.82
C LYS A 50 -1.24 12.77 17.89
N ASN A 51 -1.17 11.48 17.53
CA ASN A 51 -0.67 10.43 18.43
C ASN A 51 0.01 9.32 17.62
N ALA A 52 1.17 8.84 18.14
CA ALA A 52 1.97 7.77 17.50
C ALA A 52 2.51 8.19 16.11
N PRO A 53 3.66 7.59 15.64
CA PRO A 53 4.26 7.92 14.32
C PRO A 53 3.28 7.74 13.15
N ILE A 54 3.73 8.09 11.93
CA ILE A 54 2.90 8.00 10.70
C ILE A 54 2.43 6.54 10.44
N GLN A 55 3.39 5.62 10.19
CA GLN A 55 3.12 4.18 9.93
C GLN A 55 2.34 3.92 8.63
N TYR A 56 1.69 4.96 8.09
CA TYR A 56 0.90 4.84 6.86
C TYR A 56 1.69 5.32 5.63
N ALA A 57 1.32 4.77 4.47
CA ALA A 57 1.95 5.14 3.19
C ALA A 57 1.15 6.24 2.48
N SER A 58 1.76 6.85 1.45
CA SER A 58 1.10 7.92 0.69
C SER A 58 0.43 7.39 -0.57
N VAL A 59 1.23 6.98 -1.57
CA VAL A 59 0.69 6.45 -2.84
C VAL A 59 1.46 5.19 -3.26
N MET A 60 2.79 5.30 -3.36
CA MET A 60 3.70 4.18 -3.74
C MET A 60 3.44 3.71 -5.18
N GLU A 61 4.45 3.05 -5.77
CA GLU A 61 4.36 2.52 -7.14
C GLU A 61 3.78 1.11 -7.17
N TYR A 62 3.55 0.56 -8.38
CA TYR A 62 3.00 -0.78 -8.55
C TYR A 62 4.02 -1.86 -8.20
N LEU A 63 3.60 -2.84 -7.40
CA LEU A 63 4.47 -3.93 -6.94
C LEU A 63 4.23 -5.21 -7.75
N LYS A 64 4.33 -5.09 -9.09
CA LYS A 64 4.14 -6.23 -10.00
C LYS A 64 4.94 -6.09 -11.29
N LYS A 65 5.18 -4.84 -11.73
CA LYS A 65 5.92 -4.57 -12.97
C LYS A 65 7.44 -4.58 -12.76
N THR A 66 7.92 -3.94 -11.68
CA THR A 66 9.35 -3.87 -11.40
C THR A 66 9.69 -4.36 -9.97
N TYR A 67 8.77 -5.13 -9.37
CA TYR A 67 8.98 -5.66 -8.02
C TYR A 67 8.60 -7.16 -7.91
N PRO A 68 9.10 -8.05 -8.84
CA PRO A 68 8.77 -9.47 -8.82
C PRO A 68 9.78 -10.32 -8.02
N GLY A 69 9.27 -11.13 -7.08
CA GLY A 69 10.15 -11.98 -6.30
C GLY A 69 9.83 -12.01 -4.80
N PRO A 70 10.87 -12.20 -3.92
CA PRO A 70 10.69 -12.26 -2.45
C PRO A 70 10.02 -11.02 -1.85
N ASP A 71 10.26 -9.84 -2.47
CA ASP A 71 9.67 -8.57 -2.03
C ASP A 71 8.15 -8.68 -1.89
N ILE A 72 7.55 -9.43 -2.83
CA ILE A 72 6.11 -9.70 -2.84
C ILE A 72 5.72 -10.60 -1.64
N GLU A 73 6.53 -11.65 -1.37
CA GLU A 73 6.30 -12.57 -0.25
C GLU A 73 6.37 -11.86 1.11
N ARG A 74 7.04 -10.70 1.12
CA ARG A 74 7.21 -9.89 2.34
C ARG A 74 5.95 -9.07 2.64
N ILE A 75 5.42 -8.41 1.61
CA ILE A 75 4.19 -7.59 1.73
C ILE A 75 2.97 -8.44 2.14
N VAL A 76 2.83 -9.60 1.49
CA VAL A 76 1.71 -10.54 1.77
C VAL A 76 1.75 -11.09 3.21
N SER A 77 2.90 -11.68 3.60
CA SER A 77 3.10 -12.24 4.94
C SER A 77 2.85 -11.22 6.07
N THR A 78 3.18 -9.95 5.81
CA THR A 78 2.99 -8.86 6.79
C THR A 78 1.55 -8.33 6.76
N LEU A 79 0.84 -8.53 5.64
CA LEU A 79 -0.55 -8.08 5.49
C LEU A 79 -1.53 -9.08 6.11
N GLU A 80 -1.24 -10.37 5.93
CA GLU A 80 -2.07 -11.46 6.46
C GLU A 80 -1.60 -11.86 7.87
N ARG A 81 -0.73 -11.02 8.46
CA ARG A 81 -0.17 -11.27 9.79
C ARG A 81 -1.13 -10.88 10.93
N HIS A 82 -1.72 -9.68 10.88
CA HIS A 82 -2.64 -9.24 11.94
C HIS A 82 -4.12 -9.48 11.60
N ASP A 83 -4.40 -9.88 10.32
CA ASP A 83 -5.76 -10.20 9.83
C ASP A 83 -6.63 -8.94 9.70
N GLU A 84 -6.43 -8.25 8.58
CA GLU A 84 -7.19 -7.03 8.25
C GLU A 84 -8.18 -7.32 7.12
N VAL A 85 -9.44 -6.91 7.33
CA VAL A 85 -10.53 -7.15 6.36
C VAL A 85 -10.54 -6.11 5.21
N GLY A 86 -10.02 -4.90 5.48
CA GLY A 86 -9.99 -3.85 4.45
C GLY A 86 -8.80 -3.94 3.52
N ALA A 87 -7.92 -4.90 3.79
CA ALA A 87 -6.71 -5.14 3.01
C ALA A 87 -6.54 -6.62 2.65
N LYS A 88 -7.38 -7.49 3.26
CA LYS A 88 -7.35 -8.95 3.03
C LYS A 88 -7.40 -9.32 1.54
N ASP A 89 -8.10 -8.50 0.74
CA ASP A 89 -8.22 -8.72 -0.71
C ASP A 89 -6.93 -8.36 -1.44
N LEU A 90 -6.25 -7.30 -0.96
CA LEU A 90 -5.00 -6.82 -1.55
C LEU A 90 -3.87 -7.85 -1.37
N GLY A 91 -3.57 -8.19 -0.10
CA GLY A 91 -2.52 -9.16 0.22
C GLY A 91 -2.76 -10.55 -0.39
N ALA A 92 -4.02 -11.03 -0.34
CA ALA A 92 -4.37 -12.35 -0.88
C ALA A 92 -4.13 -12.46 -2.38
N LYS A 93 -4.43 -11.39 -3.14
CA LYS A 93 -4.21 -11.37 -4.59
C LYS A 93 -2.73 -11.38 -4.94
N LEU A 94 -1.92 -10.68 -4.11
CA LEU A 94 -0.46 -10.64 -4.31
C LEU A 94 0.16 -12.00 -3.95
N ARG A 95 -0.42 -12.68 -2.94
CA ARG A 95 0.03 -14.00 -2.50
C ARG A 95 -0.41 -15.08 -3.50
N ASP A 96 -1.64 -14.96 -4.03
CA ASP A 96 -2.20 -15.91 -5.00
C ASP A 96 -1.63 -15.68 -6.42
N ALA A 97 -0.32 -15.43 -6.50
CA ALA A 97 0.37 -15.20 -7.77
C ALA A 97 0.83 -16.51 -8.41
N LEU A 98 0.68 -17.61 -7.67
CA LEU A 98 1.07 -18.94 -8.15
C LEU A 98 -0.15 -19.73 -8.61
N ASP A 99 -1.22 -19.69 -7.79
CA ASP A 99 -2.51 -20.38 -8.07
C ASP A 99 -2.34 -21.91 -8.20
N ARG A 100 -3.44 -22.64 -7.97
CA ARG A 100 -3.44 -24.10 -8.04
C ARG A 100 -3.90 -24.57 -9.42
N GLN A 101 -3.38 -25.74 -9.84
CA GLN A 101 -3.73 -26.32 -11.14
C GLN A 101 -4.79 -27.41 -10.99
N SER A 1 8.65 -2.89 -21.10
CA SER A 1 7.86 -3.40 -22.25
C SER A 1 6.49 -2.73 -22.32
N PHE A 2 6.14 -2.24 -23.50
CA PHE A 2 4.85 -1.56 -23.72
C PHE A 2 4.12 -2.17 -24.91
N GLY A 3 2.79 -2.23 -24.81
CA GLY A 3 1.96 -2.79 -25.87
C GLY A 3 1.01 -3.85 -25.35
N LEU A 4 0.16 -3.45 -24.37
CA LEU A 4 -0.85 -4.34 -23.75
C LEU A 4 -0.21 -5.51 -23.01
N GLY A 5 -0.57 -5.67 -21.73
CA GLY A 5 -0.03 -6.75 -20.91
C GLY A 5 -0.31 -6.56 -19.43
N LYS A 6 0.61 -5.88 -18.75
CA LYS A 6 0.48 -5.62 -17.31
C LYS A 6 0.45 -4.11 -17.03
N ALA A 7 -0.11 -3.75 -15.85
CA ALA A 7 -0.24 -2.34 -15.40
C ALA A 7 -1.14 -1.51 -16.32
N GLN A 8 -2.20 -0.94 -15.73
CA GLN A 8 -3.15 -0.10 -16.47
C GLN A 8 -3.55 1.11 -15.64
N ASP A 9 -3.26 2.32 -16.17
CA ASP A 9 -3.56 3.61 -15.50
C ASP A 9 -2.87 3.74 -14.13
N PRO A 10 -1.87 4.68 -13.98
CA PRO A 10 -1.16 4.88 -12.69
C PRO A 10 -2.08 5.41 -11.57
N LEU A 11 -1.60 5.33 -10.33
CA LEU A 11 -2.36 5.80 -9.17
C LEU A 11 -2.02 7.24 -8.81
N ASP A 12 -2.96 7.90 -8.11
CA ASP A 12 -2.78 9.29 -7.69
C ASP A 12 -2.21 9.36 -6.25
N LYS A 13 -2.05 10.59 -5.72
CA LYS A 13 -1.51 10.79 -4.37
C LYS A 13 -2.55 10.48 -3.29
N PHE A 14 -2.18 9.59 -2.37
CA PHE A 14 -3.06 9.16 -1.27
C PHE A 14 -2.46 9.49 0.10
N PHE A 15 -1.11 9.36 0.21
CA PHE A 15 -0.36 9.62 1.46
C PHE A 15 -0.74 8.63 2.58
N SER A 16 0.04 8.65 3.68
CA SER A 16 -0.16 7.78 4.87
C SER A 16 0.23 6.30 4.59
N LYS A 17 0.47 5.98 3.32
CA LYS A 17 0.85 4.62 2.92
C LYS A 17 2.37 4.50 2.82
N ILE A 18 2.91 3.40 3.35
CA ILE A 18 4.35 3.16 3.35
C ILE A 18 4.68 1.72 2.90
N ILE A 19 5.68 1.61 2.03
CA ILE A 19 6.13 0.32 1.51
C ILE A 19 7.62 0.10 1.83
N PHE A 20 8.46 1.10 1.51
CA PHE A 20 9.91 1.01 1.76
C PHE A 20 10.47 2.30 2.38
N SER A 21 9.57 3.25 2.73
CA SER A 21 9.97 4.53 3.33
C SER A 21 10.26 4.37 4.83
N GLY A 22 9.41 3.60 5.51
CA GLY A 22 9.59 3.36 6.94
C GLY A 22 9.76 1.88 7.24
N LYS A 23 11.03 1.43 7.28
CA LYS A 23 11.41 0.02 7.54
C LYS A 23 10.96 -0.91 6.39
N PRO A 24 11.63 -2.09 6.17
CA PRO A 24 11.26 -3.01 5.08
C PRO A 24 9.97 -3.80 5.37
N ILE A 25 8.82 -3.12 5.22
CA ILE A 25 7.47 -3.69 5.45
C ILE A 25 7.38 -4.34 6.86
N GLU A 26 7.59 -3.52 7.89
CA GLU A 26 7.53 -3.98 9.27
C GLU A 26 6.46 -3.24 10.07
N THR A 27 6.79 -2.03 10.56
CA THR A 27 5.90 -1.21 11.39
C THR A 27 4.71 -0.64 10.60
N SER A 28 4.97 0.15 9.55
CA SER A 28 3.93 0.76 8.75
C SER A 28 3.54 -0.16 7.63
N TYR A 29 2.91 -1.21 8.08
CA TYR A 29 2.39 -2.31 7.27
C TYR A 29 1.73 -3.32 8.21
N SER A 30 2.31 -3.45 9.43
CA SER A 30 1.77 -4.32 10.47
C SER A 30 0.54 -3.68 11.12
N ALA A 31 0.55 -2.33 11.18
CA ALA A 31 -0.53 -1.51 11.76
C ALA A 31 -1.93 -1.93 11.28
N LYS A 32 -2.94 -1.58 12.09
CA LYS A 32 -4.34 -1.89 11.79
C LYS A 32 -4.95 -0.84 10.86
N GLY A 33 -5.04 -1.18 9.57
CA GLY A 33 -5.58 -0.27 8.57
C GLY A 33 -4.51 0.31 7.67
N ILE A 34 -4.00 -0.51 6.75
CA ILE A 34 -2.96 -0.08 5.81
C ILE A 34 -3.54 0.15 4.40
N HIS A 35 -4.54 -0.64 4.01
CA HIS A 35 -5.17 -0.50 2.69
C HIS A 35 -6.47 0.30 2.78
N GLU A 36 -7.31 -0.02 3.77
CA GLU A 36 -8.59 0.67 3.95
C GLU A 36 -8.45 1.76 5.03
N LYS A 37 -7.44 2.62 4.87
CA LYS A 37 -7.21 3.74 5.79
C LYS A 37 -7.27 5.06 5.02
N ILE A 38 -7.39 4.96 3.67
CA ILE A 38 -7.46 6.12 2.75
C ILE A 38 -8.57 7.12 3.16
N ILE A 39 -9.60 6.64 3.88
CA ILE A 39 -10.71 7.48 4.34
C ILE A 39 -10.25 8.43 5.48
N GLU A 40 -9.19 8.01 6.19
CA GLU A 40 -8.61 8.80 7.29
C GLU A 40 -7.43 9.64 6.79
N ALA A 41 -6.75 9.13 5.76
CA ALA A 41 -5.59 9.79 5.15
C ALA A 41 -5.98 11.00 4.29
N HIS A 42 -7.24 11.00 3.80
CA HIS A 42 -7.74 12.09 2.96
C HIS A 42 -8.43 13.18 3.81
N ASP A 43 -8.65 12.88 5.09
CA ASP A 43 -9.28 13.82 6.02
C ASP A 43 -8.22 14.57 6.84
N LEU A 44 -8.29 15.91 6.81
CA LEU A 44 -7.36 16.81 7.53
C LEU A 44 -5.92 16.65 7.04
N HIS A 45 -5.31 17.78 6.65
CA HIS A 45 -3.93 17.80 6.16
C HIS A 45 -3.03 18.65 7.06
N VAL A 46 -1.99 18.00 7.62
CA VAL A 46 -1.03 18.68 8.50
C VAL A 46 0.39 18.14 8.30
N SER A 47 1.38 18.98 8.60
CA SER A 47 2.78 18.61 8.47
C SER A 47 3.41 18.34 9.83
N LYS A 48 4.07 17.19 9.96
CA LYS A 48 4.72 16.79 11.20
C LYS A 48 6.17 16.34 10.95
N SER A 49 6.36 15.55 9.89
CA SER A 49 7.68 15.04 9.53
C SER A 49 8.00 15.34 8.05
N LYS A 50 9.29 15.21 7.69
CA LYS A 50 9.75 15.46 6.32
C LYS A 50 9.56 14.22 5.43
N ASN A 51 9.49 14.44 4.11
CA ASN A 51 9.31 13.37 3.13
C ASN A 51 10.64 12.75 2.71
N ALA A 52 11.68 13.61 2.55
CA ALA A 52 13.05 13.19 2.14
C ALA A 52 13.07 12.60 0.71
N PRO A 53 14.19 12.83 -0.07
CA PRO A 53 14.31 12.30 -1.44
C PRO A 53 14.37 10.77 -1.51
N ILE A 54 13.77 10.22 -2.58
CA ILE A 54 13.74 8.77 -2.79
C ILE A 54 14.84 8.35 -3.77
N GLN A 55 15.22 7.06 -3.73
CA GLN A 55 16.26 6.52 -4.61
C GLN A 55 15.67 6.09 -5.95
N TYR A 56 16.29 6.57 -7.04
CA TYR A 56 15.83 6.24 -8.39
C TYR A 56 16.67 5.12 -9.01
N ALA A 57 16.02 3.97 -9.20
CA ALA A 57 16.68 2.79 -9.79
C ALA A 57 15.73 2.06 -10.74
N SER A 58 14.48 1.85 -10.30
CA SER A 58 13.46 1.17 -11.09
C SER A 58 12.11 1.86 -10.93
N VAL A 59 11.21 1.65 -11.91
CA VAL A 59 9.87 2.24 -11.89
C VAL A 59 8.88 1.38 -11.09
N MET A 60 8.16 2.01 -10.16
CA MET A 60 7.18 1.31 -9.31
C MET A 60 5.78 1.36 -9.91
N GLU A 61 5.36 0.23 -10.49
CA GLU A 61 4.04 0.09 -11.11
C GLU A 61 3.52 -1.34 -10.93
N TYR A 62 2.55 -1.52 -10.01
CA TYR A 62 1.95 -2.84 -9.69
C TYR A 62 2.98 -3.82 -9.11
N LEU A 63 2.59 -4.51 -8.04
CA LEU A 63 3.47 -5.47 -7.36
C LEU A 63 3.23 -6.90 -7.88
N LYS A 64 3.77 -7.17 -9.09
CA LYS A 64 3.62 -8.50 -9.71
C LYS A 64 4.82 -8.83 -10.62
N LYS A 65 5.22 -7.86 -11.46
CA LYS A 65 6.34 -8.06 -12.39
C LYS A 65 7.50 -7.12 -12.11
N THR A 66 7.31 -6.18 -11.17
CA THR A 66 8.34 -5.20 -10.80
C THR A 66 9.39 -5.81 -9.85
N TYR A 67 8.92 -6.60 -8.88
CA TYR A 67 9.81 -7.24 -7.91
C TYR A 67 10.13 -8.69 -8.31
N PRO A 68 11.25 -9.30 -7.80
CA PRO A 68 11.64 -10.69 -8.13
C PRO A 68 10.82 -11.74 -7.37
N GLY A 69 10.52 -11.46 -6.09
CA GLY A 69 9.76 -12.41 -5.28
C GLY A 69 9.83 -12.11 -3.77
N PRO A 70 11.05 -12.02 -3.15
CA PRO A 70 11.20 -11.75 -1.69
C PRO A 70 10.46 -10.51 -1.19
N ASP A 71 10.39 -9.46 -2.04
CA ASP A 71 9.72 -8.21 -1.69
C ASP A 71 8.19 -8.37 -1.62
N ILE A 72 7.63 -9.10 -2.60
CA ILE A 72 6.17 -9.36 -2.66
C ILE A 72 5.78 -10.39 -1.57
N GLU A 73 6.80 -11.10 -1.05
CA GLU A 73 6.61 -12.10 0.01
C GLU A 73 6.30 -11.39 1.34
N ARG A 74 7.17 -10.45 1.73
CA ARG A 74 6.97 -9.65 2.96
C ARG A 74 5.62 -8.92 2.97
N ILE A 75 5.16 -8.48 1.78
CA ILE A 75 3.88 -7.75 1.66
C ILE A 75 2.68 -8.66 1.97
N VAL A 76 2.56 -9.78 1.23
CA VAL A 76 1.45 -10.75 1.39
C VAL A 76 1.34 -11.31 2.83
N SER A 77 2.50 -11.57 3.46
CA SER A 77 2.54 -12.11 4.83
C SER A 77 2.12 -11.05 5.87
N THR A 78 2.80 -9.89 5.86
CA THR A 78 2.50 -8.78 6.80
C THR A 78 1.02 -8.34 6.75
N LEU A 79 0.34 -8.58 5.62
CA LEU A 79 -1.08 -8.23 5.47
C LEU A 79 -1.96 -9.37 6.01
N GLU A 80 -1.65 -10.60 5.59
CA GLU A 80 -2.37 -11.81 6.04
C GLU A 80 -1.85 -12.31 7.40
N ARG A 81 -1.14 -11.42 8.11
CA ARG A 81 -0.55 -11.72 9.41
C ARG A 81 -1.55 -11.45 10.55
N HIS A 82 -2.31 -10.37 10.41
CA HIS A 82 -3.30 -9.96 11.41
C HIS A 82 -4.72 -10.28 10.94
N ASP A 83 -4.88 -10.54 9.62
CA ASP A 83 -6.17 -10.83 8.98
C ASP A 83 -7.07 -9.59 8.96
N GLU A 84 -6.69 -8.64 8.09
CA GLU A 84 -7.42 -7.37 7.95
C GLU A 84 -8.40 -7.44 6.78
N VAL A 85 -9.63 -6.97 7.02
CA VAL A 85 -10.69 -6.98 6.00
C VAL A 85 -10.50 -5.84 4.98
N GLY A 86 -9.59 -4.91 5.31
CA GLY A 86 -9.29 -3.78 4.43
C GLY A 86 -8.22 -4.09 3.41
N ALA A 87 -7.32 -5.03 3.76
CA ALA A 87 -6.22 -5.44 2.89
C ALA A 87 -6.33 -6.92 2.52
N LYS A 88 -7.40 -7.59 2.99
CA LYS A 88 -7.65 -9.02 2.73
C LYS A 88 -7.64 -9.37 1.24
N ASP A 89 -8.24 -8.52 0.40
CA ASP A 89 -8.30 -8.74 -1.06
C ASP A 89 -6.98 -8.39 -1.73
N LEU A 90 -6.28 -7.37 -1.19
CA LEU A 90 -4.98 -6.94 -1.73
C LEU A 90 -3.90 -8.01 -1.47
N GLY A 91 -3.68 -8.32 -0.19
CA GLY A 91 -2.70 -9.32 0.22
C GLY A 91 -2.93 -10.69 -0.39
N ALA A 92 -4.14 -11.25 -0.21
CA ALA A 92 -4.48 -12.59 -0.74
C ALA A 92 -4.34 -12.69 -2.26
N LYS A 93 -4.84 -11.68 -3.01
CA LYS A 93 -4.73 -11.68 -4.48
C LYS A 93 -3.27 -11.68 -4.92
N LEU A 94 -2.43 -10.88 -4.25
CA LEU A 94 -0.99 -10.82 -4.53
C LEU A 94 -0.32 -12.18 -4.31
N ARG A 95 -0.80 -12.94 -3.31
CA ARG A 95 -0.27 -14.28 -3.03
C ARG A 95 -1.02 -15.34 -3.86
N ASP A 96 -2.08 -14.90 -4.55
CA ASP A 96 -2.90 -15.78 -5.37
C ASP A 96 -2.81 -15.44 -6.86
N ALA A 97 -1.82 -14.60 -7.21
CA ALA A 97 -1.58 -14.22 -8.60
C ALA A 97 -0.99 -15.42 -9.35
N LEU A 98 -1.81 -16.02 -10.24
CA LEU A 98 -1.45 -17.22 -11.03
C LEU A 98 -1.61 -18.50 -10.20
N ASP A 99 -1.50 -18.41 -8.86
CA ASP A 99 -1.62 -19.58 -7.97
C ASP A 99 -3.05 -20.15 -7.93
N ARG A 100 -4.02 -19.40 -8.46
CA ARG A 100 -5.42 -19.83 -8.49
C ARG A 100 -5.76 -20.52 -9.82
N GLN A 101 -5.34 -19.90 -10.93
CA GLN A 101 -5.59 -20.45 -12.28
C GLN A 101 -4.32 -20.40 -13.13
N SER A 1 1.60 21.36 25.97
CA SER A 1 1.44 19.88 26.12
C SER A 1 1.05 19.24 24.80
N PHE A 2 1.50 17.99 24.60
CA PHE A 2 1.21 17.24 23.38
C PHE A 2 0.42 15.97 23.70
N GLY A 3 0.85 15.26 24.74
CA GLY A 3 0.18 14.02 25.14
C GLY A 3 0.09 13.89 26.66
N LEU A 4 -1.12 13.57 27.14
CA LEU A 4 -1.36 13.39 28.57
C LEU A 4 -1.86 11.98 28.89
N GLY A 5 -2.76 11.46 28.05
CA GLY A 5 -3.32 10.13 28.25
C GLY A 5 -2.82 9.13 27.21
N LYS A 6 -3.29 7.89 27.34
CA LYS A 6 -2.90 6.81 26.42
C LYS A 6 -3.98 6.58 25.35
N ALA A 7 -5.08 7.35 25.44
CA ALA A 7 -6.19 7.25 24.48
C ALA A 7 -5.98 8.15 23.25
N GLN A 8 -4.83 8.81 23.19
CA GLN A 8 -4.49 9.71 22.07
C GLN A 8 -3.76 8.94 20.96
N ASP A 9 -3.89 9.43 19.73
CA ASP A 9 -3.26 8.80 18.56
C ASP A 9 -1.86 9.39 18.31
N PRO A 10 -0.80 8.52 18.13
CA PRO A 10 0.58 8.99 17.87
C PRO A 10 0.81 9.42 16.41
N LEU A 11 -0.23 9.99 15.78
CA LEU A 11 -0.16 10.45 14.39
C LEU A 11 0.31 11.90 14.31
N ASP A 12 1.35 12.12 13.52
CA ASP A 12 1.92 13.47 13.32
C ASP A 12 1.84 13.87 11.85
N LYS A 13 2.09 12.91 10.95
CA LYS A 13 2.05 13.15 9.51
C LYS A 13 0.70 12.71 8.94
N PHE A 14 0.10 13.58 8.11
CA PHE A 14 -1.19 13.30 7.49
C PHE A 14 -1.05 12.64 6.11
N PHE A 15 0.18 12.64 5.57
CA PHE A 15 0.46 12.04 4.27
C PHE A 15 0.81 10.55 4.44
N SER A 16 0.01 9.68 3.83
CA SER A 16 0.21 8.24 3.91
C SER A 16 0.86 7.66 2.65
N LYS A 17 2.16 7.40 2.75
CA LYS A 17 2.96 6.82 1.66
C LYS A 17 4.19 6.14 2.26
N ILE A 18 4.11 4.81 2.42
CA ILE A 18 5.21 4.03 3.01
C ILE A 18 5.68 2.92 2.07
N ILE A 19 4.79 2.48 1.16
CA ILE A 19 5.14 1.43 0.18
C ILE A 19 6.12 2.00 -0.87
N PHE A 20 7.09 1.17 -1.29
CA PHE A 20 8.14 1.55 -2.27
C PHE A 20 9.10 2.61 -1.68
N SER A 21 9.12 2.70 -0.33
CA SER A 21 9.98 3.66 0.39
C SER A 21 11.39 3.10 0.59
N GLY A 22 11.48 1.82 0.97
CA GLY A 22 12.75 1.17 1.19
C GLY A 22 12.68 -0.34 1.05
N LYS A 23 12.76 -1.04 2.18
CA LYS A 23 12.71 -2.50 2.21
C LYS A 23 11.78 -3.05 3.32
N PRO A 24 11.82 -2.51 4.58
CA PRO A 24 10.96 -3.00 5.68
C PRO A 24 9.50 -2.55 5.56
N ILE A 25 8.59 -3.51 5.76
CA ILE A 25 7.14 -3.25 5.68
C ILE A 25 6.37 -4.10 6.72
N GLU A 26 6.90 -4.12 7.96
CA GLU A 26 6.32 -4.89 9.05
C GLU A 26 5.54 -3.98 10.04
N THR A 27 6.21 -2.93 10.52
CA THR A 27 5.61 -1.98 11.50
C THR A 27 4.33 -1.32 10.95
N SER A 28 4.47 -0.61 9.82
CA SER A 28 3.34 0.07 9.17
C SER A 28 2.22 -0.92 8.84
N TYR A 29 2.57 -1.97 8.09
CA TYR A 29 1.63 -3.04 7.74
C TYR A 29 0.94 -3.68 8.95
N SER A 30 1.58 -3.59 10.13
CA SER A 30 0.99 -4.13 11.37
C SER A 30 -0.12 -3.21 11.89
N ALA A 31 0.04 -1.90 11.65
CA ALA A 31 -0.95 -0.88 12.05
C ALA A 31 -2.37 -1.19 11.53
N LYS A 32 -3.37 -0.55 12.13
CA LYS A 32 -4.78 -0.77 11.74
C LYS A 32 -5.25 0.28 10.72
N GLY A 33 -5.33 -0.14 9.45
CA GLY A 33 -5.79 0.74 8.38
C GLY A 33 -4.66 1.13 7.44
N ILE A 34 -4.12 0.15 6.72
CA ILE A 34 -3.03 0.39 5.76
C ILE A 34 -3.55 0.63 4.33
N HIS A 35 -4.52 -0.20 3.88
CA HIS A 35 -5.06 -0.09 2.52
C HIS A 35 -6.18 0.95 2.41
N GLU A 36 -6.71 1.41 3.55
CA GLU A 36 -7.77 2.41 3.56
C GLU A 36 -7.19 3.82 3.74
N LYS A 37 -6.75 4.13 4.98
CA LYS A 37 -6.12 5.43 5.34
C LYS A 37 -5.05 5.91 4.34
N ILE A 38 -4.59 5.00 3.48
CA ILE A 38 -3.59 5.31 2.45
C ILE A 38 -4.20 6.15 1.29
N ILE A 39 -5.54 6.24 1.27
CA ILE A 39 -6.27 7.00 0.26
C ILE A 39 -7.23 8.01 0.93
N GLU A 40 -7.65 7.69 2.16
CA GLU A 40 -8.55 8.51 2.94
C GLU A 40 -7.78 9.58 3.73
N ALA A 41 -6.78 9.13 4.52
CA ALA A 41 -5.91 9.99 5.33
C ALA A 41 -6.68 10.90 6.27
N HIS A 42 -6.90 10.40 7.50
CA HIS A 42 -7.63 11.12 8.59
C HIS A 42 -9.12 11.31 8.28
N ASP A 43 -9.53 10.97 7.05
CA ASP A 43 -10.92 11.10 6.61
C ASP A 43 -11.87 10.18 7.41
N LEU A 44 -11.54 8.87 7.46
CA LEU A 44 -12.32 7.84 8.18
C LEU A 44 -13.82 7.85 7.80
N HIS A 45 -14.65 7.14 8.58
CA HIS A 45 -16.09 7.06 8.33
C HIS A 45 -16.88 8.15 9.06
N VAL A 46 -16.20 8.92 9.93
CA VAL A 46 -16.86 9.99 10.71
C VAL A 46 -17.01 11.30 9.89
N SER A 47 -16.21 11.43 8.82
CA SER A 47 -16.23 12.60 7.96
C SER A 47 -17.19 12.41 6.78
N LYS A 48 -17.42 11.13 6.41
CA LYS A 48 -18.32 10.73 5.28
C LYS A 48 -17.79 11.22 3.93
N SER A 49 -17.87 10.34 2.93
CA SER A 49 -17.41 10.64 1.58
C SER A 49 -18.57 11.10 0.68
N LYS A 50 -19.79 10.60 0.98
CA LYS A 50 -21.03 10.92 0.24
C LYS A 50 -21.07 10.26 -1.16
N ASN A 51 -19.95 10.33 -1.88
CA ASN A 51 -19.85 9.75 -3.22
C ASN A 51 -19.31 8.31 -3.16
N ALA A 52 -20.13 7.37 -3.64
CA ALA A 52 -19.76 5.95 -3.65
C ALA A 52 -19.18 5.51 -5.01
N PRO A 53 -19.82 5.82 -6.19
CA PRO A 53 -19.30 5.40 -7.51
C PRO A 53 -17.92 6.03 -7.84
N ILE A 54 -17.06 5.22 -8.44
CA ILE A 54 -15.71 5.66 -8.83
C ILE A 54 -15.31 5.11 -10.21
N GLN A 55 -14.30 5.72 -10.82
CA GLN A 55 -13.81 5.31 -12.14
C GLN A 55 -12.73 4.23 -12.03
N TYR A 56 -11.75 4.46 -11.13
CA TYR A 56 -10.66 3.51 -10.91
C TYR A 56 -10.36 3.37 -9.41
N ALA A 57 -10.14 4.52 -8.74
CA ALA A 57 -9.83 4.59 -7.28
C ALA A 57 -8.49 3.90 -6.93
N SER A 58 -8.44 2.57 -7.08
CA SER A 58 -7.23 1.79 -6.78
C SER A 58 -7.01 0.72 -7.85
N VAL A 59 -5.75 0.31 -8.02
CA VAL A 59 -5.39 -0.72 -9.00
C VAL A 59 -5.36 -2.12 -8.36
N MET A 60 -5.47 -3.14 -9.21
CA MET A 60 -5.48 -4.54 -8.76
C MET A 60 -4.06 -5.12 -8.69
N GLU A 61 -3.21 -4.73 -9.65
CA GLU A 61 -1.82 -5.20 -9.71
C GLU A 61 -0.89 -4.23 -8.99
N TYR A 62 -0.19 -4.75 -7.97
CA TYR A 62 0.75 -3.95 -7.18
C TYR A 62 2.10 -4.65 -7.06
N LEU A 63 3.17 -3.94 -7.48
CA LEU A 63 4.57 -4.43 -7.43
C LEU A 63 4.72 -5.83 -8.07
N LYS A 64 5.14 -5.85 -9.34
CA LYS A 64 5.34 -7.10 -10.07
C LYS A 64 6.42 -6.94 -11.16
N LYS A 65 6.43 -5.77 -11.82
CA LYS A 65 7.39 -5.48 -12.89
C LYS A 65 8.62 -4.74 -12.36
N THR A 66 8.46 -4.02 -11.24
CA THR A 66 9.55 -3.25 -10.63
C THR A 66 10.30 -4.07 -9.57
N TYR A 67 9.53 -4.81 -8.74
CA TYR A 67 10.10 -5.63 -7.67
C TYR A 67 10.45 -7.05 -8.16
N PRO A 68 11.41 -7.77 -7.50
CA PRO A 68 11.82 -9.13 -7.91
C PRO A 68 10.87 -10.24 -7.44
N GLY A 69 10.60 -10.31 -6.13
CA GLY A 69 9.72 -11.34 -5.59
C GLY A 69 9.73 -11.42 -4.06
N PRO A 70 10.90 -11.67 -3.40
CA PRO A 70 11.00 -11.77 -1.92
C PRO A 70 10.44 -10.55 -1.18
N ASP A 71 10.56 -9.37 -1.81
CA ASP A 71 10.07 -8.11 -1.22
C ASP A 71 8.54 -8.05 -1.20
N ILE A 72 7.91 -8.71 -2.18
CA ILE A 72 6.44 -8.80 -2.26
C ILE A 72 5.95 -9.98 -1.40
N GLU A 73 6.88 -10.91 -1.10
CA GLU A 73 6.61 -12.10 -0.28
C GLU A 73 6.25 -11.66 1.15
N ARG A 74 7.14 -10.84 1.73
CA ARG A 74 6.94 -10.26 3.07
C ARG A 74 5.63 -9.44 3.17
N ILE A 75 5.11 -9.00 2.01
CA ILE A 75 3.87 -8.20 1.95
C ILE A 75 2.63 -9.11 2.12
N VAL A 76 2.56 -10.20 1.34
CA VAL A 76 1.42 -11.14 1.39
C VAL A 76 1.27 -11.80 2.77
N SER A 77 2.41 -12.09 3.41
CA SER A 77 2.43 -12.72 4.73
C SER A 77 1.94 -11.76 5.82
N THR A 78 2.63 -10.60 5.95
CA THR A 78 2.27 -9.56 6.95
C THR A 78 0.79 -9.13 6.88
N LEU A 79 0.18 -9.22 5.68
CA LEU A 79 -1.23 -8.87 5.48
C LEU A 79 -2.16 -9.96 6.03
N GLU A 80 -1.85 -11.22 5.68
CA GLU A 80 -2.62 -12.38 6.16
C GLU A 80 -2.09 -12.89 7.51
N ARG A 81 -1.31 -12.03 8.18
CA ARG A 81 -0.69 -12.34 9.48
C ARG A 81 -1.48 -11.72 10.63
N HIS A 82 -2.03 -10.54 10.39
CA HIS A 82 -2.78 -9.79 11.41
C HIS A 82 -4.29 -10.02 11.30
N ASP A 83 -4.78 -10.22 10.05
CA ASP A 83 -6.20 -10.45 9.74
C ASP A 83 -6.99 -9.14 9.86
N GLU A 84 -6.90 -8.34 8.79
CA GLU A 84 -7.58 -7.04 8.73
C GLU A 84 -8.25 -6.79 7.37
N VAL A 85 -9.54 -6.43 7.41
CA VAL A 85 -10.32 -6.15 6.18
C VAL A 85 -9.76 -4.88 5.52
N GLY A 86 -10.04 -4.71 4.22
CA GLY A 86 -9.52 -3.56 3.49
C GLY A 86 -8.25 -3.92 2.74
N ALA A 87 -7.29 -4.46 3.49
CA ALA A 87 -6.00 -4.88 2.93
C ALA A 87 -5.92 -6.41 2.78
N LYS A 88 -6.86 -7.13 3.41
CA LYS A 88 -6.92 -8.59 3.38
C LYS A 88 -7.06 -9.15 1.93
N ASP A 89 -7.81 -8.44 1.08
CA ASP A 89 -8.03 -8.87 -0.31
C ASP A 89 -6.81 -8.63 -1.18
N LEU A 90 -6.07 -7.54 -0.90
CA LEU A 90 -4.86 -7.20 -1.64
C LEU A 90 -3.80 -8.30 -1.47
N GLY A 91 -3.42 -8.57 -0.21
CA GLY A 91 -2.46 -9.62 0.12
C GLY A 91 -2.80 -10.98 -0.49
N ALA A 92 -4.08 -11.40 -0.36
CA ALA A 92 -4.53 -12.69 -0.90
C ALA A 92 -4.39 -12.77 -2.43
N LYS A 93 -4.68 -11.66 -3.13
CA LYS A 93 -4.55 -11.62 -4.60
C LYS A 93 -3.09 -11.76 -5.01
N LEU A 94 -2.21 -10.96 -4.38
CA LEU A 94 -0.77 -11.03 -4.64
C LEU A 94 -0.20 -12.42 -4.33
N ARG A 95 -0.80 -13.13 -3.35
CA ARG A 95 -0.36 -14.49 -2.99
C ARG A 95 -0.99 -15.54 -3.92
N ASP A 96 -1.96 -15.13 -4.73
CA ASP A 96 -2.63 -16.03 -5.67
C ASP A 96 -2.04 -15.93 -7.06
N ALA A 97 -1.02 -15.07 -7.23
CA ALA A 97 -0.32 -14.94 -8.50
C ALA A 97 0.39 -16.24 -8.78
N LEU A 98 -0.06 -16.97 -9.83
CA LEU A 98 0.48 -18.30 -10.22
C LEU A 98 0.05 -19.38 -9.21
N ASP A 99 -0.19 -18.97 -7.96
CA ASP A 99 -0.61 -19.89 -6.89
C ASP A 99 -2.12 -20.05 -6.86
N ARG A 100 -2.58 -21.30 -6.88
CA ARG A 100 -4.01 -21.61 -6.84
C ARG A 100 -4.45 -22.01 -5.43
N GLN A 101 -3.63 -22.83 -4.76
CA GLN A 101 -3.92 -23.30 -3.41
C GLN A 101 -3.14 -22.48 -2.37
N SER A 1 -11.05 26.43 14.27
CA SER A 1 -10.71 27.63 15.08
C SER A 1 -11.86 28.63 15.11
N PHE A 2 -12.51 28.82 13.95
CA PHE A 2 -13.63 29.75 13.82
C PHE A 2 -14.85 29.09 13.16
N GLY A 3 -14.67 27.85 12.68
CA GLY A 3 -15.74 27.12 12.03
C GLY A 3 -16.49 26.20 12.97
N LEU A 4 -15.78 25.22 13.53
CA LEU A 4 -16.38 24.25 14.46
C LEU A 4 -16.09 24.63 15.91
N GLY A 5 -14.82 24.98 16.18
CA GLY A 5 -14.42 25.36 17.53
C GLY A 5 -12.92 25.24 17.73
N LYS A 6 -12.53 24.72 18.91
CA LYS A 6 -11.11 24.54 19.23
C LYS A 6 -10.67 23.10 18.96
N ALA A 7 -10.41 22.81 17.68
CA ALA A 7 -9.97 21.49 17.25
C ALA A 7 -8.61 21.55 16.57
N GLN A 8 -7.74 20.60 16.89
CA GLN A 8 -6.40 20.53 16.32
C GLN A 8 -6.34 19.45 15.24
N ASP A 9 -6.49 19.87 13.98
CA ASP A 9 -6.45 18.96 12.83
C ASP A 9 -5.59 19.57 11.70
N PRO A 10 -4.23 19.65 11.89
CA PRO A 10 -3.32 20.22 10.88
C PRO A 10 -2.98 19.21 9.77
N LEU A 11 -2.62 17.99 10.19
CA LEU A 11 -2.26 16.91 9.26
C LEU A 11 -2.77 15.56 9.77
N ASP A 12 -2.51 15.28 11.08
CA ASP A 12 -2.92 14.04 11.76
C ASP A 12 -2.23 12.81 11.15
N LYS A 13 -2.09 11.74 11.95
CA LYS A 13 -1.45 10.51 11.51
C LYS A 13 -2.46 9.54 10.86
N PHE A 14 -2.72 9.78 9.56
CA PHE A 14 -3.66 8.96 8.80
C PHE A 14 -2.97 8.30 7.60
N PHE A 15 -2.02 9.02 6.99
CA PHE A 15 -1.29 8.54 5.81
C PHE A 15 -0.12 7.63 6.21
N SER A 16 -0.35 6.33 6.11
CA SER A 16 0.67 5.31 6.43
C SER A 16 0.98 4.42 5.22
N LYS A 17 0.64 4.93 4.01
CA LYS A 17 0.86 4.19 2.76
C LYS A 17 2.22 4.52 2.15
N ILE A 18 3.15 3.55 2.27
CA ILE A 18 4.50 3.68 1.72
C ILE A 18 4.99 2.31 1.23
N ILE A 19 4.98 2.14 -0.09
CA ILE A 19 5.40 0.88 -0.72
C ILE A 19 6.90 0.91 -1.08
N PHE A 20 7.46 2.12 -1.24
CA PHE A 20 8.88 2.30 -1.60
C PHE A 20 9.81 2.12 -0.37
N SER A 21 9.27 1.48 0.68
CA SER A 21 10.02 1.23 1.91
C SER A 21 10.83 -0.07 1.81
N GLY A 22 12.08 -0.02 2.29
CA GLY A 22 12.96 -1.19 2.24
C GLY A 22 12.87 -2.04 3.50
N LYS A 23 13.39 -1.50 4.61
CA LYS A 23 13.36 -2.19 5.90
C LYS A 23 12.07 -1.89 6.70
N PRO A 24 11.57 -0.60 6.75
CA PRO A 24 10.34 -0.25 7.48
C PRO A 24 9.05 -0.68 6.76
N ILE A 25 9.16 -1.65 5.82
CA ILE A 25 8.02 -2.17 5.07
C ILE A 25 7.19 -3.16 5.91
N GLU A 26 7.69 -3.48 7.11
CA GLU A 26 7.05 -4.39 8.04
C GLU A 26 6.21 -3.64 9.07
N THR A 27 6.83 -2.62 9.71
CA THR A 27 6.21 -1.79 10.74
C THR A 27 4.91 -1.16 10.27
N SER A 28 5.00 -0.39 9.18
CA SER A 28 3.84 0.29 8.58
C SER A 28 2.77 -0.73 8.15
N TYR A 29 3.19 -1.71 7.32
CA TYR A 29 2.31 -2.79 6.85
C TYR A 29 1.70 -3.61 8.01
N SER A 30 2.29 -3.49 9.21
CA SER A 30 1.82 -4.21 10.40
C SER A 30 0.71 -3.42 11.12
N ALA A 31 0.79 -2.08 11.04
CA ALA A 31 -0.19 -1.15 11.65
C ALA A 31 -1.65 -1.54 11.41
N LYS A 32 -2.55 -0.92 12.19
CA LYS A 32 -4.00 -1.18 12.10
C LYS A 32 -4.67 -0.24 11.10
N GLY A 33 -5.18 -0.80 10.01
CA GLY A 33 -5.85 -0.02 8.97
C GLY A 33 -4.88 0.52 7.93
N ILE A 34 -4.29 -0.39 7.14
CA ILE A 34 -3.33 -0.02 6.10
C ILE A 34 -4.02 0.20 4.74
N HIS A 35 -5.18 -0.44 4.54
CA HIS A 35 -5.96 -0.28 3.31
C HIS A 35 -7.29 0.41 3.61
N GLU A 36 -7.83 0.17 4.80
CA GLU A 36 -9.09 0.79 5.22
C GLU A 36 -8.82 2.00 6.13
N LYS A 37 -7.85 2.83 5.73
CA LYS A 37 -7.49 4.03 6.48
C LYS A 37 -8.14 5.28 5.88
N ILE A 38 -8.26 5.29 4.54
CA ILE A 38 -8.87 6.43 3.82
C ILE A 38 -10.41 6.41 3.94
N ILE A 39 -10.96 5.30 4.45
CA ILE A 39 -12.39 5.15 4.63
C ILE A 39 -12.77 5.00 6.13
N GLU A 40 -11.78 5.15 7.01
CA GLU A 40 -11.99 5.03 8.45
C GLU A 40 -11.96 6.40 9.13
N ALA A 41 -11.02 7.26 8.70
CA ALA A 41 -10.86 8.62 9.24
C ALA A 41 -11.83 9.60 8.57
N HIS A 42 -12.19 9.33 7.31
CA HIS A 42 -13.12 10.18 6.55
C HIS A 42 -14.56 9.69 6.71
N ASP A 43 -14.74 8.55 7.39
CA ASP A 43 -16.07 7.96 7.63
C ASP A 43 -16.84 8.74 8.70
N LEU A 44 -18.16 8.85 8.49
CA LEU A 44 -19.04 9.56 9.41
C LEU A 44 -20.16 8.65 9.91
N HIS A 45 -20.81 9.07 11.01
CA HIS A 45 -21.92 8.31 11.62
C HIS A 45 -23.26 8.59 10.94
N VAL A 46 -23.48 9.85 10.53
CA VAL A 46 -24.72 10.27 9.86
C VAL A 46 -24.63 10.01 8.34
N SER A 47 -25.80 9.92 7.69
CA SER A 47 -25.89 9.67 6.25
C SER A 47 -25.75 10.96 5.45
N LYS A 48 -26.63 11.96 5.73
CA LYS A 48 -26.65 13.28 5.04
C LYS A 48 -26.75 13.15 3.52
N SER A 49 -26.80 14.30 2.82
CA SER A 49 -26.90 14.34 1.36
C SER A 49 -25.51 14.29 0.70
N LYS A 50 -24.45 14.40 1.52
CA LYS A 50 -23.07 14.38 1.03
C LYS A 50 -22.46 12.96 1.12
N ASN A 51 -23.31 11.95 0.81
CA ASN A 51 -22.89 10.54 0.86
C ASN A 51 -22.23 10.10 -0.46
N ALA A 52 -21.68 8.85 -0.48
CA ALA A 52 -21.01 8.25 -1.65
C ALA A 52 -19.69 8.99 -1.99
N PRO A 53 -18.58 8.23 -2.27
CA PRO A 53 -17.27 8.82 -2.61
C PRO A 53 -17.24 9.46 -4.00
N ILE A 54 -16.21 10.30 -4.24
CA ILE A 54 -16.04 10.99 -5.52
C ILE A 54 -14.68 10.65 -6.14
N GLN A 55 -13.82 9.98 -5.37
CA GLN A 55 -12.48 9.58 -5.84
C GLN A 55 -12.49 8.17 -6.42
N TYR A 56 -11.98 8.06 -7.66
CA TYR A 56 -11.93 6.77 -8.36
C TYR A 56 -10.57 6.59 -9.03
N ALA A 57 -10.17 5.31 -9.21
CA ALA A 57 -8.88 4.92 -9.85
C ALA A 57 -7.66 5.41 -9.07
N SER A 58 -6.58 4.63 -9.16
CA SER A 58 -5.31 4.95 -8.48
C SER A 58 -4.34 5.64 -9.42
N VAL A 59 -3.41 6.42 -8.85
CA VAL A 59 -2.41 7.14 -9.63
C VAL A 59 -1.10 6.33 -9.78
N MET A 60 -0.68 5.68 -8.69
CA MET A 60 0.55 4.87 -8.69
C MET A 60 0.33 3.54 -7.97
N GLU A 61 0.30 2.44 -8.75
CA GLU A 61 0.11 1.09 -8.20
C GLU A 61 0.86 0.06 -9.06
N TYR A 62 2.12 -0.21 -8.68
CA TYR A 62 2.97 -1.17 -9.38
C TYR A 62 3.94 -1.84 -8.42
N LEU A 63 3.94 -3.18 -8.41
CA LEU A 63 4.82 -3.96 -7.54
C LEU A 63 5.87 -4.73 -8.33
N LYS A 64 5.47 -5.32 -9.47
CA LYS A 64 6.39 -6.09 -10.31
C LYS A 64 7.09 -5.18 -11.34
N LYS A 65 8.34 -4.84 -11.02
CA LYS A 65 9.20 -3.99 -11.86
C LYS A 65 10.56 -3.79 -11.19
N THR A 66 10.55 -3.52 -9.87
CA THR A 66 11.78 -3.30 -9.11
C THR A 66 12.03 -4.44 -8.10
N TYR A 67 10.99 -5.22 -7.80
CA TYR A 67 11.10 -6.34 -6.86
C TYR A 67 11.39 -7.66 -7.59
N PRO A 68 12.36 -8.51 -7.10
CA PRO A 68 12.70 -9.79 -7.74
C PRO A 68 11.68 -10.90 -7.42
N GLY A 69 11.16 -10.90 -6.18
CA GLY A 69 10.19 -11.90 -5.77
C GLY A 69 10.00 -11.96 -4.25
N PRO A 70 11.08 -12.24 -3.44
CA PRO A 70 10.97 -12.33 -1.95
C PRO A 70 10.40 -11.06 -1.29
N ASP A 71 10.65 -9.90 -1.92
CA ASP A 71 10.15 -8.60 -1.40
C ASP A 71 8.63 -8.51 -1.44
N ILE A 72 8.02 -9.21 -2.41
CA ILE A 72 6.56 -9.25 -2.56
C ILE A 72 5.97 -10.29 -1.59
N GLU A 73 6.77 -11.36 -1.33
CA GLU A 73 6.39 -12.43 -0.39
C GLU A 73 6.06 -11.85 0.99
N ARG A 74 6.95 -10.97 1.49
CA ARG A 74 6.74 -10.29 2.78
C ARG A 74 5.50 -9.38 2.78
N ILE A 75 4.99 -9.04 1.58
CA ILE A 75 3.80 -8.18 1.44
C ILE A 75 2.52 -8.99 1.72
N VAL A 76 2.40 -10.15 1.04
CA VAL A 76 1.22 -11.03 1.20
C VAL A 76 1.09 -11.59 2.62
N SER A 77 2.24 -11.87 3.26
CA SER A 77 2.26 -12.40 4.62
C SER A 77 1.89 -11.32 5.65
N THR A 78 2.63 -10.20 5.65
CA THR A 78 2.38 -9.08 6.58
C THR A 78 0.93 -8.53 6.47
N LEU A 79 0.28 -8.73 5.31
CA LEU A 79 -1.11 -8.27 5.11
C LEU A 79 -2.11 -9.24 5.75
N GLU A 80 -1.97 -10.54 5.42
CA GLU A 80 -2.84 -11.59 5.98
C GLU A 80 -2.31 -12.09 7.35
N ARG A 81 -1.43 -11.29 7.95
CA ARG A 81 -0.81 -11.60 9.25
C ARG A 81 -1.74 -11.25 10.42
N HIS A 82 -2.41 -10.10 10.35
CA HIS A 82 -3.30 -9.66 11.41
C HIS A 82 -4.76 -9.99 11.09
N ASP A 83 -5.01 -10.40 9.83
CA ASP A 83 -6.36 -10.77 9.32
C ASP A 83 -7.27 -9.53 9.26
N GLU A 84 -6.80 -8.50 8.52
CA GLU A 84 -7.55 -7.25 8.35
C GLU A 84 -8.48 -7.33 7.13
N VAL A 85 -9.77 -7.07 7.37
CA VAL A 85 -10.82 -7.14 6.33
C VAL A 85 -10.72 -5.98 5.32
N GLY A 86 -9.85 -5.02 5.59
CA GLY A 86 -9.68 -3.87 4.70
C GLY A 86 -8.60 -4.10 3.65
N ALA A 87 -7.63 -4.95 3.99
CA ALA A 87 -6.52 -5.28 3.10
C ALA A 87 -6.45 -6.78 2.80
N LYS A 88 -7.46 -7.53 3.27
CA LYS A 88 -7.54 -8.99 3.08
C LYS A 88 -7.69 -9.40 1.60
N ASP A 89 -8.39 -8.59 0.79
CA ASP A 89 -8.61 -8.90 -0.62
C ASP A 89 -7.38 -8.57 -1.46
N LEU A 90 -6.68 -7.50 -1.06
CA LEU A 90 -5.46 -7.04 -1.75
C LEU A 90 -4.36 -8.11 -1.60
N GLY A 91 -3.86 -8.28 -0.37
CA GLY A 91 -2.83 -9.29 -0.05
C GLY A 91 -3.13 -10.68 -0.59
N ALA A 92 -4.38 -11.15 -0.43
CA ALA A 92 -4.79 -12.49 -0.91
C ALA A 92 -4.63 -12.66 -2.42
N LYS A 93 -5.00 -11.62 -3.20
CA LYS A 93 -4.85 -11.66 -4.65
C LYS A 93 -3.39 -11.83 -5.05
N LEU A 94 -2.51 -11.00 -4.48
CA LEU A 94 -1.06 -11.08 -4.74
C LEU A 94 -0.48 -12.46 -4.40
N ARG A 95 -1.09 -13.14 -3.40
CA ARG A 95 -0.65 -14.49 -3.01
C ARG A 95 -1.22 -15.55 -3.96
N ASP A 96 -2.45 -15.32 -4.43
CA ASP A 96 -3.13 -16.22 -5.38
C ASP A 96 -2.64 -16.03 -6.82
N ALA A 97 -1.57 -15.24 -6.99
CA ALA A 97 -0.98 -14.97 -8.31
C ALA A 97 -0.08 -16.13 -8.79
N LEU A 98 0.10 -17.12 -7.90
CA LEU A 98 0.93 -18.30 -8.19
C LEU A 98 0.06 -19.44 -8.73
N ASP A 99 -1.11 -19.65 -8.10
CA ASP A 99 -2.05 -20.71 -8.51
C ASP A 99 -2.93 -20.24 -9.67
N ARG A 100 -3.49 -21.22 -10.42
CA ARG A 100 -4.37 -20.98 -11.60
C ARG A 100 -3.59 -20.46 -12.82
N GLN A 101 -2.71 -19.47 -12.58
CA GLN A 101 -1.90 -18.89 -13.65
C GLN A 101 -0.52 -19.53 -13.71
#